data_7MNW
#
_entry.id   7MNW
#
_cell.length_a   137.370
_cell.length_b   137.834
_cell.length_c   172.934
_cell.angle_alpha   90.000
_cell.angle_beta   90.000
_cell.angle_gamma   90.000
#
_symmetry.space_group_name_H-M   'I 2 2 2'
#
loop_
_entity.id
_entity.type
_entity.pdbx_description
1 polymer 'GTP-binding nuclear protein Ran'
2 polymer 'E3 SUMO-protein ligase RanBP2'
3 non-polymer 'PHOSPHOAMINOPHOSPHONIC ACID-GUANYLATE ESTER'
4 non-polymer 'MAGNESIUM ION'
5 water water
#
loop_
_entity_poly.entity_id
_entity_poly.type
_entity_poly.pdbx_seq_one_letter_code
_entity_poly.pdbx_strand_id
1 'polypeptide(L)'
;SMAAQGEPQVQFKLVLVGDGGTGKTTFVKRHLTGEFEKKYVATLGVEVHPLVFHTNRGPIKFNVWDTAGQEKFGGLRDGY
YIQAQCAIIMFDVTSRVTYKNVPNWHRDLVRVCENIPIVLCGNKVDIKDRKVKAKSIVFHRKKNLQYYDISAKSNYNFEK
PFLWLARKLIGDPNLEFVAMPALAPPEVVMDPALAAQYEHDLEVAQTTALPDEDDDL
;
A,C,E,G
2 'polypeptide(L)'
;GPGSHFEPVVPLPDKIEVKTGEEDEEEFFCNRAKLFRFDVESKEWKERGIGNVKILRHKTSGKIRLLMRREQVLKICANH
YISPDMKLTPNAGSDRSFVWHALDYADELPKPEQLAIRFKTPEEAALFKCKFEEAQSILK
;
B,D,F,H
#
loop_
_chem_comp.id
_chem_comp.type
_chem_comp.name
_chem_comp.formula
GNP non-polymer 'PHOSPHOAMINOPHOSPHONIC ACID-GUANYLATE ESTER' 'C10 H17 N6 O13 P3'
MG non-polymer 'MAGNESIUM ION' 'Mg 2'
#
# COMPACT_ATOMS: atom_id res chain seq x y z
N PRO A 8 4.93 -49.36 8.93
CA PRO A 8 4.73 -48.31 7.92
C PRO A 8 3.44 -47.53 8.11
N GLN A 9 3.45 -46.26 7.70
CA GLN A 9 2.25 -45.44 7.73
C GLN A 9 2.42 -44.28 6.76
N VAL A 10 1.30 -43.67 6.39
CA VAL A 10 1.29 -42.60 5.39
C VAL A 10 1.61 -41.29 6.09
N GLN A 11 2.75 -40.69 5.75
CA GLN A 11 3.24 -39.46 6.35
C GLN A 11 3.57 -38.44 5.28
N PHE A 12 3.24 -37.18 5.55
CA PHE A 12 3.53 -36.08 4.64
C PHE A 12 4.15 -34.94 5.43
N LYS A 13 5.25 -34.39 4.93
CA LYS A 13 5.85 -33.21 5.53
C LYS A 13 5.16 -31.96 5.00
N LEU A 14 4.58 -31.18 5.90
CA LEU A 14 3.89 -29.95 5.57
C LEU A 14 4.60 -28.79 6.25
N VAL A 15 4.95 -27.77 5.47
CA VAL A 15 5.59 -26.57 6.00
C VAL A 15 4.53 -25.47 6.07
N LEU A 16 4.34 -24.91 7.27
CA LEU A 16 3.36 -23.86 7.51
C LEU A 16 4.10 -22.54 7.63
N VAL A 17 3.80 -21.61 6.73
CA VAL A 17 4.57 -20.38 6.60
C VAL A 17 3.64 -19.19 6.46
N GLY A 18 4.16 -18.03 6.79
CA GLY A 18 3.39 -16.80 6.77
C GLY A 18 3.97 -15.80 7.74
N ASP A 19 3.52 -14.55 7.60
CA ASP A 19 3.99 -13.48 8.46
C ASP A 19 3.71 -13.79 9.92
N GLY A 20 4.47 -13.14 10.80
CA GLY A 20 4.24 -13.29 12.22
C GLY A 20 2.90 -12.71 12.62
N GLY A 21 2.24 -13.39 13.57
CA GLY A 21 0.95 -12.96 14.05
C GLY A 21 -0.23 -13.38 13.23
N THR A 22 -0.02 -14.16 12.17
CA THR A 22 -1.13 -14.60 11.33
C THR A 22 -1.92 -15.76 11.95
N GLY A 23 -1.41 -16.36 13.03
CA GLY A 23 -2.11 -17.41 13.71
C GLY A 23 -1.68 -18.83 13.35
N LYS A 24 -0.50 -19.00 12.76
CA LYS A 24 -0.06 -20.34 12.37
C LYS A 24 -0.07 -21.29 13.55
N THR A 25 0.60 -20.91 14.64
CA THR A 25 0.71 -21.81 15.79
C THR A 25 -0.66 -22.06 16.42
N THR A 26 -1.46 -21.01 16.58
CA THR A 26 -2.80 -21.20 17.13
C THR A 26 -3.61 -22.17 16.28
N PHE A 27 -3.48 -22.06 14.95
CA PHE A 27 -4.15 -22.99 14.05
C PHE A 27 -3.69 -24.42 14.29
N VAL A 28 -2.39 -24.63 14.48
CA VAL A 28 -1.87 -25.98 14.67
C VAL A 28 -2.34 -26.54 16.01
N LYS A 29 -2.28 -25.73 17.08
CA LYS A 29 -2.67 -26.22 18.39
C LYS A 29 -4.16 -26.54 18.46
N ARG A 30 -5.00 -25.77 17.74
CA ARG A 30 -6.43 -26.07 17.72
C ARG A 30 -6.67 -27.47 17.18
N HIS A 31 -5.96 -27.85 16.12
CA HIS A 31 -6.08 -29.21 15.60
C HIS A 31 -5.49 -30.22 16.56
N LEU A 32 -4.37 -29.85 17.21
CA LEU A 32 -3.63 -30.81 18.01
C LEU A 32 -4.40 -31.20 19.27
N THR A 33 -4.85 -30.21 20.04
CA THR A 33 -5.47 -30.45 21.34
C THR A 33 -6.89 -29.93 21.43
N GLY A 34 -7.34 -29.10 20.51
CA GLY A 34 -8.62 -28.43 20.61
C GLY A 34 -8.60 -27.12 21.37
N GLU A 35 -7.44 -26.74 21.90
CA GLU A 35 -7.34 -25.49 22.63
C GLU A 35 -7.36 -24.30 21.67
N PHE A 36 -7.67 -23.13 22.22
CA PHE A 36 -7.49 -21.86 21.51
C PHE A 36 -6.58 -20.99 22.37
N GLU A 37 -5.34 -20.78 21.91
CA GLU A 37 -4.39 -19.94 22.62
C GLU A 37 -4.66 -18.48 22.26
N LYS A 38 -4.96 -17.67 23.27
CA LYS A 38 -5.18 -16.24 23.08
C LYS A 38 -3.89 -15.43 23.14
N LYS A 39 -2.84 -15.97 23.75
CA LYS A 39 -1.60 -15.22 23.93
C LYS A 39 -0.76 -15.29 22.67
N TYR A 40 0.10 -14.28 22.51
CA TYR A 40 0.99 -14.14 21.36
C TYR A 40 2.37 -14.60 21.82
N VAL A 41 2.67 -15.87 21.58
CA VAL A 41 3.95 -16.46 21.92
C VAL A 41 4.67 -16.83 20.63
N ALA A 42 5.44 -15.89 20.10
CA ALA A 42 6.07 -16.06 18.80
C ALA A 42 6.92 -17.32 18.76
N THR A 43 6.83 -18.04 17.64
CA THR A 43 7.62 -19.25 17.44
C THR A 43 9.07 -18.90 17.18
N LEU A 44 9.98 -19.66 17.77
CA LEU A 44 11.42 -19.44 17.62
C LEU A 44 11.97 -20.51 16.68
N GLY A 45 12.13 -20.14 15.41
CA GLY A 45 12.64 -21.06 14.42
C GLY A 45 11.56 -21.91 13.78
N VAL A 46 11.31 -23.08 14.35
CA VAL A 46 10.29 -23.99 13.84
C VAL A 46 9.94 -24.98 14.94
N GLU A 47 8.70 -25.46 14.93
CA GLU A 47 8.25 -26.55 15.78
C GLU A 47 7.46 -27.53 14.92
N VAL A 48 7.80 -28.81 15.03
CA VAL A 48 7.22 -29.86 14.19
C VAL A 48 6.17 -30.60 15.01
N HIS A 49 4.92 -30.52 14.57
CA HIS A 49 3.80 -31.15 15.26
C HIS A 49 3.13 -32.18 14.37
N PRO A 50 2.92 -33.40 14.83
CA PRO A 50 2.18 -34.38 14.03
C PRO A 50 0.67 -34.21 14.21
N LEU A 51 -0.05 -34.12 13.09
CA LEU A 51 -1.51 -34.10 13.08
C LEU A 51 -2.00 -35.31 12.28
N VAL A 52 -2.83 -36.13 12.91
CA VAL A 52 -3.36 -37.33 12.28
C VAL A 52 -4.83 -37.10 11.95
N PHE A 53 -5.20 -37.45 10.71
CA PHE A 53 -6.59 -37.43 10.28
C PHE A 53 -6.98 -38.83 9.82
N HIS A 54 -8.25 -39.19 10.03
CA HIS A 54 -8.76 -40.50 9.67
C HIS A 54 -9.61 -40.37 8.41
N THR A 55 -9.28 -41.19 7.41
CA THR A 55 -9.93 -41.14 6.11
C THR A 55 -10.56 -42.49 5.80
N ASN A 56 -11.36 -42.52 4.74
CA ASN A 56 -11.92 -43.78 4.27
C ASN A 56 -10.84 -44.71 3.71
N ARG A 57 -9.60 -44.22 3.57
CA ARG A 57 -8.47 -45.04 3.18
C ARG A 57 -7.46 -45.21 4.30
N GLY A 58 -7.89 -45.03 5.55
CA GLY A 58 -7.01 -45.20 6.69
C GLY A 58 -6.51 -43.88 7.22
N PRO A 59 -5.67 -43.94 8.25
CA PRO A 59 -5.14 -42.71 8.83
C PRO A 59 -4.01 -42.12 8.00
N ILE A 60 -3.92 -40.79 8.03
CA ILE A 60 -2.83 -40.06 7.39
C ILE A 60 -2.29 -39.06 8.39
N LYS A 61 -0.97 -38.86 8.38
CA LYS A 61 -0.30 -37.99 9.32
C LYS A 61 0.36 -36.83 8.59
N PHE A 62 0.07 -35.61 9.03
CA PHE A 62 0.75 -34.41 8.56
C PHE A 62 1.76 -34.01 9.63
N ASN A 63 3.05 -34.13 9.30
CA ASN A 63 4.12 -33.60 10.16
C ASN A 63 4.24 -32.12 9.84
N VAL A 64 3.53 -31.30 10.62
CA VAL A 64 3.42 -29.88 10.32
C VAL A 64 4.65 -29.15 10.86
N TRP A 65 5.42 -28.56 9.96
CA TRP A 65 6.56 -27.73 10.33
C TRP A 65 6.04 -26.30 10.51
N ASP A 66 5.76 -25.94 11.76
CA ASP A 66 5.21 -24.62 12.08
C ASP A 66 6.37 -23.64 12.20
N THR A 67 6.66 -22.95 11.09
CA THR A 67 7.81 -22.06 11.04
C THR A 67 7.46 -20.69 11.63
N ALA A 68 8.51 -19.94 11.95
CA ALA A 68 8.37 -18.61 12.55
C ALA A 68 8.33 -17.55 11.46
N GLY A 69 7.39 -16.62 11.58
CA GLY A 69 7.25 -15.56 10.60
C GLY A 69 8.27 -14.44 10.72
N GLN A 70 8.96 -14.35 11.84
CA GLN A 70 9.94 -13.27 12.03
C GLN A 70 11.04 -13.34 10.99
N GLU A 71 11.50 -12.16 10.55
CA GLU A 71 12.49 -12.10 9.49
C GLU A 71 13.83 -12.70 9.93
N LYS A 72 14.15 -12.62 11.22
CA LYS A 72 15.45 -13.07 11.69
C LYS A 72 15.72 -14.53 11.32
N PHE A 73 14.68 -15.31 11.05
CA PHE A 73 14.84 -16.71 10.68
C PHE A 73 14.80 -16.93 9.17
N GLY A 74 14.82 -15.86 8.38
CA GLY A 74 14.71 -16.00 6.94
C GLY A 74 15.78 -16.90 6.33
N GLY A 75 16.97 -16.89 6.92
CA GLY A 75 18.06 -17.69 6.38
C GLY A 75 17.96 -19.18 6.64
N LEU A 76 17.02 -19.61 7.47
CA LEU A 76 16.83 -21.01 7.81
C LEU A 76 15.70 -21.68 7.03
N ARG A 77 14.95 -20.91 6.23
CA ARG A 77 13.74 -21.44 5.64
C ARG A 77 14.04 -22.48 4.56
N ASP A 78 15.07 -22.25 3.73
CA ASP A 78 15.43 -23.25 2.73
C ASP A 78 15.78 -24.58 3.37
N GLY A 79 16.38 -24.56 4.57
CA GLY A 79 16.61 -25.80 5.29
C GLY A 79 15.33 -26.41 5.82
N TYR A 80 14.40 -25.57 6.28
CA TYR A 80 13.10 -26.08 6.70
C TYR A 80 12.37 -26.75 5.54
N TYR A 81 12.41 -26.14 4.36
CA TYR A 81 11.65 -26.61 3.20
C TYR A 81 12.25 -27.84 2.55
N ILE A 82 13.33 -28.39 3.10
CA ILE A 82 13.96 -29.57 2.50
C ILE A 82 13.03 -30.76 2.67
N GLN A 83 12.82 -31.51 1.58
CA GLN A 83 11.95 -32.69 1.56
C GLN A 83 10.49 -32.34 1.81
N ALA A 84 10.11 -31.08 1.64
CA ALA A 84 8.73 -30.68 1.86
C ALA A 84 7.84 -31.21 0.74
N GLN A 85 6.73 -31.83 1.12
CA GLN A 85 5.79 -32.41 0.17
C GLN A 85 4.54 -31.56 -0.03
N CYS A 86 4.27 -30.60 0.84
CA CYS A 86 3.12 -29.71 0.73
C CYS A 86 3.33 -28.56 1.69
N ALA A 87 2.54 -27.50 1.53
CA ALA A 87 2.70 -26.31 2.34
C ALA A 87 1.36 -25.64 2.54
N ILE A 88 1.30 -24.82 3.60
CA ILE A 88 0.21 -23.89 3.83
C ILE A 88 0.82 -22.50 3.96
N ILE A 89 0.31 -21.55 3.20
CA ILE A 89 0.69 -20.15 3.31
C ILE A 89 -0.42 -19.43 4.05
N MET A 90 -0.09 -18.82 5.19
CA MET A 90 -1.06 -18.19 6.07
C MET A 90 -0.91 -16.68 6.04
N PHE A 91 -2.03 -15.97 5.98
CA PHE A 91 -2.05 -14.53 6.20
C PHE A 91 -3.27 -14.18 7.04
N ASP A 92 -3.34 -12.92 7.45
CA ASP A 92 -4.36 -12.43 8.38
C ASP A 92 -5.25 -11.43 7.65
N VAL A 93 -6.55 -11.71 7.63
CA VAL A 93 -7.50 -10.86 6.91
C VAL A 93 -7.68 -9.50 7.56
N THR A 94 -7.14 -9.29 8.76
CA THR A 94 -7.19 -8.00 9.42
C THR A 94 -5.88 -7.23 9.30
N SER A 95 -4.95 -7.71 8.47
CA SER A 95 -3.64 -7.09 8.30
C SER A 95 -3.30 -7.16 6.82
N ARG A 96 -3.43 -6.02 6.12
CA ARG A 96 -3.17 -6.01 4.69
C ARG A 96 -1.75 -6.43 4.38
N VAL A 97 -0.79 -6.01 5.22
CA VAL A 97 0.61 -6.29 4.93
C VAL A 97 0.87 -7.79 4.89
N THR A 98 0.12 -8.58 5.68
CA THR A 98 0.32 -10.03 5.67
C THR A 98 -0.05 -10.63 4.33
N TYR A 99 -1.10 -10.08 3.68
CA TYR A 99 -1.44 -10.54 2.34
C TYR A 99 -0.44 -10.01 1.32
N LYS A 100 0.02 -8.78 1.49
CA LYS A 100 1.01 -8.22 0.58
C LYS A 100 2.26 -9.08 0.50
N ASN A 101 2.59 -9.79 1.58
CA ASN A 101 3.79 -10.61 1.63
C ASN A 101 3.59 -12.01 1.09
N VAL A 102 2.34 -12.43 0.86
CA VAL A 102 2.09 -13.79 0.35
C VAL A 102 2.96 -14.11 -0.86
N PRO A 103 3.09 -13.25 -1.86
CA PRO A 103 3.98 -13.58 -2.99
C PRO A 103 5.40 -13.89 -2.58
N ASN A 104 5.90 -13.25 -1.52
CA ASN A 104 7.28 -13.51 -1.08
C ASN A 104 7.41 -14.92 -0.51
N TRP A 105 6.45 -15.34 0.33
CA TRP A 105 6.48 -16.70 0.86
C TRP A 105 6.38 -17.73 -0.26
N HIS A 106 5.53 -17.47 -1.26
CA HIS A 106 5.35 -18.41 -2.36
C HIS A 106 6.60 -18.49 -3.23
N ARG A 107 7.23 -17.34 -3.51
CA ARG A 107 8.44 -17.32 -4.33
C ARG A 107 9.53 -18.16 -3.69
N ASP A 108 9.80 -17.95 -2.40
CA ASP A 108 10.87 -18.68 -1.73
C ASP A 108 10.53 -20.16 -1.58
N LEU A 109 9.26 -20.50 -1.44
CA LEU A 109 8.87 -21.91 -1.38
C LEU A 109 9.13 -22.61 -2.70
N VAL A 110 8.61 -22.06 -3.81
CA VAL A 110 8.69 -22.77 -5.09
C VAL A 110 10.12 -22.79 -5.63
N ARG A 111 10.99 -21.89 -5.18
CA ARG A 111 12.40 -21.97 -5.56
C ARG A 111 13.01 -23.27 -5.06
N VAL A 112 12.61 -23.71 -3.87
CA VAL A 112 13.19 -24.92 -3.27
C VAL A 112 12.36 -26.17 -3.58
N CYS A 113 11.05 -26.04 -3.77
CA CYS A 113 10.16 -27.18 -3.84
C CYS A 113 9.51 -27.39 -5.20
N GLU A 114 9.28 -26.32 -5.96
CA GLU A 114 8.90 -26.39 -7.38
C GLU A 114 7.45 -26.78 -7.61
N ASN A 115 7.07 -28.06 -7.43
CA ASN A 115 5.73 -28.54 -7.76
C ASN A 115 5.15 -29.32 -6.58
N ILE A 116 4.85 -28.63 -5.49
CA ILE A 116 4.21 -29.24 -4.33
C ILE A 116 2.82 -28.62 -4.16
N PRO A 117 1.83 -29.37 -3.70
CA PRO A 117 0.51 -28.76 -3.43
C PRO A 117 0.61 -27.74 -2.31
N ILE A 118 0.01 -26.56 -2.55
CA ILE A 118 0.10 -25.43 -1.65
C ILE A 118 -1.30 -24.85 -1.47
N VAL A 119 -1.66 -24.54 -0.22
CA VAL A 119 -2.96 -23.97 0.11
C VAL A 119 -2.74 -22.60 0.74
N LEU A 120 -3.50 -21.62 0.27
CA LEU A 120 -3.48 -20.26 0.81
C LEU A 120 -4.64 -20.08 1.77
N CYS A 121 -4.36 -19.62 2.98
CA CYS A 121 -5.37 -19.47 4.02
C CYS A 121 -5.39 -18.04 4.54
N GLY A 122 -6.57 -17.43 4.51
CA GLY A 122 -6.79 -16.16 5.16
C GLY A 122 -7.43 -16.34 6.51
N ASN A 123 -6.65 -16.18 7.57
CA ASN A 123 -7.08 -16.51 8.91
C ASN A 123 -7.78 -15.33 9.57
N LYS A 124 -8.47 -15.61 10.68
CA LYS A 124 -9.09 -14.60 11.52
C LYS A 124 -10.30 -13.96 10.84
N VAL A 125 -11.06 -14.75 10.08
CA VAL A 125 -12.29 -14.24 9.47
C VAL A 125 -13.42 -14.12 10.48
N ASP A 126 -13.22 -14.56 11.73
CA ASP A 126 -14.19 -14.35 12.78
C ASP A 126 -14.26 -12.89 13.21
N ILE A 127 -13.24 -12.10 12.91
CA ILE A 127 -13.19 -10.70 13.30
C ILE A 127 -14.04 -9.88 12.32
N LYS A 128 -14.94 -9.07 12.85
CA LYS A 128 -15.87 -8.33 12.01
C LYS A 128 -15.13 -7.36 11.09
N ASP A 129 -14.27 -6.51 11.66
CA ASP A 129 -13.59 -5.46 10.91
C ASP A 129 -12.55 -6.10 10.01
N ARG A 130 -13.02 -6.69 8.90
CA ARG A 130 -12.15 -7.34 7.94
C ARG A 130 -11.53 -6.32 7.00
N LYS A 131 -10.21 -6.40 6.82
CA LYS A 131 -9.48 -5.45 6.00
C LYS A 131 -9.17 -5.97 4.60
N VAL A 132 -8.94 -7.27 4.45
CA VAL A 132 -8.61 -7.87 3.16
C VAL A 132 -9.88 -8.56 2.66
N LYS A 133 -10.62 -7.88 1.79
CA LYS A 133 -11.87 -8.41 1.28
C LYS A 133 -11.63 -9.52 0.27
N ALA A 134 -12.62 -10.42 0.14
CA ALA A 134 -12.51 -11.51 -0.81
C ALA A 134 -12.20 -11.00 -2.21
N LYS A 135 -12.72 -9.83 -2.57
CA LYS A 135 -12.41 -9.23 -3.86
C LYS A 135 -10.91 -8.99 -4.01
N SER A 136 -10.24 -8.57 -2.94
CA SER A 136 -8.82 -8.24 -3.03
C SER A 136 -7.94 -9.47 -3.17
N ILE A 137 -8.41 -10.64 -2.76
CA ILE A 137 -7.61 -11.86 -2.76
C ILE A 137 -7.63 -12.44 -4.18
N VAL A 138 -6.51 -12.30 -4.89
CA VAL A 138 -6.40 -12.75 -6.27
C VAL A 138 -5.16 -13.61 -6.51
N PHE A 139 -4.31 -13.82 -5.50
CA PHE A 139 -3.05 -14.50 -5.73
C PHE A 139 -3.24 -15.99 -5.97
N HIS A 140 -4.29 -16.58 -5.41
CA HIS A 140 -4.55 -18.00 -5.67
C HIS A 140 -4.93 -18.23 -7.14
N ARG A 141 -5.73 -17.33 -7.72
CA ARG A 141 -6.01 -17.40 -9.15
C ARG A 141 -4.76 -17.16 -9.97
N LYS A 142 -3.80 -16.41 -9.43
CA LYS A 142 -2.60 -16.07 -10.18
C LYS A 142 -1.65 -17.26 -10.27
N LYS A 143 -1.56 -18.06 -9.22
CA LYS A 143 -0.62 -19.19 -9.16
C LYS A 143 -1.34 -20.52 -9.06
N ASN A 144 -2.60 -20.59 -9.49
CA ASN A 144 -3.41 -21.81 -9.44
C ASN A 144 -3.23 -22.55 -8.12
N LEU A 145 -3.44 -21.83 -7.03
CA LEU A 145 -3.46 -22.40 -5.69
C LEU A 145 -4.90 -22.53 -5.20
N GLN A 146 -5.09 -23.37 -4.19
CA GLN A 146 -6.36 -23.47 -3.49
C GLN A 146 -6.38 -22.47 -2.34
N TYR A 147 -7.47 -21.73 -2.22
CA TYR A 147 -7.62 -20.74 -1.16
C TYR A 147 -8.80 -21.12 -0.26
N TYR A 148 -8.67 -20.74 1.01
CA TYR A 148 -9.74 -20.93 1.99
C TYR A 148 -9.73 -19.78 2.99
N ASP A 149 -10.90 -19.21 3.26
CA ASP A 149 -11.09 -18.43 4.46
C ASP A 149 -11.18 -19.37 5.65
N ILE A 150 -10.44 -19.07 6.72
CA ILE A 150 -10.42 -19.92 7.90
C ILE A 150 -10.47 -19.05 9.16
N SER A 151 -10.76 -19.70 10.28
CA SER A 151 -10.70 -19.06 11.58
C SER A 151 -10.32 -20.12 12.60
N ALA A 152 -9.12 -20.01 13.17
CA ALA A 152 -8.71 -20.93 14.22
C ALA A 152 -9.55 -20.77 15.48
N LYS A 153 -10.33 -19.69 15.60
CA LYS A 153 -11.14 -19.45 16.77
C LYS A 153 -12.52 -20.09 16.65
N SER A 154 -13.25 -19.78 15.59
CA SER A 154 -14.56 -20.37 15.34
C SER A 154 -14.48 -21.69 14.58
N ASN A 155 -13.28 -22.12 14.19
CA ASN A 155 -13.04 -23.37 13.46
C ASN A 155 -13.60 -23.33 12.05
N TYR A 156 -14.00 -22.17 11.55
CA TYR A 156 -14.54 -22.06 10.20
C TYR A 156 -13.54 -22.59 9.18
N ASN A 157 -13.93 -23.65 8.47
CA ASN A 157 -13.15 -24.27 7.40
C ASN A 157 -11.78 -24.75 7.84
N PHE A 158 -11.51 -24.83 9.16
CA PHE A 158 -10.14 -25.05 9.60
C PHE A 158 -9.62 -26.44 9.28
N GLU A 159 -10.46 -27.35 8.77
CA GLU A 159 -10.00 -28.68 8.37
C GLU A 159 -9.83 -28.82 6.87
N LYS A 160 -10.34 -27.88 6.08
CA LYS A 160 -10.36 -28.03 4.64
C LYS A 160 -8.96 -27.98 4.01
N PRO A 161 -8.04 -27.19 4.56
CA PRO A 161 -6.66 -27.22 4.00
C PRO A 161 -6.05 -28.62 4.02
N PHE A 162 -6.19 -29.33 5.14
CA PHE A 162 -5.62 -30.66 5.22
C PHE A 162 -6.36 -31.65 4.31
N LEU A 163 -7.68 -31.47 4.18
CA LEU A 163 -8.44 -32.35 3.29
C LEU A 163 -8.05 -32.11 1.83
N TRP A 164 -7.89 -30.86 1.42
CA TRP A 164 -7.49 -30.59 0.05
C TRP A 164 -6.09 -31.12 -0.22
N LEU A 165 -5.15 -30.91 0.70
CA LEU A 165 -3.79 -31.39 0.49
C LEU A 165 -3.73 -32.90 0.51
N ALA A 166 -4.48 -33.55 1.41
CA ALA A 166 -4.48 -35.01 1.46
C ALA A 166 -4.99 -35.61 0.16
N ARG A 167 -5.95 -34.94 -0.49
CA ARG A 167 -6.47 -35.45 -1.76
C ARG A 167 -5.41 -35.36 -2.86
N LYS A 168 -4.70 -34.25 -2.92
CA LYS A 168 -3.64 -34.12 -3.93
C LYS A 168 -2.50 -35.10 -3.67
N LEU A 169 -2.07 -35.23 -2.41
CA LEU A 169 -0.95 -36.10 -2.10
C LEU A 169 -1.31 -37.57 -2.28
N ILE A 170 -2.55 -37.94 -1.98
CA ILE A 170 -2.95 -39.34 -2.12
C ILE A 170 -3.39 -39.64 -3.56
N GLY A 171 -3.85 -38.63 -4.29
CA GLY A 171 -4.36 -38.87 -5.62
C GLY A 171 -5.81 -39.31 -5.66
N ASP A 172 -6.55 -39.14 -4.57
CA ASP A 172 -7.97 -39.46 -4.52
C ASP A 172 -8.77 -38.17 -4.39
N PRO A 173 -9.35 -37.66 -5.48
CA PRO A 173 -10.11 -36.40 -5.37
C PRO A 173 -11.32 -36.49 -4.44
N ASN A 174 -11.76 -37.71 -4.10
CA ASN A 174 -12.94 -37.91 -3.26
C ASN A 174 -12.58 -38.50 -1.91
N LEU A 175 -11.32 -38.39 -1.49
CA LEU A 175 -10.95 -38.81 -0.15
C LEU A 175 -11.81 -38.08 0.88
N GLU A 176 -12.29 -38.82 1.87
CA GLU A 176 -13.17 -38.28 2.89
C GLU A 176 -12.51 -38.38 4.25
N PHE A 177 -12.64 -37.32 5.05
CA PHE A 177 -12.30 -37.38 6.47
C PHE A 177 -13.49 -37.98 7.21
N VAL A 178 -13.26 -39.12 7.86
CA VAL A 178 -14.32 -39.88 8.51
C VAL A 178 -14.15 -39.79 10.02
N ALA A 179 -15.17 -40.27 10.75
CA ALA A 179 -15.13 -40.26 12.20
C ALA A 179 -13.98 -41.13 12.70
N MET A 180 -13.19 -40.58 13.62
CA MET A 180 -12.10 -41.32 14.21
C MET A 180 -12.64 -42.56 14.92
N PRO A 181 -12.18 -43.76 14.57
CA PRO A 181 -12.64 -44.96 15.28
C PRO A 181 -12.45 -44.81 16.78
N ALA A 182 -13.49 -45.14 17.53
CA ALA A 182 -13.46 -45.04 19.00
C ALA A 182 -13.08 -46.41 19.55
N LEU A 183 -11.77 -46.61 19.71
CA LEU A 183 -11.27 -47.87 20.27
C LEU A 183 -11.67 -47.99 21.73
N ALA A 184 -11.63 -49.21 22.23
CA ALA A 184 -11.99 -49.46 23.63
C ALA A 184 -10.95 -48.81 24.53
N PRO A 185 -11.37 -48.08 25.57
CA PRO A 185 -10.39 -47.44 26.45
C PRO A 185 -9.84 -48.42 27.47
N PRO A 186 -8.82 -48.03 28.23
CA PRO A 186 -8.25 -48.94 29.23
C PRO A 186 -9.21 -49.21 30.38
N GLU A 187 -9.00 -50.35 31.02
CA GLU A 187 -9.74 -50.71 32.22
C GLU A 187 -9.23 -49.91 33.41
N VAL A 188 -10.09 -49.72 34.40
CA VAL A 188 -9.78 -48.93 35.58
C VAL A 188 -9.35 -49.87 36.71
N VAL A 189 -8.21 -49.56 37.33
CA VAL A 189 -7.72 -50.36 38.45
C VAL A 189 -8.19 -49.82 39.80
N MET A 190 -8.50 -48.52 39.89
CA MET A 190 -9.01 -47.92 41.12
C MET A 190 -8.01 -48.07 42.26
N ASP A 191 -6.73 -47.98 41.94
CA ASP A 191 -5.71 -48.18 42.96
C ASP A 191 -5.73 -47.03 43.96
N PRO A 192 -5.48 -47.30 45.25
CA PRO A 192 -5.61 -46.25 46.26
C PRO A 192 -4.46 -45.26 46.29
N ALA A 193 -3.24 -45.74 46.08
CA ALA A 193 -2.06 -44.89 46.27
C ALA A 193 -2.12 -43.66 45.36
N LEU A 194 -2.23 -43.87 44.05
CA LEU A 194 -2.23 -42.75 43.12
C LEU A 194 -3.45 -41.84 43.25
N ALA A 195 -4.44 -42.22 44.08
CA ALA A 195 -5.68 -41.44 44.14
C ALA A 195 -5.43 -40.05 44.72
N ALA A 196 -4.60 -39.95 45.77
CA ALA A 196 -4.43 -38.68 46.44
C ALA A 196 -3.88 -37.62 45.49
N GLN A 197 -2.87 -37.98 44.70
CA GLN A 197 -2.30 -37.03 43.74
C GLN A 197 -3.38 -36.47 42.82
N TYR A 198 -4.25 -37.34 42.32
CA TYR A 198 -5.33 -36.89 41.45
C TYR A 198 -6.35 -36.06 42.21
N GLU A 199 -6.61 -36.41 43.48
CA GLU A 199 -7.53 -35.63 44.30
C GLU A 199 -7.02 -34.21 44.50
N HIS A 200 -5.71 -34.05 44.69
CA HIS A 200 -5.14 -32.72 44.82
C HIS A 200 -5.25 -31.95 43.50
N ASP A 201 -4.88 -32.59 42.39
CA ASP A 201 -5.01 -31.93 41.09
C ASP A 201 -6.45 -31.59 40.78
N LEU A 202 -7.41 -32.37 41.30
CA LEU A 202 -8.81 -32.14 41.01
C LEU A 202 -9.39 -30.99 41.82
N GLU A 203 -8.86 -30.76 43.03
CA GLU A 203 -9.34 -29.62 43.82
C GLU A 203 -8.92 -28.30 43.20
N VAL A 204 -7.65 -28.20 42.78
CA VAL A 204 -7.19 -27.00 42.10
C VAL A 204 -8.04 -26.74 40.86
N ALA A 205 -8.36 -27.79 40.11
CA ALA A 205 -9.16 -27.63 38.91
C ALA A 205 -10.59 -27.22 39.24
N GLN A 206 -11.16 -27.77 40.31
CA GLN A 206 -12.51 -27.39 40.70
C GLN A 206 -12.59 -25.95 41.15
N THR A 207 -11.54 -25.44 41.80
CA THR A 207 -11.57 -24.07 42.29
C THR A 207 -11.42 -23.08 41.14
N THR A 208 -10.53 -23.35 40.19
CA THR A 208 -10.32 -22.45 39.07
C THR A 208 -11.57 -22.38 38.21
N ALA A 209 -12.02 -21.16 37.94
CA ALA A 209 -13.23 -20.96 37.15
C ALA A 209 -13.00 -21.34 35.69
N LEU A 210 -14.07 -21.73 35.02
CA LEU A 210 -14.00 -22.11 33.63
C LEU A 210 -14.01 -20.87 32.73
N PRO A 211 -13.54 -21.00 31.49
CA PRO A 211 -13.56 -19.85 30.58
C PRO A 211 -14.94 -19.26 30.44
N ASP A 212 -14.98 -18.03 29.93
CA ASP A 212 -16.25 -17.32 29.77
C ASP A 212 -17.18 -18.11 28.85
N GLU A 213 -18.47 -18.07 29.17
CA GLU A 213 -19.46 -18.72 28.34
C GLU A 213 -19.55 -18.02 27.00
N ASP A 214 -19.39 -18.79 25.92
CA ASP A 214 -19.43 -18.28 24.56
C ASP A 214 -20.72 -18.74 23.87
N ASP A 215 -21.02 -18.08 22.75
CA ASP A 215 -22.16 -18.48 21.93
C ASP A 215 -21.79 -19.63 20.99
N ASP A 216 -20.59 -20.19 21.11
CA ASP A 216 -20.23 -21.37 20.33
C ASP A 216 -21.23 -22.50 20.57
N LEU A 217 -21.62 -22.71 21.83
CA LEU A 217 -22.62 -23.71 22.15
C LEU A 217 -23.98 -23.28 21.64
N PHE B 6 -0.91 -32.02 -9.77
CA PHE B 6 0.06 -32.59 -8.84
C PHE B 6 -0.02 -34.11 -8.85
N GLU B 7 1.15 -34.76 -8.94
CA GLU B 7 1.17 -36.22 -8.98
C GLU B 7 1.29 -36.80 -7.57
N PRO B 8 0.65 -37.93 -7.29
CA PRO B 8 0.72 -38.49 -5.94
C PRO B 8 2.16 -38.80 -5.55
N VAL B 9 2.40 -38.80 -4.24
CA VAL B 9 3.72 -39.06 -3.68
C VAL B 9 3.81 -40.48 -3.13
N VAL B 10 2.74 -40.98 -2.52
CA VAL B 10 2.73 -42.32 -1.94
C VAL B 10 1.84 -43.22 -2.77
N PRO B 11 1.98 -44.54 -2.67
CA PRO B 11 1.00 -45.43 -3.30
C PRO B 11 -0.39 -45.19 -2.73
N LEU B 12 -1.40 -45.52 -3.52
CA LEU B 12 -2.78 -45.31 -3.09
C LEU B 12 -3.17 -46.34 -2.05
N PRO B 13 -3.34 -45.96 -0.78
CA PRO B 13 -3.76 -46.95 0.22
C PRO B 13 -5.20 -47.42 -0.04
N ASP B 14 -5.43 -48.71 0.20
CA ASP B 14 -6.75 -49.27 -0.04
C ASP B 14 -7.81 -48.58 0.81
N LYS B 15 -9.04 -48.59 0.31
CA LYS B 15 -10.17 -48.19 1.14
C LYS B 15 -10.31 -49.16 2.31
N ILE B 16 -10.73 -48.65 3.45
CA ILE B 16 -10.97 -49.47 4.63
C ILE B 16 -12.47 -49.53 4.87
N GLU B 17 -12.88 -50.51 5.68
CA GLU B 17 -14.25 -50.56 6.15
C GLU B 17 -14.39 -49.53 7.27
N VAL B 18 -15.15 -48.47 7.00
CA VAL B 18 -15.27 -47.35 7.94
C VAL B 18 -16.21 -47.76 9.08
N LYS B 19 -15.71 -47.69 10.31
CA LYS B 19 -16.49 -47.97 11.49
C LYS B 19 -16.23 -46.90 12.53
N THR B 20 -17.29 -46.49 13.23
CA THR B 20 -17.18 -45.48 14.27
C THR B 20 -16.59 -46.03 15.56
N GLY B 21 -16.60 -47.35 15.74
CA GLY B 21 -16.22 -47.95 17.00
C GLY B 21 -17.34 -48.03 18.01
N GLU B 22 -18.54 -47.58 17.66
CA GLU B 22 -19.69 -47.59 18.55
C GLU B 22 -20.75 -48.60 18.12
N GLU B 23 -20.47 -49.41 17.09
CA GLU B 23 -21.51 -50.25 16.51
C GLU B 23 -22.09 -51.23 17.52
N ASP B 24 -21.29 -51.71 18.45
CA ASP B 24 -21.72 -52.70 19.42
C ASP B 24 -22.21 -52.09 20.74
N GLU B 25 -22.45 -50.78 20.76
CA GLU B 25 -22.90 -50.08 21.95
C GLU B 25 -24.21 -49.37 21.68
N GLU B 26 -24.97 -49.15 22.76
CA GLU B 26 -26.24 -48.42 22.70
C GLU B 26 -26.12 -47.15 23.52
N GLU B 27 -26.74 -46.08 23.03
CA GLU B 27 -26.60 -44.77 23.64
C GLU B 27 -27.57 -44.61 24.80
N PHE B 28 -27.03 -44.41 26.00
CA PHE B 28 -27.83 -43.97 27.14
C PHE B 28 -28.04 -42.45 27.14
N PHE B 29 -27.14 -41.71 26.50
CA PHE B 29 -27.19 -40.26 26.52
C PHE B 29 -26.42 -39.73 25.32
N CYS B 30 -26.93 -38.66 24.72
CA CYS B 30 -26.25 -37.99 23.62
C CYS B 30 -26.72 -36.54 23.58
N ASN B 31 -25.78 -35.61 23.71
CA ASN B 31 -26.14 -34.20 23.79
C ASN B 31 -24.92 -33.34 23.51
N ARG B 32 -25.14 -32.20 22.87
CA ARG B 32 -24.06 -31.29 22.55
C ARG B 32 -23.50 -30.65 23.81
N ALA B 33 -22.18 -30.48 23.86
CA ALA B 33 -21.51 -29.94 25.03
C ALA B 33 -20.14 -29.44 24.62
N LYS B 34 -19.53 -28.65 25.51
CA LYS B 34 -18.15 -28.20 25.37
C LYS B 34 -17.31 -28.83 26.47
N LEU B 35 -16.15 -29.37 26.10
CA LEU B 35 -15.27 -30.07 27.01
C LEU B 35 -14.01 -29.25 27.26
N PHE B 36 -13.52 -29.29 28.50
CA PHE B 36 -12.30 -28.61 28.89
C PHE B 36 -11.37 -29.58 29.59
N ARG B 37 -10.07 -29.30 29.51
CA ARG B 37 -9.04 -30.09 30.18
C ARG B 37 -8.13 -29.14 30.95
N PHE B 38 -7.85 -29.47 32.20
CA PHE B 38 -7.08 -28.58 33.06
C PHE B 38 -5.58 -28.82 32.86
N ASP B 39 -4.86 -27.74 32.61
CA ASP B 39 -3.41 -27.77 32.46
C ASP B 39 -2.81 -27.29 33.77
N VAL B 40 -2.31 -28.24 34.57
CA VAL B 40 -1.83 -27.89 35.91
C VAL B 40 -0.50 -27.13 35.84
N GLU B 41 0.25 -27.27 34.75
CA GLU B 41 1.45 -26.45 34.57
C GLU B 41 1.08 -24.98 34.51
N SER B 42 0.23 -24.61 33.55
CA SER B 42 -0.23 -23.24 33.41
C SER B 42 -1.37 -22.90 34.34
N LYS B 43 -1.91 -23.87 35.08
CA LYS B 43 -3.00 -23.64 36.02
C LYS B 43 -4.16 -22.91 35.35
N GLU B 44 -4.56 -23.39 34.17
CA GLU B 44 -5.67 -22.80 33.44
C GLU B 44 -6.42 -23.89 32.71
N TRP B 45 -7.74 -23.70 32.59
CA TRP B 45 -8.56 -24.58 31.79
C TRP B 45 -8.34 -24.28 30.31
N LYS B 46 -8.22 -25.34 29.51
CA LYS B 46 -8.01 -25.21 28.08
C LYS B 46 -9.12 -25.94 27.35
N GLU B 47 -9.71 -25.28 26.36
CA GLU B 47 -10.78 -25.89 25.59
C GLU B 47 -10.28 -27.20 24.98
N ARG B 48 -11.09 -28.24 25.12
CA ARG B 48 -10.74 -29.59 24.68
C ARG B 48 -11.53 -30.06 23.48
N GLY B 49 -12.77 -29.60 23.33
CA GLY B 49 -13.58 -29.96 22.19
C GLY B 49 -15.03 -29.57 22.38
N ILE B 50 -15.74 -29.33 21.28
CA ILE B 50 -17.17 -29.05 21.29
C ILE B 50 -17.86 -30.04 20.37
N GLY B 51 -18.93 -30.64 20.87
CA GLY B 51 -19.67 -31.63 20.10
C GLY B 51 -20.55 -32.47 21.00
N ASN B 52 -20.86 -33.67 20.51
CA ASN B 52 -21.75 -34.59 21.21
C ASN B 52 -20.96 -35.43 22.20
N VAL B 53 -21.31 -35.34 23.47
CA VAL B 53 -20.84 -36.28 24.47
C VAL B 53 -21.87 -37.40 24.57
N LYS B 54 -21.39 -38.64 24.68
CA LYS B 54 -22.27 -39.80 24.72
C LYS B 54 -21.91 -40.68 25.90
N ILE B 55 -22.93 -41.39 26.41
CA ILE B 55 -22.75 -42.49 27.35
C ILE B 55 -23.17 -43.75 26.62
N LEU B 56 -22.24 -44.71 26.49
CA LEU B 56 -22.41 -45.88 25.65
C LEU B 56 -22.27 -47.14 26.49
N ARG B 57 -23.22 -48.07 26.34
CA ARG B 57 -23.16 -49.37 26.99
C ARG B 57 -22.98 -50.45 25.93
N HIS B 58 -21.92 -51.25 26.09
CA HIS B 58 -21.70 -52.37 25.18
C HIS B 58 -22.81 -53.39 25.34
N LYS B 59 -23.28 -53.93 24.21
CA LYS B 59 -24.49 -54.73 24.21
C LYS B 59 -24.30 -56.12 24.81
N THR B 60 -23.07 -56.61 24.89
CA THR B 60 -22.79 -57.91 25.46
C THR B 60 -22.02 -57.83 26.78
N SER B 61 -20.94 -57.06 26.82
CA SER B 61 -20.14 -56.97 28.04
C SER B 61 -20.79 -56.12 29.10
N GLY B 62 -21.67 -55.19 28.73
CA GLY B 62 -22.30 -54.30 29.67
C GLY B 62 -21.44 -53.15 30.14
N LYS B 63 -20.19 -53.07 29.68
CA LYS B 63 -19.32 -51.97 30.08
C LYS B 63 -19.83 -50.66 29.51
N ILE B 64 -19.71 -49.59 30.30
CA ILE B 64 -20.24 -48.28 29.95
C ILE B 64 -19.09 -47.29 29.93
N ARG B 65 -19.06 -46.44 28.90
CA ARG B 65 -18.01 -45.45 28.75
C ARG B 65 -18.62 -44.11 28.37
N LEU B 66 -17.83 -43.06 28.57
CA LEU B 66 -18.15 -41.73 28.08
C LEU B 66 -17.32 -41.48 26.83
N LEU B 67 -17.96 -41.03 25.77
CA LEU B 67 -17.31 -40.77 24.48
C LEU B 67 -17.78 -39.43 23.94
N MET B 68 -16.85 -38.63 23.43
CA MET B 68 -17.17 -37.32 22.90
C MET B 68 -16.35 -37.06 21.63
N ARG B 69 -16.99 -36.45 20.64
CA ARG B 69 -16.35 -36.15 19.36
C ARG B 69 -16.41 -34.65 19.08
N ARG B 70 -15.31 -34.13 18.56
CA ARG B 70 -15.29 -32.76 18.08
C ARG B 70 -16.09 -32.65 16.79
N GLU B 71 -16.79 -31.53 16.61
CA GLU B 71 -17.46 -31.29 15.34
C GLU B 71 -16.42 -31.10 14.24
N GLN B 72 -16.87 -31.24 13.00
CA GLN B 72 -16.06 -30.99 11.81
C GLN B 72 -14.93 -32.01 11.67
N VAL B 73 -13.98 -32.02 12.61
CA VAL B 73 -12.89 -32.98 12.51
C VAL B 73 -13.37 -34.38 12.91
N LEU B 74 -14.43 -34.47 13.72
CA LEU B 74 -14.96 -35.74 14.18
C LEU B 74 -13.93 -36.55 14.98
N LYS B 75 -12.89 -35.89 15.49
CA LYS B 75 -11.88 -36.54 16.28
C LYS B 75 -12.35 -36.67 17.74
N ILE B 76 -11.76 -37.61 18.45
CA ILE B 76 -12.18 -37.94 19.81
C ILE B 76 -11.51 -36.99 20.79
N CYS B 77 -12.30 -36.38 21.68
CA CYS B 77 -11.78 -35.53 22.73
C CYS B 77 -12.04 -36.09 24.13
N ALA B 78 -12.69 -37.25 24.23
CA ALA B 78 -12.84 -37.94 25.51
C ALA B 78 -13.29 -39.38 25.28
N ASN B 79 -12.62 -40.32 25.95
CA ASN B 79 -12.96 -41.74 25.81
C ASN B 79 -12.42 -42.46 27.04
N HIS B 80 -13.31 -42.76 27.98
CA HIS B 80 -12.89 -43.42 29.21
C HIS B 80 -14.09 -44.17 29.79
N TYR B 81 -13.80 -45.32 30.40
CA TYR B 81 -14.83 -46.06 31.11
C TYR B 81 -15.25 -45.30 32.36
N ILE B 82 -16.55 -45.30 32.63
CA ILE B 82 -17.09 -44.66 33.81
C ILE B 82 -16.88 -45.58 35.01
N SER B 83 -16.20 -45.07 36.04
CA SER B 83 -15.89 -45.83 37.23
C SER B 83 -16.68 -45.31 38.44
N PRO B 84 -16.94 -46.16 39.44
CA PRO B 84 -17.72 -45.69 40.59
C PRO B 84 -17.00 -44.65 41.43
N ASP B 85 -15.69 -44.48 41.24
CA ASP B 85 -14.95 -43.46 41.98
C ASP B 85 -15.17 -42.05 41.43
N MET B 86 -15.59 -41.94 40.17
CA MET B 86 -15.82 -40.63 39.59
C MET B 86 -16.98 -39.94 40.29
N LYS B 87 -16.88 -38.60 40.38
CA LYS B 87 -17.92 -37.79 40.98
C LYS B 87 -18.02 -36.49 40.21
N LEU B 88 -19.18 -36.24 39.60
CA LEU B 88 -19.41 -35.00 38.87
C LEU B 88 -19.60 -33.87 39.86
N THR B 89 -18.70 -32.89 39.84
CA THR B 89 -18.70 -31.80 40.78
C THR B 89 -18.91 -30.48 40.05
N PRO B 90 -19.87 -29.66 40.47
CA PRO B 90 -20.06 -28.36 39.82
C PRO B 90 -18.82 -27.49 39.91
N ASN B 91 -18.61 -26.66 38.88
CA ASN B 91 -17.47 -25.77 38.80
C ASN B 91 -17.91 -24.35 39.15
N ALA B 92 -17.38 -23.82 40.25
CA ALA B 92 -17.63 -22.43 40.65
C ALA B 92 -19.12 -22.15 40.80
N GLY B 93 -19.80 -23.01 41.54
CA GLY B 93 -21.22 -22.83 41.79
C GLY B 93 -22.08 -22.79 40.55
N SER B 94 -21.64 -23.42 39.47
CA SER B 94 -22.38 -23.44 38.22
C SER B 94 -23.39 -24.57 38.21
N ASP B 95 -24.56 -24.32 37.64
CA ASP B 95 -25.59 -25.31 37.46
C ASP B 95 -25.58 -25.93 36.07
N ARG B 96 -24.56 -25.62 35.26
CA ARG B 96 -24.50 -26.09 33.89
C ARG B 96 -23.20 -26.82 33.55
N SER B 97 -22.28 -26.97 34.51
CA SER B 97 -20.97 -27.55 34.24
C SER B 97 -20.56 -28.46 35.37
N PHE B 98 -19.71 -29.44 35.04
CA PHE B 98 -19.22 -30.42 36.01
C PHE B 98 -17.74 -30.65 35.79
N VAL B 99 -17.06 -31.07 36.86
CA VAL B 99 -15.65 -31.41 36.83
C VAL B 99 -15.49 -32.82 37.39
N TRP B 100 -14.57 -33.59 36.82
CA TRP B 100 -14.28 -34.92 37.34
C TRP B 100 -12.91 -35.36 36.80
N HIS B 101 -12.41 -36.45 37.35
CA HIS B 101 -11.11 -37.00 36.99
C HIS B 101 -11.31 -38.34 36.27
N ALA B 102 -10.48 -38.59 35.26
CA ALA B 102 -10.61 -39.78 34.46
C ALA B 102 -9.27 -40.14 33.83
N LEU B 103 -9.10 -41.43 33.56
CA LEU B 103 -7.97 -41.93 32.78
C LEU B 103 -8.43 -41.96 31.33
N ASP B 104 -8.17 -40.88 30.61
CA ASP B 104 -8.74 -40.68 29.29
C ASP B 104 -7.89 -41.32 28.20
N TYR B 105 -8.55 -41.64 27.08
CA TYR B 105 -7.91 -42.32 25.95
C TYR B 105 -8.18 -41.57 24.65
N ALA B 106 -8.46 -40.27 24.71
CA ALA B 106 -8.82 -39.53 23.51
C ALA B 106 -7.69 -39.57 22.48
N ASP B 107 -6.46 -39.44 22.93
CA ASP B 107 -5.29 -39.55 22.05
C ASP B 107 -4.79 -40.98 21.93
N GLU B 108 -5.58 -41.96 22.37
CA GLU B 108 -5.20 -43.38 22.33
C GLU B 108 -3.94 -43.63 23.14
N LEU B 109 -3.71 -42.80 24.16
CA LEU B 109 -2.70 -43.01 25.18
C LEU B 109 -3.38 -42.79 26.53
N PRO B 110 -3.21 -43.70 27.50
CA PRO B 110 -3.86 -43.49 28.80
C PRO B 110 -3.31 -42.29 29.55
N LYS B 111 -4.11 -41.24 29.69
CA LYS B 111 -3.70 -40.01 30.33
C LYS B 111 -4.63 -39.70 31.50
N PRO B 112 -4.12 -39.50 32.72
CA PRO B 112 -4.97 -39.00 33.80
C PRO B 112 -5.23 -37.51 33.62
N GLU B 113 -6.51 -37.13 33.61
CA GLU B 113 -6.88 -35.77 33.27
C GLU B 113 -8.00 -35.28 34.16
N GLN B 114 -7.96 -33.99 34.48
CA GLN B 114 -9.08 -33.30 35.12
C GLN B 114 -9.90 -32.66 34.01
N LEU B 115 -11.13 -33.13 33.83
CA LEU B 115 -11.98 -32.68 32.75
C LEU B 115 -13.15 -31.87 33.27
N ALA B 116 -13.66 -30.98 32.43
CA ALA B 116 -14.86 -30.22 32.72
C ALA B 116 -15.74 -30.22 31.48
N ILE B 117 -17.04 -30.36 31.69
CA ILE B 117 -18.01 -30.37 30.62
C ILE B 117 -19.11 -29.37 30.95
N ARG B 118 -19.55 -28.62 29.95
CA ARG B 118 -20.55 -27.57 30.12
C ARG B 118 -21.65 -27.75 29.10
N PHE B 119 -22.89 -27.49 29.52
CA PHE B 119 -24.06 -27.57 28.67
C PHE B 119 -24.72 -26.21 28.55
N LYS B 120 -25.52 -26.06 27.50
CA LYS B 120 -26.18 -24.77 27.25
C LYS B 120 -27.15 -24.42 28.38
N THR B 121 -27.89 -25.40 28.88
CA THR B 121 -28.93 -25.18 29.87
C THR B 121 -28.69 -26.04 31.10
N PRO B 122 -29.26 -25.65 32.25
CA PRO B 122 -29.15 -26.52 33.44
C PRO B 122 -29.90 -27.84 33.28
N GLU B 123 -30.96 -27.86 32.47
CA GLU B 123 -31.69 -29.10 32.26
C GLU B 123 -30.83 -30.14 31.54
N GLU B 124 -30.11 -29.72 30.50
CA GLU B 124 -29.20 -30.63 29.82
C GLU B 124 -28.13 -31.14 30.78
N ALA B 125 -27.53 -30.24 31.56
CA ALA B 125 -26.53 -30.66 32.54
C ALA B 125 -27.11 -31.65 33.53
N ALA B 126 -28.34 -31.41 33.98
CA ALA B 126 -28.93 -32.29 34.98
C ALA B 126 -29.22 -33.68 34.40
N LEU B 127 -29.68 -33.73 33.15
CA LEU B 127 -29.90 -35.02 32.53
C LEU B 127 -28.59 -35.78 32.37
N PHE B 128 -27.51 -35.07 32.03
CA PHE B 128 -26.21 -35.71 31.91
C PHE B 128 -25.78 -36.32 33.24
N LYS B 129 -25.87 -35.53 34.32
CA LYS B 129 -25.53 -36.06 35.64
C LYS B 129 -26.39 -37.26 35.99
N CYS B 130 -27.69 -37.20 35.66
CA CYS B 130 -28.59 -38.32 35.93
C CYS B 130 -28.10 -39.59 35.25
N LYS B 131 -27.86 -39.52 33.94
CA LYS B 131 -27.45 -40.72 33.21
C LYS B 131 -26.01 -41.11 33.53
N PHE B 132 -25.15 -40.14 33.83
CA PHE B 132 -23.79 -40.47 34.22
C PHE B 132 -23.78 -41.29 35.50
N GLU B 133 -24.67 -40.97 36.44
CA GLU B 133 -24.74 -41.67 37.71
C GLU B 133 -25.60 -42.93 37.64
N GLU B 134 -26.60 -42.96 36.76
CA GLU B 134 -27.28 -44.21 36.49
C GLU B 134 -26.31 -45.26 35.97
N ALA B 135 -25.40 -44.86 35.08
CA ALA B 135 -24.38 -45.77 34.59
C ALA B 135 -23.49 -46.27 35.73
N GLN B 136 -23.12 -45.37 36.64
CA GLN B 136 -22.26 -45.76 37.76
C GLN B 136 -22.91 -46.82 38.64
N SER B 137 -24.23 -46.98 38.57
CA SER B 137 -24.96 -47.92 39.42
C SER B 137 -25.09 -49.30 38.80
N ILE B 138 -24.79 -49.47 37.51
CA ILE B 138 -24.91 -50.76 36.85
C ILE B 138 -23.63 -51.09 36.10
N LEU B 139 -22.50 -50.58 36.59
CA LEU B 139 -21.23 -50.80 35.91
C LEU B 139 -20.86 -52.28 35.93
N LYS B 140 -20.36 -52.77 34.80
CA LYS B 140 -19.92 -54.15 34.67
C LYS B 140 -18.47 -54.20 34.19
N GLN C 9 11.21 14.90 44.46
CA GLN C 9 9.98 15.10 43.71
C GLN C 9 8.83 14.31 44.30
N VAL C 10 7.63 14.51 43.75
CA VAL C 10 6.43 13.85 44.23
C VAL C 10 6.29 12.52 43.51
N GLN C 11 6.48 11.42 44.23
CA GLN C 11 6.41 10.08 43.67
C GLN C 11 5.40 9.24 44.43
N PHE C 12 4.77 8.32 43.71
CA PHE C 12 3.79 7.41 44.29
C PHE C 12 3.96 6.03 43.68
N LYS C 13 3.90 5.01 44.51
CA LYS C 13 3.92 3.63 44.04
C LYS C 13 2.49 3.18 43.74
N LEU C 14 2.28 2.68 42.53
CA LEU C 14 0.97 2.22 42.08
C LEU C 14 1.12 0.80 41.58
N VAL C 15 0.32 -0.11 42.15
CA VAL C 15 0.33 -1.52 41.75
C VAL C 15 -0.86 -1.75 40.84
N LEU C 16 -0.59 -2.22 39.62
CA LEU C 16 -1.61 -2.50 38.64
C LEU C 16 -1.85 -4.00 38.61
N VAL C 17 -3.08 -4.42 38.94
CA VAL C 17 -3.41 -5.82 39.08
C VAL C 17 -4.67 -6.12 38.28
N GLY C 18 -4.88 -7.41 38.02
CA GLY C 18 -6.04 -7.86 37.28
C GLY C 18 -5.74 -9.15 36.55
N ASP C 19 -6.81 -9.80 36.09
CA ASP C 19 -6.66 -11.06 35.37
C ASP C 19 -5.80 -10.86 34.13
N GLY C 20 -5.15 -11.93 33.71
CA GLY C 20 -4.35 -11.88 32.49
C GLY C 20 -5.23 -11.61 31.28
N GLY C 21 -4.70 -10.78 30.37
CA GLY C 21 -5.42 -10.42 29.17
C GLY C 21 -6.35 -9.24 29.30
N THR C 22 -6.46 -8.64 30.49
CA THR C 22 -7.34 -7.50 30.69
C THR C 22 -6.80 -6.20 30.12
N GLY C 23 -5.55 -6.19 29.68
CA GLY C 23 -4.96 -5.02 29.07
C GLY C 23 -4.13 -4.15 29.98
N LYS C 24 -3.64 -4.69 31.10
CA LYS C 24 -2.86 -3.88 32.04
C LYS C 24 -1.62 -3.29 31.37
N THR C 25 -0.88 -4.11 30.62
CA THR C 25 0.35 -3.64 30.01
C THR C 25 0.07 -2.72 28.83
N THR C 26 -0.94 -3.03 28.02
CA THR C 26 -1.31 -2.15 26.92
C THR C 26 -1.71 -0.78 27.46
N PHE C 27 -2.41 -0.75 28.59
CA PHE C 27 -2.79 0.50 29.22
C PHE C 27 -1.56 1.32 29.60
N VAL C 28 -0.58 0.69 30.26
CA VAL C 28 0.60 1.42 30.70
C VAL C 28 1.42 1.90 29.51
N LYS C 29 1.58 1.05 28.48
CA LYS C 29 2.38 1.43 27.32
C LYS C 29 1.77 2.62 26.60
N ARG C 30 0.44 2.65 26.47
CA ARG C 30 -0.21 3.79 25.84
C ARG C 30 0.16 5.09 26.55
N HIS C 31 0.15 5.09 27.88
CA HIS C 31 0.56 6.27 28.63
C HIS C 31 2.06 6.52 28.48
N LEU C 32 2.85 5.45 28.41
CA LEU C 32 4.29 5.59 28.43
C LEU C 32 4.81 6.16 27.11
N THR C 33 4.42 5.55 25.99
CA THR C 33 4.96 5.92 24.69
C THR C 33 3.91 6.39 23.70
N GLY C 34 2.62 6.22 23.99
CA GLY C 34 1.58 6.51 23.04
C GLY C 34 1.24 5.39 22.09
N GLU C 35 1.96 4.28 22.15
CA GLU C 35 1.70 3.14 21.28
C GLU C 35 0.44 2.40 21.74
N PHE C 36 -0.07 1.54 20.86
CA PHE C 36 -1.12 0.59 21.19
C PHE C 36 -0.60 -0.80 20.86
N GLU C 37 -0.31 -1.58 21.89
CA GLU C 37 0.20 -2.94 21.71
C GLU C 37 -0.95 -3.85 21.36
N LYS C 38 -0.95 -4.37 20.12
CA LYS C 38 -2.00 -5.26 19.68
C LYS C 38 -1.77 -6.70 20.13
N LYS C 39 -0.54 -7.05 20.49
CA LYS C 39 -0.22 -8.41 20.87
C LYS C 39 -0.52 -8.66 22.34
N TYR C 40 -0.92 -9.89 22.64
CA TYR C 40 -1.16 -10.34 24.02
C TYR C 40 0.08 -11.11 24.47
N VAL C 41 1.09 -10.35 24.88
CA VAL C 41 2.34 -10.90 25.39
C VAL C 41 2.26 -10.84 26.91
N ALA C 42 1.98 -11.97 27.54
CA ALA C 42 1.80 -12.01 28.98
C ALA C 42 3.03 -11.45 29.69
N THR C 43 2.78 -10.73 30.78
CA THR C 43 3.86 -10.18 31.58
C THR C 43 4.41 -11.25 32.51
N LEU C 44 5.73 -11.25 32.69
CA LEU C 44 6.41 -12.20 33.56
C LEU C 44 6.76 -11.50 34.87
N GLY C 45 6.06 -11.87 35.94
CA GLY C 45 6.29 -11.26 37.23
C GLY C 45 5.76 -9.85 37.33
N VAL C 46 6.65 -8.86 37.30
CA VAL C 46 6.27 -7.46 37.40
C VAL C 46 7.24 -6.63 36.56
N GLU C 47 6.73 -5.54 36.01
CA GLU C 47 7.55 -4.53 35.34
C GLU C 47 7.14 -3.17 35.87
N VAL C 48 8.12 -2.36 36.26
CA VAL C 48 7.87 -1.05 36.86
C VAL C 48 8.14 0.02 35.81
N HIS C 49 7.11 0.82 35.50
CA HIS C 49 7.21 1.86 34.49
C HIS C 49 6.87 3.21 35.12
N PRO C 50 7.74 4.21 35.05
CA PRO C 50 7.40 5.53 35.62
C PRO C 50 6.59 6.37 34.64
N LEU C 51 5.41 6.81 35.09
CA LEU C 51 4.57 7.72 34.33
C LEU C 51 4.54 9.07 35.05
N VAL C 52 4.79 10.14 34.30
CA VAL C 52 4.82 11.50 34.84
C VAL C 52 3.66 12.29 34.24
N PHE C 53 2.89 12.95 35.10
CA PHE C 53 1.82 13.85 34.68
C PHE C 53 2.11 15.24 35.22
N HIS C 54 1.77 16.25 34.43
CA HIS C 54 2.05 17.64 34.78
C HIS C 54 0.77 18.30 35.27
N THR C 55 0.81 18.85 36.48
CA THR C 55 -0.35 19.42 37.12
C THR C 55 -0.12 20.90 37.39
N ASN C 56 -1.19 21.58 37.77
CA ASN C 56 -1.07 22.97 38.20
C ASN C 56 -0.27 23.13 39.48
N ARG C 57 0.09 22.02 40.13
CA ARG C 57 0.98 22.02 41.29
C ARG C 57 2.30 21.31 40.98
N GLY C 58 2.70 21.30 39.71
CA GLY C 58 3.95 20.71 39.32
C GLY C 58 3.83 19.28 38.88
N PRO C 59 4.95 18.66 38.52
CA PRO C 59 4.90 17.28 38.03
C PRO C 59 4.67 16.29 39.16
N ILE C 60 4.01 15.19 38.82
CA ILE C 60 3.79 14.06 39.72
C ILE C 60 4.12 12.79 38.97
N LYS C 61 4.78 11.86 39.65
CA LYS C 61 5.23 10.61 39.05
C LYS C 61 4.51 9.43 39.69
N PHE C 62 3.93 8.58 38.85
CA PHE C 62 3.38 7.30 39.30
C PHE C 62 4.35 6.21 38.86
N ASN C 63 4.90 5.50 39.83
CA ASN C 63 5.74 4.33 39.57
C ASN C 63 4.81 3.12 39.48
N VAL C 64 4.43 2.77 38.27
CA VAL C 64 3.39 1.77 38.03
C VAL C 64 4.04 0.39 38.05
N TRP C 65 3.60 -0.46 38.97
CA TRP C 65 4.03 -1.86 39.05
C TRP C 65 3.03 -2.70 38.27
N ASP C 66 3.32 -2.90 37.00
CA ASP C 66 2.46 -3.68 36.10
C ASP C 66 2.67 -5.15 36.40
N THR C 67 1.79 -5.71 37.24
CA THR C 67 1.92 -7.11 37.66
C THR C 67 1.25 -8.04 36.65
N ALA C 68 1.69 -9.30 36.68
CA ALA C 68 1.16 -10.33 35.80
C ALA C 68 -0.06 -10.98 36.42
N GLY C 69 -1.07 -11.25 35.59
CA GLY C 69 -2.27 -11.90 36.07
C GLY C 69 -2.17 -13.40 36.23
N GLN C 70 -1.10 -14.00 35.74
CA GLN C 70 -0.93 -15.45 35.85
C GLN C 70 -0.78 -15.86 37.30
N GLU C 71 -1.38 -17.02 37.64
CA GLU C 71 -1.31 -17.52 39.00
C GLU C 71 0.10 -17.95 39.40
N LYS C 72 0.99 -18.15 38.43
CA LYS C 72 2.37 -18.54 38.74
C LYS C 72 3.02 -17.56 39.70
N PHE C 73 2.59 -16.29 39.66
CA PHE C 73 3.17 -15.24 40.48
C PHE C 73 2.26 -14.83 41.64
N GLY C 74 1.38 -15.73 42.07
CA GLY C 74 0.45 -15.38 43.14
C GLY C 74 1.13 -15.23 44.49
N GLY C 75 2.13 -16.07 44.77
CA GLY C 75 2.84 -16.00 46.02
C GLY C 75 3.76 -14.80 46.16
N LEU C 76 4.03 -14.08 45.08
CA LEU C 76 4.91 -12.92 45.09
C LEU C 76 4.16 -11.61 45.18
N ARG C 77 2.82 -11.64 45.13
CA ARG C 77 2.06 -10.40 45.06
C ARG C 77 2.16 -9.59 46.34
N ASP C 78 2.04 -10.23 47.49
CA ASP C 78 2.19 -9.51 48.76
C ASP C 78 3.50 -8.73 48.80
N GLY C 79 4.55 -9.28 48.21
CA GLY C 79 5.81 -8.54 48.12
C GLY C 79 5.74 -7.39 47.14
N TYR C 80 5.07 -7.61 46.00
CA TYR C 80 4.84 -6.51 45.06
C TYR C 80 4.10 -5.36 45.74
N TYR C 81 3.09 -5.69 46.56
CA TYR C 81 2.22 -4.69 47.16
C TYR C 81 2.87 -3.96 48.33
N ILE C 82 4.12 -4.28 48.67
CA ILE C 82 4.77 -3.63 49.80
C ILE C 82 4.99 -2.16 49.47
N GLN C 83 4.69 -1.29 50.42
CA GLN C 83 4.88 0.15 50.27
C GLN C 83 4.00 0.75 49.18
N ALA C 84 2.96 0.02 48.75
CA ALA C 84 2.06 0.54 47.73
C ALA C 84 1.21 1.66 48.31
N GLN C 85 1.13 2.78 47.58
CA GLN C 85 0.35 3.93 47.99
C GLN C 85 -0.98 4.05 47.25
N CYS C 86 -1.15 3.32 46.16
CA CYS C 86 -2.40 3.32 45.39
C CYS C 86 -2.39 2.11 44.48
N ALA C 87 -3.53 1.85 43.86
CA ALA C 87 -3.66 0.67 43.02
C ALA C 87 -4.75 0.88 41.99
N ILE C 88 -4.66 0.10 40.91
CA ILE C 88 -5.69 0.04 39.88
C ILE C 88 -6.03 -1.43 39.67
N ILE C 89 -7.31 -1.78 39.82
CA ILE C 89 -7.79 -3.12 39.55
C ILE C 89 -8.42 -3.11 38.17
N MET C 90 -7.87 -3.92 37.26
CA MET C 90 -8.28 -3.95 35.87
C MET C 90 -9.09 -5.21 35.59
N PHE C 91 -10.18 -5.06 34.85
CA PHE C 91 -10.93 -6.19 34.31
C PHE C 91 -11.40 -5.82 32.91
N ASP C 92 -11.86 -6.84 32.18
CA ASP C 92 -12.25 -6.70 30.78
C ASP C 92 -13.76 -6.80 30.67
N VAL C 93 -14.38 -5.80 30.03
CA VAL C 93 -15.83 -5.76 29.93
C VAL C 93 -16.38 -6.80 28.97
N THR C 94 -15.52 -7.46 28.18
CA THR C 94 -15.94 -8.54 27.31
C THR C 94 -15.72 -9.91 27.94
N SER C 95 -15.35 -9.96 29.21
CA SER C 95 -15.01 -11.21 29.89
C SER C 95 -15.59 -11.14 31.31
N ARG C 96 -16.70 -11.84 31.51
CA ARG C 96 -17.35 -11.82 32.83
C ARG C 96 -16.43 -12.37 33.90
N VAL C 97 -15.62 -13.39 33.57
CA VAL C 97 -14.77 -14.02 34.58
C VAL C 97 -13.76 -13.02 35.15
N THR C 98 -13.33 -12.06 34.34
CA THR C 98 -12.39 -11.05 34.86
C THR C 98 -13.05 -10.17 35.91
N TYR C 99 -14.34 -9.87 35.73
CA TYR C 99 -15.05 -9.09 36.74
C TYR C 99 -15.36 -9.94 37.97
N LYS C 100 -15.69 -11.22 37.76
CA LYS C 100 -15.96 -12.10 38.89
C LYS C 100 -14.77 -12.20 39.83
N ASN C 101 -13.56 -11.96 39.32
CA ASN C 101 -12.35 -12.03 40.12
C ASN C 101 -12.00 -10.71 40.80
N VAL C 102 -12.65 -9.61 40.42
CA VAL C 102 -12.36 -8.32 41.05
C VAL C 102 -12.36 -8.42 42.57
N PRO C 103 -13.32 -9.08 43.22
CA PRO C 103 -13.27 -9.19 44.68
C PRO C 103 -12.00 -9.87 45.18
N ASN C 104 -11.50 -10.87 44.46
CA ASN C 104 -10.29 -11.55 44.90
C ASN C 104 -9.09 -10.61 44.88
N TRP C 105 -8.97 -9.79 43.83
CA TRP C 105 -7.88 -8.82 43.76
C TRP C 105 -7.99 -7.81 44.89
N HIS C 106 -9.20 -7.33 45.17
CA HIS C 106 -9.38 -6.33 46.21
C HIS C 106 -9.03 -6.88 47.58
N ARG C 107 -9.50 -8.10 47.88
CA ARG C 107 -9.21 -8.70 49.19
C ARG C 107 -7.71 -8.80 49.43
N ASP C 108 -6.96 -9.26 48.42
CA ASP C 108 -5.51 -9.38 48.57
C ASP C 108 -4.86 -8.01 48.76
N LEU C 109 -5.40 -6.98 48.08
CA LEU C 109 -4.80 -5.65 48.18
C LEU C 109 -5.02 -5.03 49.55
N VAL C 110 -6.24 -5.14 50.10
CA VAL C 110 -6.51 -4.47 51.36
C VAL C 110 -5.86 -5.20 52.53
N ARG C 111 -5.59 -6.50 52.39
CA ARG C 111 -4.90 -7.22 53.46
C ARG C 111 -3.50 -6.64 53.68
N VAL C 112 -2.78 -6.34 52.59
CA VAL C 112 -1.39 -5.90 52.69
C VAL C 112 -1.28 -4.38 52.81
N CYS C 113 -2.18 -3.62 52.18
CA CYS C 113 -2.03 -2.19 52.07
C CYS C 113 -3.05 -1.38 52.86
N GLU C 114 -4.09 -2.01 53.38
CA GLU C 114 -5.07 -1.35 54.25
C GLU C 114 -5.72 -0.22 53.46
N ASN C 115 -5.83 0.99 54.03
CA ASN C 115 -6.65 2.05 53.44
C ASN C 115 -5.81 2.85 52.44
N ILE C 116 -5.80 2.39 51.20
CA ILE C 116 -5.16 3.12 50.10
C ILE C 116 -6.19 3.40 49.02
N PRO C 117 -6.04 4.46 48.24
CA PRO C 117 -6.98 4.71 47.13
C PRO C 117 -6.82 3.65 46.04
N ILE C 118 -7.94 3.12 45.58
CA ILE C 118 -7.97 2.10 44.54
C ILE C 118 -9.02 2.49 43.51
N VAL C 119 -8.68 2.36 42.23
CA VAL C 119 -9.57 2.67 41.12
C VAL C 119 -9.86 1.38 40.37
N LEU C 120 -11.12 1.14 40.07
CA LEU C 120 -11.55 -0.03 39.30
C LEU C 120 -11.80 0.40 37.86
N CYS C 121 -11.17 -0.29 36.92
CA CYS C 121 -11.25 0.05 35.51
C CYS C 121 -11.84 -1.11 34.72
N GLY C 122 -12.92 -0.84 34.00
CA GLY C 122 -13.45 -1.78 33.04
C GLY C 122 -12.91 -1.47 31.65
N ASN C 123 -11.95 -2.26 31.20
CA ASN C 123 -11.21 -1.97 29.99
C ASN C 123 -11.88 -2.57 28.75
N LYS C 124 -11.48 -2.05 27.58
CA LYS C 124 -11.92 -2.56 26.29
C LYS C 124 -13.38 -2.22 25.99
N VAL C 125 -13.86 -1.07 26.48
CA VAL C 125 -15.23 -0.66 26.18
C VAL C 125 -15.40 -0.26 24.73
N ASP C 126 -14.31 -0.13 23.97
CA ASP C 126 -14.42 0.11 22.54
C ASP C 126 -15.05 -1.07 21.81
N ILE C 127 -14.92 -2.28 22.38
CA ILE C 127 -15.50 -3.46 21.77
C ILE C 127 -17.02 -3.40 21.93
N LYS C 128 -17.73 -3.53 20.81
CA LYS C 128 -19.17 -3.33 20.83
C LYS C 128 -19.90 -4.42 21.60
N ASP C 129 -19.40 -5.66 21.55
CA ASP C 129 -20.04 -6.79 22.22
C ASP C 129 -19.56 -6.81 23.66
N ARG C 130 -20.25 -6.03 24.51
CA ARG C 130 -19.89 -5.89 25.91
C ARG C 130 -20.73 -6.85 26.74
N LYS C 131 -20.04 -7.66 27.57
CA LYS C 131 -20.71 -8.66 28.39
C LYS C 131 -20.90 -8.23 29.83
N VAL C 132 -20.09 -7.30 30.32
CA VAL C 132 -20.21 -6.81 31.70
C VAL C 132 -20.84 -5.42 31.62
N LYS C 133 -22.17 -5.36 31.73
CA LYS C 133 -22.87 -4.09 31.60
C LYS C 133 -22.63 -3.21 32.82
N ALA C 134 -22.74 -1.89 32.61
CA ALA C 134 -22.52 -0.95 33.71
C ALA C 134 -23.47 -1.24 34.87
N LYS C 135 -24.70 -1.68 34.58
CA LYS C 135 -25.63 -2.02 35.65
C LYS C 135 -25.10 -3.16 36.51
N SER C 136 -24.39 -4.10 35.91
CA SER C 136 -23.84 -5.23 36.67
C SER C 136 -22.72 -4.81 37.61
N ILE C 137 -22.04 -3.69 37.32
CA ILE C 137 -20.86 -3.27 38.06
C ILE C 137 -21.33 -2.44 39.25
N VAL C 138 -21.32 -3.04 40.44
CA VAL C 138 -21.69 -2.33 41.66
C VAL C 138 -20.65 -2.64 42.75
N PHE C 139 -19.53 -3.24 42.37
CA PHE C 139 -18.51 -3.58 43.35
C PHE C 139 -17.85 -2.33 43.93
N HIS C 140 -17.75 -1.26 43.14
CA HIS C 140 -17.17 -0.03 43.66
C HIS C 140 -18.09 0.62 44.70
N ARG C 141 -19.41 0.51 44.49
CA ARG C 141 -20.34 1.08 45.45
C ARG C 141 -20.26 0.38 46.80
N LYS C 142 -19.95 -0.92 46.81
CA LYS C 142 -19.87 -1.67 48.06
C LYS C 142 -18.60 -1.35 48.83
N LYS C 143 -17.47 -1.18 48.12
CA LYS C 143 -16.17 -1.01 48.76
C LYS C 143 -15.71 0.45 48.75
N ASN C 144 -16.57 1.39 48.35
CA ASN C 144 -16.21 2.81 48.31
C ASN C 144 -14.96 3.03 47.45
N LEU C 145 -15.01 2.51 46.22
CA LEU C 145 -13.96 2.70 45.25
C LEU C 145 -14.47 3.56 44.10
N GLN C 146 -13.54 4.08 43.31
CA GLN C 146 -13.86 4.83 42.11
C GLN C 146 -13.77 3.89 40.91
N TYR C 147 -14.76 3.98 40.02
CA TYR C 147 -14.81 3.16 38.83
C TYR C 147 -14.76 4.02 37.58
N TYR C 148 -14.17 3.46 36.52
CA TYR C 148 -14.14 4.12 35.22
C TYR C 148 -14.22 3.08 34.12
N ASP C 149 -15.13 3.28 33.18
CA ASP C 149 -15.02 2.63 31.89
C ASP C 149 -13.84 3.23 31.13
N ILE C 150 -12.93 2.38 30.65
CA ILE C 150 -11.76 2.86 29.94
C ILE C 150 -11.55 2.03 28.68
N SER C 151 -10.74 2.57 27.78
CA SER C 151 -10.29 1.84 26.59
C SER C 151 -8.89 2.33 26.28
N ALA C 152 -7.91 1.43 26.38
CA ALA C 152 -6.56 1.77 25.98
C ALA C 152 -6.44 1.97 24.47
N LYS C 153 -7.40 1.48 23.70
CA LYS C 153 -7.33 1.63 22.25
C LYS C 153 -7.87 3.00 21.82
N SER C 154 -9.06 3.36 22.29
CA SER C 154 -9.65 4.65 21.97
C SER C 154 -9.29 5.74 22.97
N ASN C 155 -8.52 5.41 24.01
CA ASN C 155 -8.10 6.35 25.04
C ASN C 155 -9.26 6.91 25.85
N TYR C 156 -10.43 6.28 25.75
CA TYR C 156 -11.59 6.76 26.50
C TYR C 156 -11.32 6.70 28.00
N ASN C 157 -11.30 7.86 28.65
CA ASN C 157 -11.12 8.00 30.09
C ASN C 157 -9.80 7.43 30.60
N PHE C 158 -8.84 7.16 29.71
CA PHE C 158 -7.65 6.44 30.15
C PHE C 158 -6.72 7.28 31.01
N GLU C 159 -7.01 8.57 31.22
CA GLU C 159 -6.20 9.40 32.10
C GLU C 159 -6.88 9.67 33.44
N LYS C 160 -8.16 9.33 33.59
CA LYS C 160 -8.92 9.68 34.77
C LYS C 160 -8.50 8.89 36.00
N PRO C 161 -8.13 7.61 35.88
CA PRO C 161 -7.62 6.90 37.06
C PRO C 161 -6.46 7.59 37.72
N PHE C 162 -5.50 8.10 36.94
CA PHE C 162 -4.35 8.79 37.52
C PHE C 162 -4.75 10.15 38.09
N LEU C 163 -5.70 10.84 37.46
CA LEU C 163 -6.16 12.12 37.96
C LEU C 163 -6.89 11.95 39.29
N TRP C 164 -7.78 10.96 39.36
CA TRP C 164 -8.50 10.72 40.61
C TRP C 164 -7.53 10.32 41.72
N LEU C 165 -6.57 9.45 41.41
CA LEU C 165 -5.60 9.03 42.42
C LEU C 165 -4.71 10.20 42.85
N ALA C 166 -4.26 11.01 41.90
CA ALA C 166 -3.40 12.14 42.25
C ALA C 166 -4.12 13.13 43.16
N ARG C 167 -5.43 13.27 42.99
CA ARG C 167 -6.18 14.21 43.81
C ARG C 167 -6.29 13.70 45.25
N LYS C 168 -6.55 12.41 45.42
CA LYS C 168 -6.61 11.83 46.76
C LYS C 168 -5.25 11.92 47.46
N LEU C 169 -4.20 11.48 46.77
CA LEU C 169 -2.88 11.44 47.39
C LEU C 169 -2.38 12.84 47.73
N ILE C 170 -2.67 13.82 46.87
CA ILE C 170 -2.19 15.18 47.11
C ILE C 170 -3.11 15.91 48.08
N GLY C 171 -4.39 15.56 48.11
CA GLY C 171 -5.34 16.27 48.94
C GLY C 171 -5.95 17.50 48.30
N ASP C 172 -5.90 17.60 46.98
CA ASP C 172 -6.50 18.72 46.25
C ASP C 172 -7.60 18.18 45.36
N PRO C 173 -8.88 18.28 45.75
CA PRO C 173 -9.96 17.77 44.90
C PRO C 173 -10.03 18.46 43.55
N ASN C 174 -9.37 19.60 43.37
CA ASN C 174 -9.42 20.35 42.12
C ASN C 174 -8.10 20.33 41.37
N LEU C 175 -7.22 19.38 41.68
CA LEU C 175 -5.97 19.25 40.94
C LEU C 175 -6.27 19.03 39.46
N GLU C 176 -5.52 19.72 38.60
CA GLU C 176 -5.74 19.69 37.17
C GLU C 176 -4.50 19.16 36.46
N PHE C 177 -4.70 18.21 35.55
CA PHE C 177 -3.65 17.84 34.60
C PHE C 177 -3.59 18.93 33.53
N VAL C 178 -2.41 19.52 33.35
CA VAL C 178 -2.23 20.66 32.45
C VAL C 178 -1.29 20.25 31.33
N ALA C 179 -1.20 21.11 30.32
CA ALA C 179 -0.31 20.85 29.21
C ALA C 179 1.13 20.74 29.70
N MET C 180 1.84 19.74 29.19
CA MET C 180 3.24 19.55 29.54
C MET C 180 4.07 20.73 29.06
N PRO C 181 4.81 21.42 29.94
CA PRO C 181 5.66 22.52 29.47
C PRO C 181 6.65 22.04 28.41
N ALA C 182 6.68 22.73 27.28
CA ALA C 182 7.54 22.36 26.16
C ALA C 182 8.85 23.13 26.27
N LEU C 183 9.76 22.58 27.08
CA LEU C 183 11.09 23.16 27.21
C LEU C 183 11.80 23.18 25.85
N ALA C 184 12.77 24.08 25.74
CA ALA C 184 13.50 24.20 24.49
C ALA C 184 14.37 22.97 24.27
N PRO C 185 14.41 22.44 23.05
CA PRO C 185 15.23 21.26 22.78
C PRO C 185 16.69 21.65 22.64
N PRO C 186 17.59 20.67 22.55
CA PRO C 186 19.02 20.98 22.49
C PRO C 186 19.43 21.53 21.13
N GLU C 187 20.45 22.39 21.17
CA GLU C 187 21.17 22.79 19.96
C GLU C 187 22.14 21.66 19.59
N VAL C 188 21.99 21.09 18.40
CA VAL C 188 22.78 19.92 18.01
C VAL C 188 23.29 20.09 16.60
N VAL C 189 24.53 19.66 16.38
CA VAL C 189 25.14 19.58 15.06
C VAL C 189 25.41 18.11 14.75
N MET C 190 25.34 17.76 13.46
CA MET C 190 25.46 16.36 13.08
C MET C 190 26.83 15.81 13.48
N ASP C 191 26.85 14.54 13.85
CA ASP C 191 28.09 13.83 14.12
C ASP C 191 28.45 13.03 12.87
N PRO C 192 29.50 13.40 12.13
CA PRO C 192 29.79 12.68 10.88
C PRO C 192 30.07 11.21 11.08
N ALA C 193 30.61 10.83 12.23
CA ALA C 193 30.86 9.41 12.50
C ALA C 193 29.56 8.64 12.62
N LEU C 194 28.58 9.18 13.35
CA LEU C 194 27.28 8.55 13.51
C LEU C 194 26.35 8.78 12.33
N ALA C 195 26.83 9.45 11.27
CA ALA C 195 25.96 9.76 10.14
C ALA C 195 25.57 8.50 9.38
N ALA C 196 26.53 7.60 9.13
CA ALA C 196 26.24 6.40 8.34
C ALA C 196 25.22 5.52 9.05
N GLN C 197 25.32 5.40 10.37
CA GLN C 197 24.37 4.56 11.10
C GLN C 197 22.95 5.13 10.99
N TYR C 198 22.79 6.41 11.30
CA TYR C 198 21.46 7.02 11.22
C TYR C 198 20.92 6.96 9.80
N GLU C 199 21.78 7.13 8.80
CA GLU C 199 21.32 7.05 7.41
C GLU C 199 20.81 5.66 7.07
N HIS C 200 21.44 4.63 7.63
CA HIS C 200 20.94 3.27 7.42
C HIS C 200 19.64 3.05 8.19
N ASP C 201 19.56 3.54 9.43
CA ASP C 201 18.33 3.40 10.20
C ASP C 201 17.19 4.19 9.56
N LEU C 202 17.49 5.32 8.93
CA LEU C 202 16.45 6.10 8.27
C LEU C 202 16.01 5.44 6.97
N GLU C 203 16.88 4.66 6.34
CA GLU C 203 16.51 4.00 5.09
C GLU C 203 15.62 2.79 5.33
N VAL C 204 15.92 2.00 6.37
CA VAL C 204 15.04 0.89 6.71
C VAL C 204 13.68 1.40 7.16
N ALA C 205 13.67 2.55 7.86
CA ALA C 205 12.39 3.14 8.26
C ALA C 205 11.62 3.66 7.06
N GLN C 206 12.30 4.35 6.15
CA GLN C 206 11.63 4.87 4.96
C GLN C 206 11.05 3.76 4.11
N THR C 207 11.75 2.61 4.04
CA THR C 207 11.25 1.49 3.24
C THR C 207 10.13 0.75 3.96
N THR C 208 10.22 0.61 5.28
CA THR C 208 9.18 -0.06 6.04
C THR C 208 7.90 0.77 5.98
N ALA C 209 6.80 0.16 5.54
CA ALA C 209 5.55 0.88 5.39
C ALA C 209 4.91 1.13 6.75
N LEU C 210 4.14 2.20 6.84
CA LEU C 210 3.45 2.55 8.07
C LEU C 210 2.30 1.57 8.33
N PRO C 211 1.81 1.50 9.56
CA PRO C 211 0.62 0.69 9.82
C PRO C 211 -0.55 1.16 8.98
N ASP C 212 -1.48 0.25 8.73
CA ASP C 212 -2.61 0.59 7.88
C ASP C 212 -3.45 1.67 8.51
N GLU C 213 -4.09 2.48 7.67
CA GLU C 213 -4.84 3.64 8.15
C GLU C 213 -6.02 3.19 9.00
N ASP C 214 -6.41 4.06 9.93
CA ASP C 214 -7.52 3.83 10.83
C ASP C 214 -8.39 5.09 10.88
N ASP C 215 -9.55 4.97 11.51
CA ASP C 215 -10.47 6.09 11.66
C ASP C 215 -10.08 7.02 12.80
N ASP C 216 -8.90 6.83 13.40
CA ASP C 216 -8.48 7.72 14.48
C ASP C 216 -8.37 9.16 13.99
N LEU C 217 -7.79 9.37 12.82
CA LEU C 217 -7.70 10.70 12.23
C LEU C 217 -9.03 11.11 11.61
N PHE D 6 -9.60 9.04 52.67
CA PHE D 6 -8.16 8.89 52.51
C PHE D 6 -7.44 10.16 52.91
N GLU D 7 -6.31 10.02 53.61
CA GLU D 7 -5.53 11.18 54.04
C GLU D 7 -4.34 11.38 53.12
N PRO D 8 -3.96 12.63 52.82
CA PRO D 8 -2.83 12.86 51.92
C PRO D 8 -1.55 12.22 52.46
N VAL D 9 -0.70 11.79 51.54
CA VAL D 9 0.57 11.14 51.88
C VAL D 9 1.73 12.14 51.90
N VAL D 10 1.72 13.11 50.99
CA VAL D 10 2.79 14.09 50.91
C VAL D 10 2.24 15.45 51.33
N PRO D 11 3.10 16.42 51.66
CA PRO D 11 2.61 17.79 51.82
C PRO D 11 2.00 18.31 50.53
N LEU D 12 1.22 19.38 50.65
CA LEU D 12 0.54 19.96 49.50
C LEU D 12 1.50 20.82 48.71
N PRO D 13 1.97 20.39 47.53
CA PRO D 13 2.88 21.23 46.76
C PRO D 13 2.20 22.50 46.26
N ASP D 14 2.96 23.60 46.29
CA ASP D 14 2.41 24.89 45.90
C ASP D 14 1.97 24.86 44.44
N LYS D 15 0.98 25.69 44.13
CA LYS D 15 0.61 25.93 42.75
C LYS D 15 1.80 26.56 42.01
N ILE D 16 1.88 26.29 40.71
CA ILE D 16 2.98 26.77 39.89
C ILE D 16 2.43 27.72 38.83
N GLU D 17 3.35 28.42 38.17
CA GLU D 17 3.02 29.27 37.03
C GLU D 17 2.85 28.36 35.82
N VAL D 18 1.60 28.10 35.46
CA VAL D 18 1.30 27.16 34.38
C VAL D 18 1.64 27.81 33.04
N LYS D 19 2.55 27.19 32.29
CA LYS D 19 2.98 27.69 31.01
C LYS D 19 3.07 26.53 30.02
N THR D 20 2.85 26.83 28.75
CA THR D 20 2.94 25.82 27.71
C THR D 20 4.34 25.68 27.12
N GLY D 21 5.21 26.67 27.34
CA GLY D 21 6.51 26.71 26.70
C GLY D 21 6.51 27.31 25.32
N GLU D 22 5.34 27.73 24.80
CA GLU D 22 5.22 28.28 23.47
C GLU D 22 4.90 29.78 23.50
N GLU D 23 5.00 30.41 24.67
CA GLU D 23 4.57 31.80 24.80
C GLU D 23 5.45 32.74 23.99
N ASP D 24 6.73 32.41 23.82
CA ASP D 24 7.65 33.27 23.09
C ASP D 24 7.86 32.83 21.64
N GLU D 25 6.93 32.06 21.10
CA GLU D 25 7.03 31.56 19.73
C GLU D 25 5.74 31.85 18.97
N GLU D 26 5.86 31.91 17.65
CA GLU D 26 4.73 32.11 16.77
C GLU D 26 4.54 30.87 15.89
N GLU D 27 3.30 30.61 15.50
CA GLU D 27 2.97 29.39 14.78
C GLU D 27 3.03 29.62 13.28
N PHE D 28 3.94 28.91 12.60
CA PHE D 28 3.90 28.82 11.15
C PHE D 28 2.89 27.80 10.68
N PHE D 29 2.55 26.81 11.51
CA PHE D 29 1.72 25.69 11.10
C PHE D 29 1.14 25.05 12.34
N CYS D 30 -0.13 24.63 12.23
CA CYS D 30 -0.78 23.89 13.32
C CYS D 30 -1.92 23.09 12.70
N ASN D 31 -1.83 21.77 12.80
CA ASN D 31 -2.80 20.88 12.18
C ASN D 31 -2.80 19.56 12.92
N ARG D 32 -3.95 18.89 12.91
CA ARG D 32 -4.07 17.59 13.54
C ARG D 32 -3.33 16.55 12.68
N ALA D 33 -2.71 15.58 13.36
CA ALA D 33 -1.93 14.56 12.67
C ALA D 33 -1.64 13.43 13.65
N LYS D 34 -1.23 12.29 13.09
CA LYS D 34 -0.78 11.14 13.86
C LYS D 34 0.72 10.95 13.64
N LEU D 35 1.45 10.74 14.73
CA LEU D 35 2.89 10.56 14.68
C LEU D 35 3.26 9.11 14.93
N PHE D 36 4.37 8.69 14.35
CA PHE D 36 4.91 7.35 14.55
C PHE D 36 6.40 7.44 14.84
N ARG D 37 6.92 6.43 15.52
CA ARG D 37 8.34 6.29 15.78
C ARG D 37 8.78 4.89 15.44
N PHE D 38 9.85 4.77 14.66
CA PHE D 38 10.31 3.48 14.18
C PHE D 38 11.14 2.78 15.26
N ASP D 39 10.85 1.51 15.49
CA ASP D 39 11.61 0.69 16.43
C ASP D 39 12.55 -0.21 15.61
N VAL D 40 13.86 0.03 15.75
CA VAL D 40 14.82 -0.73 14.97
C VAL D 40 14.82 -2.20 15.39
N GLU D 41 14.64 -2.46 16.69
CA GLU D 41 14.74 -3.83 17.18
C GLU D 41 13.70 -4.74 16.52
N SER D 42 12.45 -4.29 16.48
CA SER D 42 11.36 -5.04 15.87
C SER D 42 11.12 -4.65 14.42
N LYS D 43 11.87 -3.67 13.89
CA LYS D 43 11.68 -3.18 12.54
C LYS D 43 10.20 -2.91 12.26
N GLU D 44 9.56 -2.17 13.17
CA GLU D 44 8.14 -1.87 13.03
C GLU D 44 7.86 -0.44 13.48
N TRP D 45 6.92 0.22 12.80
CA TRP D 45 6.48 1.54 13.20
C TRP D 45 5.48 1.43 14.35
N LYS D 46 5.67 2.25 15.37
CA LYS D 46 4.80 2.26 16.54
C LYS D 46 4.11 3.62 16.66
N GLU D 47 2.84 3.60 17.05
CA GLU D 47 2.12 4.85 17.25
C GLU D 47 2.80 5.65 18.35
N ARG D 48 3.00 6.95 18.10
CA ARG D 48 3.72 7.82 19.01
C ARG D 48 2.87 8.91 19.62
N GLY D 49 1.75 9.27 18.97
CA GLY D 49 0.85 10.27 19.51
C GLY D 49 -0.07 10.82 18.43
N ILE D 50 -1.24 11.30 18.83
CA ILE D 50 -2.18 11.92 17.90
C ILE D 50 -2.60 13.27 18.48
N GLY D 51 -2.53 14.30 17.64
CA GLY D 51 -2.85 15.65 18.10
C GLY D 51 -2.39 16.69 17.10
N ASN D 52 -2.14 17.89 17.62
CA ASN D 52 -1.71 19.01 16.80
C ASN D 52 -0.18 19.03 16.72
N VAL D 53 0.35 19.00 15.50
CA VAL D 53 1.76 19.23 15.25
C VAL D 53 1.93 20.70 14.87
N LYS D 54 2.97 21.33 15.39
CA LYS D 54 3.18 22.76 15.19
C LYS D 54 4.60 23.04 14.72
N ILE D 55 4.74 24.07 13.90
CA ILE D 55 6.03 24.62 13.53
C ILE D 55 6.12 25.99 14.19
N LEU D 56 7.04 26.14 15.14
CA LEU D 56 7.11 27.31 16.00
C LEU D 56 8.42 28.03 15.80
N ARG D 57 8.35 29.33 15.56
CA ARG D 57 9.52 30.19 15.43
C ARG D 57 9.59 31.12 16.63
N HIS D 58 10.76 31.16 17.28
CA HIS D 58 10.95 32.04 18.42
C HIS D 58 11.01 33.49 17.97
N LYS D 59 10.36 34.38 18.73
CA LYS D 59 10.14 35.75 18.28
C LYS D 59 11.42 36.57 18.28
N THR D 60 12.41 36.22 19.08
CA THR D 60 13.66 36.97 19.15
C THR D 60 14.85 36.22 18.58
N SER D 61 15.02 34.95 18.96
CA SER D 61 16.16 34.18 18.45
C SER D 61 15.97 33.75 17.01
N GLY D 62 14.74 33.64 16.53
CA GLY D 62 14.47 33.17 15.19
C GLY D 62 14.60 31.67 15.00
N LYS D 63 14.84 30.92 16.05
CA LYS D 63 14.97 29.48 15.92
C LYS D 63 13.59 28.84 15.73
N ILE D 64 13.55 27.83 14.88
CA ILE D 64 12.30 27.15 14.53
C ILE D 64 12.39 25.71 15.00
N ARG D 65 11.27 25.20 15.53
CA ARG D 65 11.21 23.82 15.97
C ARG D 65 9.87 23.21 15.55
N LEU D 66 9.85 21.88 15.56
CA LEU D 66 8.62 21.12 15.40
C LEU D 66 8.19 20.63 16.77
N LEU D 67 6.93 20.86 17.12
CA LEU D 67 6.40 20.51 18.42
C LEU D 67 5.04 19.86 18.23
N MET D 68 4.82 18.73 18.91
CA MET D 68 3.56 18.00 18.80
C MET D 68 3.16 17.50 20.18
N ARG D 69 1.86 17.58 20.46
CA ARG D 69 1.29 17.16 21.74
C ARG D 69 0.21 16.12 21.51
N ARG D 70 0.18 15.11 22.38
CA ARG D 70 -0.91 14.14 22.35
C ARG D 70 -2.18 14.77 22.89
N GLU D 71 -3.33 14.32 22.39
CA GLU D 71 -4.60 14.76 22.94
C GLU D 71 -4.79 14.19 24.34
N GLN D 72 -5.71 14.79 25.09
CA GLN D 72 -6.15 14.31 26.40
C GLN D 72 -5.07 14.48 27.46
N VAL D 73 -3.95 13.76 27.33
CA VAL D 73 -2.87 13.92 28.31
C VAL D 73 -2.04 15.16 28.01
N LEU D 74 -2.14 15.71 26.81
CA LEU D 74 -1.41 16.92 26.42
C LEU D 74 0.09 16.78 26.65
N LYS D 75 0.59 15.54 26.71
CA LYS D 75 2.02 15.30 26.83
C LYS D 75 2.68 15.48 25.47
N ILE D 76 3.96 15.82 25.49
CA ILE D 76 4.70 16.10 24.26
C ILE D 76 5.13 14.77 23.63
N CYS D 77 4.90 14.64 22.32
CA CYS D 77 5.30 13.46 21.57
C CYS D 77 6.32 13.77 20.48
N ALA D 78 6.79 15.02 20.39
CA ALA D 78 7.85 15.40 19.45
C ALA D 78 8.31 16.82 19.74
N ASN D 79 9.62 17.03 19.85
CA ASN D 79 10.15 18.35 20.17
C ASN D 79 11.60 18.39 19.70
N HIS D 80 11.85 19.03 18.57
CA HIS D 80 13.19 19.13 18.03
C HIS D 80 13.28 20.35 17.13
N TYR D 81 14.46 20.97 17.12
CA TYR D 81 14.72 22.04 16.17
C TYR D 81 14.82 21.47 14.76
N ILE D 82 14.24 22.17 13.80
CA ILE D 82 14.32 21.76 12.40
C ILE D 82 15.70 22.12 11.87
N SER D 83 16.34 21.16 11.23
CA SER D 83 17.68 21.33 10.70
C SER D 83 17.68 21.25 9.18
N PRO D 84 18.72 21.78 8.53
CA PRO D 84 18.80 21.66 7.06
C PRO D 84 19.08 20.25 6.59
N ASP D 85 19.51 19.35 7.47
CA ASP D 85 19.76 17.97 7.09
C ASP D 85 18.48 17.15 7.00
N MET D 86 17.43 17.57 7.71
CA MET D 86 16.17 16.84 7.65
C MET D 86 15.59 16.92 6.24
N LYS D 87 14.98 15.81 5.81
CA LYS D 87 14.34 15.74 4.49
C LYS D 87 13.07 14.94 4.63
N LEU D 88 11.93 15.60 4.45
CA LEU D 88 10.64 14.90 4.47
C LEU D 88 10.56 13.97 3.27
N THR D 89 10.38 12.68 3.53
CA THR D 89 10.36 11.66 2.49
C THR D 89 9.05 10.89 2.53
N PRO D 90 8.24 10.91 1.47
CA PRO D 90 7.00 10.13 1.51
C PRO D 90 7.25 8.67 1.86
N ASN D 91 6.30 8.08 2.58
CA ASN D 91 6.40 6.70 3.03
C ASN D 91 5.59 5.80 2.10
N ALA D 92 6.27 4.83 1.48
CA ALA D 92 5.61 3.84 0.64
C ALA D 92 4.70 4.49 -0.39
N GLY D 93 5.24 5.48 -1.10
CA GLY D 93 4.48 6.17 -2.12
C GLY D 93 3.19 6.78 -1.63
N SER D 94 3.16 7.22 -0.37
CA SER D 94 1.98 7.86 0.18
C SER D 94 2.03 9.36 -0.07
N ASP D 95 0.86 9.95 -0.34
CA ASP D 95 0.73 11.38 -0.54
C ASP D 95 0.27 12.10 0.72
N ARG D 96 0.22 11.40 1.86
CA ARG D 96 -0.28 11.98 3.10
C ARG D 96 0.68 11.85 4.27
N SER D 97 1.81 11.18 4.10
CA SER D 97 2.72 10.89 5.20
C SER D 97 4.16 11.17 4.80
N PHE D 98 4.99 11.45 5.80
CA PHE D 98 6.40 11.76 5.59
C PHE D 98 7.23 11.08 6.66
N VAL D 99 8.46 10.73 6.29
CA VAL D 99 9.44 10.15 7.20
C VAL D 99 10.65 11.07 7.23
N TRP D 100 11.26 11.20 8.41
CA TRP D 100 12.45 12.01 8.56
C TRP D 100 13.11 11.66 9.88
N HIS D 101 14.38 12.07 10.01
CA HIS D 101 15.19 11.80 11.18
C HIS D 101 15.34 13.07 12.02
N ALA D 102 15.41 12.90 13.33
CA ALA D 102 15.50 14.04 14.23
C ALA D 102 16.07 13.59 15.56
N LEU D 103 16.79 14.51 16.22
CA LEU D 103 17.23 14.31 17.60
C LEU D 103 16.12 14.88 18.49
N ASP D 104 15.20 14.01 18.88
CA ASP D 104 13.97 14.45 19.52
C ASP D 104 14.17 14.67 21.02
N TYR D 105 13.25 15.44 21.60
CA TYR D 105 13.32 15.80 23.01
C TYR D 105 11.96 15.65 23.70
N ALA D 106 11.08 14.81 23.18
CA ALA D 106 9.74 14.67 23.74
C ALA D 106 9.81 14.21 25.20
N ASP D 107 10.68 13.25 25.49
CA ASP D 107 10.86 12.76 26.85
C ASP D 107 11.91 13.54 27.62
N GLU D 108 12.25 14.75 27.15
CA GLU D 108 13.25 15.60 27.80
C GLU D 108 14.61 14.89 27.92
N LEU D 109 14.87 13.96 27.00
CA LEU D 109 16.17 13.32 26.84
C LEU D 109 16.48 13.32 25.35
N PRO D 110 17.68 13.71 24.93
CA PRO D 110 18.00 13.71 23.50
C PRO D 110 18.04 12.28 22.96
N LYS D 111 17.14 11.98 22.03
CA LYS D 111 17.02 10.65 21.44
C LYS D 111 17.06 10.77 19.93
N PRO D 112 17.99 10.10 19.23
CA PRO D 112 17.89 10.02 17.77
C PRO D 112 16.77 9.07 17.38
N GLU D 113 15.87 9.53 16.52
CA GLU D 113 14.66 8.78 16.21
C GLU D 113 14.31 8.95 14.73
N GLN D 114 13.77 7.87 14.15
CA GLN D 114 13.15 7.91 12.83
C GLN D 114 11.66 8.12 13.05
N LEU D 115 11.15 9.27 12.65
CA LEU D 115 9.76 9.63 12.89
C LEU D 115 8.97 9.61 11.58
N ALA D 116 7.66 9.42 11.73
CA ALA D 116 6.74 9.50 10.60
C ALA D 116 5.48 10.20 11.07
N ILE D 117 4.92 11.02 10.19
CA ILE D 117 3.72 11.80 10.48
C ILE D 117 2.75 11.61 9.32
N ARG D 118 1.48 11.40 9.65
CA ARG D 118 0.44 11.17 8.66
C ARG D 118 -0.70 12.14 8.88
N PHE D 119 -1.25 12.66 7.77
CA PHE D 119 -2.39 13.57 7.80
C PHE D 119 -3.58 12.90 7.12
N LYS D 120 -4.76 13.47 7.35
CA LYS D 120 -5.98 12.86 6.83
C LYS D 120 -6.13 13.08 5.33
N THR D 121 -5.64 14.19 4.81
CA THR D 121 -5.78 14.55 3.41
C THR D 121 -4.43 14.89 2.83
N PRO D 122 -4.26 14.74 1.51
CA PRO D 122 -3.01 15.18 0.89
C PRO D 122 -2.80 16.68 0.98
N GLU D 123 -3.88 17.46 1.01
CA GLU D 123 -3.73 18.91 1.10
C GLU D 123 -3.12 19.31 2.45
N GLU D 124 -3.48 18.60 3.52
CA GLU D 124 -2.88 18.86 4.82
C GLU D 124 -1.42 18.45 4.83
N ALA D 125 -1.12 17.27 4.29
CA ALA D 125 0.28 16.85 4.19
C ALA D 125 1.09 17.81 3.34
N ALA D 126 0.48 18.39 2.30
CA ALA D 126 1.21 19.30 1.42
C ALA D 126 1.51 20.62 2.11
N LEU D 127 0.56 21.13 2.92
CA LEU D 127 0.82 22.38 3.62
C LEU D 127 1.89 22.19 4.69
N PHE D 128 1.90 21.04 5.36
CA PHE D 128 2.95 20.75 6.33
C PHE D 128 4.32 20.76 5.65
N LYS D 129 4.45 20.05 4.54
CA LYS D 129 5.71 20.04 3.80
C LYS D 129 6.11 21.45 3.38
N CYS D 130 5.17 22.22 2.85
CA CYS D 130 5.47 23.59 2.42
C CYS D 130 6.03 24.40 3.58
N LYS D 131 5.35 24.37 4.73
CA LYS D 131 5.80 25.17 5.87
C LYS D 131 7.04 24.58 6.52
N PHE D 132 7.18 23.26 6.49
CA PHE D 132 8.41 22.64 6.99
C PHE D 132 9.61 23.10 6.17
N GLU D 133 9.46 23.17 4.85
CA GLU D 133 10.57 23.54 3.99
C GLU D 133 10.80 25.06 3.98
N GLU D 134 9.75 25.86 4.14
CA GLU D 134 9.95 27.29 4.32
C GLU D 134 10.82 27.56 5.55
N ALA D 135 10.60 26.80 6.63
CA ALA D 135 11.42 26.96 7.82
C ALA D 135 12.87 26.59 7.54
N GLN D 136 13.09 25.51 6.79
CA GLN D 136 14.45 25.08 6.48
C GLN D 136 15.22 26.12 5.67
N SER D 137 14.52 27.06 5.03
CA SER D 137 15.17 28.08 4.24
C SER D 137 15.57 29.31 5.04
N ILE D 138 14.99 29.49 6.24
CA ILE D 138 15.27 30.69 7.03
C ILE D 138 15.69 30.30 8.44
N LEU D 139 16.36 29.15 8.56
CA LEU D 139 16.81 28.68 9.86
C LEU D 139 17.85 29.62 10.45
N LYS D 140 17.81 29.78 11.77
CA LYS D 140 18.78 30.59 12.50
C LYS D 140 19.30 29.84 13.72
N PRO E 8 -21.22 -5.09 -0.29
CA PRO E 8 -22.37 -4.23 -0.61
C PRO E 8 -21.94 -3.00 -1.39
N GLN E 9 -22.75 -2.54 -2.34
CA GLN E 9 -22.33 -1.53 -3.29
C GLN E 9 -23.38 -0.43 -3.43
N VAL E 10 -22.94 0.70 -3.98
CA VAL E 10 -23.78 1.86 -4.24
C VAL E 10 -24.44 1.66 -5.59
N GLN E 11 -25.75 1.38 -5.60
CA GLN E 11 -26.52 1.16 -6.81
C GLN E 11 -27.66 2.16 -6.90
N PHE E 12 -28.02 2.54 -8.11
CA PHE E 12 -29.14 3.43 -8.36
C PHE E 12 -29.94 2.92 -9.54
N LYS E 13 -31.26 2.87 -9.40
CA LYS E 13 -32.14 2.54 -10.51
C LYS E 13 -32.43 3.80 -11.32
N LEU E 14 -32.10 3.76 -12.60
CA LEU E 14 -32.31 4.87 -13.52
C LEU E 14 -33.22 4.41 -14.64
N VAL E 15 -34.29 5.15 -14.89
CA VAL E 15 -35.23 4.85 -15.97
C VAL E 15 -34.96 5.82 -17.11
N LEU E 16 -34.73 5.27 -18.30
CA LEU E 16 -34.43 6.04 -19.51
C LEU E 16 -35.68 6.04 -20.38
N VAL E 17 -36.23 7.23 -20.63
CA VAL E 17 -37.49 7.37 -21.34
C VAL E 17 -37.35 8.42 -22.42
N GLY E 18 -38.27 8.39 -23.36
CA GLY E 18 -38.28 9.31 -24.48
C GLY E 18 -38.92 8.67 -25.69
N ASP E 19 -39.26 9.51 -26.66
CA ASP E 19 -39.92 9.03 -27.87
C ASP E 19 -39.03 8.02 -28.60
N GLY E 20 -39.68 7.17 -29.39
CA GLY E 20 -38.94 6.18 -30.15
C GLY E 20 -38.07 6.84 -31.21
N GLY E 21 -36.83 6.37 -31.31
CA GLY E 21 -35.88 6.88 -32.27
C GLY E 21 -35.02 8.02 -31.78
N THR E 22 -35.14 8.39 -30.50
CA THR E 22 -34.31 9.46 -29.96
C THR E 22 -32.89 9.03 -29.68
N GLY E 23 -32.63 7.73 -29.65
CA GLY E 23 -31.30 7.20 -29.42
C GLY E 23 -31.06 6.66 -28.03
N LYS E 24 -32.11 6.23 -27.32
CA LYS E 24 -31.93 5.77 -25.95
C LYS E 24 -31.04 4.53 -25.90
N THR E 25 -31.32 3.54 -26.74
CA THR E 25 -30.57 2.29 -26.68
C THR E 25 -29.16 2.46 -27.24
N THR E 26 -28.99 3.33 -28.24
CA THR E 26 -27.65 3.62 -28.73
C THR E 26 -26.81 4.30 -27.65
N PHE E 27 -27.42 5.23 -26.92
CA PHE E 27 -26.73 5.92 -25.84
C PHE E 27 -26.25 4.93 -24.78
N VAL E 28 -27.11 3.98 -24.40
CA VAL E 28 -26.73 3.01 -23.37
C VAL E 28 -25.62 2.09 -23.88
N LYS E 29 -25.81 1.51 -25.07
CA LYS E 29 -24.81 0.60 -25.61
C LYS E 29 -23.46 1.27 -25.76
N ARG E 30 -23.45 2.56 -26.11
CA ARG E 30 -22.19 3.30 -26.22
C ARG E 30 -21.43 3.24 -24.89
N HIS E 31 -22.12 3.54 -23.79
CA HIS E 31 -21.47 3.44 -22.48
C HIS E 31 -21.13 2.01 -22.13
N LEU E 32 -21.98 1.06 -22.53
CA LEU E 32 -21.81 -0.32 -22.08
C LEU E 32 -20.64 -1.00 -22.77
N THR E 33 -20.53 -0.86 -24.09
CA THR E 33 -19.51 -1.55 -24.85
C THR E 33 -18.66 -0.65 -25.73
N GLY E 34 -19.00 0.64 -25.86
CA GLY E 34 -18.31 1.53 -26.75
C GLY E 34 -18.78 1.48 -28.19
N GLU E 35 -19.59 0.47 -28.55
CA GLU E 35 -20.10 0.38 -29.91
C GLU E 35 -21.03 1.55 -30.22
N PHE E 36 -21.18 1.84 -31.50
CA PHE E 36 -22.19 2.78 -31.99
C PHE E 36 -23.10 1.98 -32.92
N GLU E 37 -24.28 1.63 -32.44
CA GLU E 37 -25.24 0.89 -33.24
C GLU E 37 -25.92 1.85 -34.21
N LYS E 38 -25.71 1.62 -35.51
CA LYS E 38 -26.29 2.46 -36.55
C LYS E 38 -27.68 2.04 -36.95
N LYS E 39 -28.18 0.91 -36.43
CA LYS E 39 -29.46 0.34 -36.83
C LYS E 39 -30.54 0.70 -35.81
N TYR E 40 -31.74 1.00 -36.30
CA TYR E 40 -32.90 1.36 -35.48
C TYR E 40 -33.70 0.08 -35.22
N VAL E 41 -33.26 -0.65 -34.20
CA VAL E 41 -33.94 -1.86 -33.75
C VAL E 41 -34.70 -1.50 -32.48
N ALA E 42 -35.99 -1.18 -32.63
CA ALA E 42 -36.77 -0.68 -31.51
C ALA E 42 -36.75 -1.64 -30.33
N THR E 43 -36.74 -1.08 -29.12
CA THR E 43 -36.75 -1.86 -27.90
C THR E 43 -38.15 -2.41 -27.64
N LEU E 44 -38.19 -3.60 -27.05
CA LEU E 44 -39.44 -4.31 -26.76
C LEU E 44 -39.64 -4.30 -25.25
N GLY E 45 -40.36 -3.29 -24.76
CA GLY E 45 -40.67 -3.20 -23.35
C GLY E 45 -39.61 -2.45 -22.57
N VAL E 46 -38.62 -3.17 -22.04
CA VAL E 46 -37.56 -2.55 -21.26
C VAL E 46 -36.42 -3.55 -21.13
N GLU E 47 -35.19 -3.06 -21.31
CA GLU E 47 -33.98 -3.83 -21.06
C GLU E 47 -33.19 -3.11 -19.98
N VAL E 48 -32.71 -3.87 -18.99
CA VAL E 48 -31.99 -3.32 -17.85
C VAL E 48 -30.51 -3.58 -18.04
N HIS E 49 -29.73 -2.51 -18.17
CA HIS E 49 -28.29 -2.60 -18.41
C HIS E 49 -27.55 -1.93 -17.26
N PRO E 50 -26.68 -2.64 -16.53
CA PRO E 50 -25.88 -1.97 -15.50
C PRO E 50 -24.69 -1.23 -16.11
N LEU E 51 -24.51 0.03 -15.70
CA LEU E 51 -23.36 0.83 -16.07
C LEU E 51 -22.62 1.23 -14.80
N VAL E 52 -21.31 0.98 -14.78
CA VAL E 52 -20.48 1.28 -13.62
C VAL E 52 -19.56 2.44 -13.97
N PHE E 53 -19.55 3.46 -13.12
CA PHE E 53 -18.62 4.57 -13.23
C PHE E 53 -17.75 4.59 -11.97
N HIS E 54 -16.51 5.06 -12.13
CA HIS E 54 -15.54 5.09 -11.06
C HIS E 54 -15.32 6.54 -10.62
N THR E 55 -15.55 6.80 -9.35
CA THR E 55 -15.50 8.15 -8.79
C THR E 55 -14.40 8.24 -7.75
N ASN E 56 -14.10 9.48 -7.33
CA ASN E 56 -13.18 9.70 -6.23
C ASN E 56 -13.72 9.17 -4.91
N ARG E 57 -15.00 8.76 -4.87
CA ARG E 57 -15.58 8.10 -3.71
C ARG E 57 -15.92 6.64 -3.99
N GLY E 58 -15.28 6.03 -4.99
CA GLY E 58 -15.47 4.64 -5.28
C GLY E 58 -16.36 4.40 -6.48
N PRO E 59 -16.63 3.13 -6.78
CA PRO E 59 -17.50 2.80 -7.92
C PRO E 59 -18.97 3.00 -7.57
N ILE E 60 -19.74 3.44 -8.56
CA ILE E 60 -21.18 3.55 -8.46
C ILE E 60 -21.78 2.90 -9.70
N LYS E 61 -22.92 2.23 -9.51
CA LYS E 61 -23.57 1.48 -10.58
C LYS E 61 -24.94 2.06 -10.87
N PHE E 62 -25.18 2.42 -12.13
CA PHE E 62 -26.48 2.82 -12.61
C PHE E 62 -27.12 1.63 -13.31
N ASN E 63 -28.15 1.06 -12.68
CA ASN E 63 -28.97 0.03 -13.33
C ASN E 63 -29.96 0.75 -14.23
N VAL E 64 -29.58 0.96 -15.48
CA VAL E 64 -30.38 1.73 -16.42
C VAL E 64 -31.50 0.85 -16.97
N TRP E 65 -32.74 1.34 -16.84
CA TRP E 65 -33.92 0.67 -17.39
C TRP E 65 -34.22 1.34 -18.73
N ASP E 66 -33.75 0.72 -19.81
CA ASP E 66 -33.91 1.27 -21.16
C ASP E 66 -35.30 0.92 -21.66
N THR E 67 -36.23 1.85 -21.49
CA THR E 67 -37.62 1.61 -21.88
C THR E 67 -37.83 1.92 -23.36
N ALA E 68 -38.85 1.32 -23.94
CA ALA E 68 -39.22 1.53 -25.33
C ALA E 68 -40.14 2.74 -25.45
N GLY E 69 -39.99 3.47 -26.55
CA GLY E 69 -40.82 4.64 -26.80
C GLY E 69 -42.20 4.34 -27.33
N GLN E 70 -42.45 3.10 -27.77
CA GLN E 70 -43.73 2.76 -28.38
C GLN E 70 -44.87 2.89 -27.38
N GLU E 71 -46.01 3.37 -27.87
CA GLU E 71 -47.19 3.52 -27.03
C GLU E 71 -47.72 2.18 -26.55
N LYS E 72 -47.35 1.08 -27.21
CA LYS E 72 -47.86 -0.23 -26.83
C LYS E 72 -47.59 -0.52 -25.36
N PHE E 73 -46.45 -0.08 -24.84
CA PHE E 73 -46.02 -0.40 -23.48
C PHE E 73 -46.37 0.73 -22.51
N GLY E 74 -47.27 1.63 -22.88
CA GLY E 74 -47.61 2.74 -22.00
C GLY E 74 -48.14 2.31 -20.65
N GLY E 75 -48.87 1.19 -20.62
CA GLY E 75 -49.42 0.70 -19.36
C GLY E 75 -48.39 0.12 -18.42
N LEU E 76 -47.25 -0.32 -18.95
CA LEU E 76 -46.20 -0.92 -18.15
C LEU E 76 -45.26 0.11 -17.54
N ARG E 77 -45.31 1.37 -17.99
CA ARG E 77 -44.34 2.36 -17.54
C ARG E 77 -44.41 2.56 -16.03
N ASP E 78 -45.62 2.74 -15.50
CA ASP E 78 -45.76 2.92 -14.06
C ASP E 78 -45.16 1.76 -13.28
N GLY E 79 -45.11 0.57 -13.90
CA GLY E 79 -44.46 -0.57 -13.29
C GLY E 79 -42.96 -0.49 -13.46
N TYR E 80 -42.52 -0.01 -14.63
CA TYR E 80 -41.10 0.22 -14.83
C TYR E 80 -40.57 1.25 -13.85
N TYR E 81 -41.32 2.34 -13.64
CA TYR E 81 -40.86 3.44 -12.81
C TYR E 81 -40.92 3.15 -11.33
N ILE E 82 -41.31 1.93 -10.93
CA ILE E 82 -41.39 1.59 -9.52
C ILE E 82 -39.97 1.54 -8.94
N GLN E 83 -39.80 2.15 -7.77
CA GLN E 83 -38.52 2.19 -7.07
C GLN E 83 -37.45 2.98 -7.82
N ALA E 84 -37.85 3.77 -8.81
CA ALA E 84 -36.88 4.56 -9.57
C ALA E 84 -36.28 5.65 -8.70
N GLN E 85 -34.95 5.80 -8.77
CA GLN E 85 -34.24 6.81 -8.02
C GLN E 85 -33.78 7.99 -8.88
N CYS E 86 -33.87 7.87 -10.20
CA CYS E 86 -33.46 8.94 -11.10
C CYS E 86 -33.95 8.55 -12.50
N ALA E 87 -33.85 9.50 -13.43
CA ALA E 87 -34.32 9.24 -14.78
C ALA E 87 -33.59 10.15 -15.75
N ILE E 88 -33.62 9.76 -17.02
CA ILE E 88 -33.14 10.58 -18.13
C ILE E 88 -34.25 10.63 -19.17
N ILE E 89 -34.67 11.84 -19.52
CA ILE E 89 -35.68 12.06 -20.55
C ILE E 89 -34.95 12.43 -21.83
N MET E 90 -35.02 11.56 -22.83
CA MET E 90 -34.29 11.71 -24.08
C MET E 90 -35.21 12.29 -25.15
N PHE E 91 -34.71 13.28 -25.90
CA PHE E 91 -35.39 13.76 -27.08
C PHE E 91 -34.34 14.01 -28.16
N ASP E 92 -34.83 14.25 -29.38
CA ASP E 92 -33.97 14.38 -30.56
C ASP E 92 -34.00 15.81 -31.06
N VAL E 93 -32.82 16.43 -31.15
CA VAL E 93 -32.75 17.81 -31.64
C VAL E 93 -33.10 17.91 -33.11
N THR E 94 -33.09 16.79 -33.83
CA THR E 94 -33.46 16.80 -35.25
C THR E 94 -34.96 16.69 -35.46
N SER E 95 -35.70 16.15 -34.49
CA SER E 95 -37.14 15.97 -34.59
C SER E 95 -37.81 16.83 -33.53
N ARG E 96 -38.73 17.70 -33.97
CA ARG E 96 -39.37 18.62 -33.04
C ARG E 96 -40.48 17.95 -32.24
N VAL E 97 -41.16 16.96 -32.82
CA VAL E 97 -42.21 16.27 -32.08
C VAL E 97 -41.65 15.58 -30.85
N THR E 98 -40.39 15.13 -30.90
CA THR E 98 -39.80 14.48 -29.74
C THR E 98 -39.65 15.44 -28.58
N TYR E 99 -39.38 16.72 -28.85
CA TYR E 99 -39.32 17.70 -27.79
C TYR E 99 -40.71 18.09 -27.30
N LYS E 100 -41.70 18.12 -28.20
CA LYS E 100 -43.05 18.43 -27.79
C LYS E 100 -43.60 17.40 -26.81
N ASN E 101 -43.08 16.18 -26.85
CA ASN E 101 -43.54 15.12 -25.96
C ASN E 101 -42.79 15.08 -24.63
N VAL E 102 -41.75 15.89 -24.47
CA VAL E 102 -41.00 15.91 -23.20
C VAL E 102 -41.92 16.16 -22.02
N PRO E 103 -42.84 17.14 -22.05
CA PRO E 103 -43.73 17.33 -20.89
C PRO E 103 -44.54 16.10 -20.55
N ASN E 104 -44.98 15.34 -21.55
CA ASN E 104 -45.75 14.13 -21.29
C ASN E 104 -44.94 13.12 -20.50
N TRP E 105 -43.70 12.88 -20.91
CA TRP E 105 -42.83 11.95 -20.19
C TRP E 105 -42.64 12.40 -18.75
N HIS E 106 -42.32 13.67 -18.56
CA HIS E 106 -42.08 14.18 -17.20
C HIS E 106 -43.31 14.03 -16.33
N ARG E 107 -44.48 14.42 -16.85
CA ARG E 107 -45.71 14.32 -16.07
C ARG E 107 -45.93 12.91 -15.57
N ASP E 108 -45.82 11.93 -16.47
CA ASP E 108 -46.03 10.53 -16.08
C ASP E 108 -44.95 10.06 -15.12
N LEU E 109 -43.72 10.57 -15.26
CA LEU E 109 -42.65 10.18 -14.34
C LEU E 109 -42.91 10.72 -12.94
N VAL E 110 -43.21 12.02 -12.83
CA VAL E 110 -43.27 12.63 -11.50
C VAL E 110 -44.50 12.15 -10.73
N ARG E 111 -45.57 11.76 -11.42
CA ARG E 111 -46.70 11.17 -10.73
C ARG E 111 -46.28 9.91 -9.99
N VAL E 112 -45.50 9.05 -10.65
CA VAL E 112 -45.11 7.78 -10.06
C VAL E 112 -43.95 7.96 -9.10
N CYS E 113 -43.01 8.84 -9.40
CA CYS E 113 -41.73 8.89 -8.70
C CYS E 113 -41.54 10.11 -7.81
N GLU E 114 -42.44 11.10 -7.85
CA GLU E 114 -42.37 12.27 -6.97
C GLU E 114 -41.01 12.93 -7.16
N ASN E 115 -40.25 13.19 -6.09
CA ASN E 115 -39.04 14.02 -6.17
C ASN E 115 -37.83 13.14 -6.47
N ILE E 116 -37.53 13.00 -7.76
CA ILE E 116 -36.32 12.29 -8.19
C ILE E 116 -35.54 13.17 -9.15
N PRO E 117 -34.21 13.13 -9.14
CA PRO E 117 -33.44 13.92 -10.11
C PRO E 117 -33.64 13.41 -11.53
N ILE E 118 -33.92 14.33 -12.45
CA ILE E 118 -34.15 14.02 -13.85
C ILE E 118 -33.24 14.89 -14.70
N VAL E 119 -32.65 14.29 -15.74
CA VAL E 119 -31.80 14.99 -16.69
C VAL E 119 -32.49 14.95 -18.04
N LEU E 120 -32.52 16.09 -18.73
CA LEU E 120 -33.07 16.20 -20.08
C LEU E 120 -31.92 16.21 -21.07
N CYS E 121 -32.01 15.38 -22.10
CA CYS E 121 -30.94 15.22 -23.08
C CYS E 121 -31.48 15.42 -24.47
N GLY E 122 -30.93 16.41 -25.17
CA GLY E 122 -31.21 16.60 -26.57
C GLY E 122 -30.15 15.90 -27.41
N ASN E 123 -30.48 14.72 -27.91
CA ASN E 123 -29.51 13.85 -28.55
C ASN E 123 -29.35 14.21 -30.02
N LYS E 124 -28.29 13.67 -30.62
CA LYS E 124 -28.02 13.78 -32.05
C LYS E 124 -27.62 15.20 -32.46
N VAL E 125 -26.92 15.92 -31.57
CA VAL E 125 -26.45 17.26 -31.93
C VAL E 125 -25.31 17.24 -32.93
N ASP E 126 -24.79 16.05 -33.25
CA ASP E 126 -23.79 15.95 -34.31
C ASP E 126 -24.38 16.28 -35.67
N ILE E 127 -25.65 15.94 -35.89
CA ILE E 127 -26.30 16.22 -37.16
C ILE E 127 -26.36 17.73 -37.37
N LYS E 128 -25.89 18.17 -38.55
CA LYS E 128 -25.79 19.60 -38.80
C LYS E 128 -27.16 20.25 -38.88
N ASP E 129 -28.12 19.60 -39.55
CA ASP E 129 -29.46 20.15 -39.73
C ASP E 129 -30.24 19.98 -38.43
N ARG E 130 -30.02 20.92 -37.51
CA ARG E 130 -30.67 20.89 -36.20
C ARG E 130 -31.97 21.67 -36.26
N LYS E 131 -33.03 21.06 -35.74
CA LYS E 131 -34.36 21.65 -35.77
C LYS E 131 -34.76 22.29 -34.44
N VAL E 132 -34.49 21.62 -33.32
CA VAL E 132 -34.77 22.18 -32.00
C VAL E 132 -33.51 22.89 -31.53
N LYS E 133 -33.54 24.22 -31.53
CA LYS E 133 -32.41 25.02 -31.12
C LYS E 133 -32.44 25.28 -29.62
N ALA E 134 -31.31 25.74 -29.08
CA ALA E 134 -31.22 25.99 -27.65
C ALA E 134 -32.26 27.01 -27.19
N LYS E 135 -32.65 27.93 -28.07
CA LYS E 135 -33.65 28.92 -27.70
C LYS E 135 -35.00 28.28 -27.43
N SER E 136 -35.39 27.30 -28.26
CA SER E 136 -36.67 26.64 -28.09
C SER E 136 -36.72 25.77 -26.85
N ILE E 137 -35.56 25.38 -26.31
CA ILE E 137 -35.47 24.47 -25.18
C ILE E 137 -35.53 25.31 -23.91
N VAL E 138 -36.70 25.36 -23.28
CA VAL E 138 -36.90 26.15 -22.06
C VAL E 138 -37.62 25.34 -21.00
N PHE E 139 -37.80 24.04 -21.24
CA PHE E 139 -38.59 23.22 -20.32
C PHE E 139 -37.82 22.92 -19.03
N HIS E 140 -36.51 22.69 -19.13
CA HIS E 140 -35.72 22.43 -17.94
C HIS E 140 -35.79 23.60 -16.96
N ARG E 141 -35.82 24.83 -17.49
CA ARG E 141 -35.96 26.00 -16.63
C ARG E 141 -37.27 25.94 -15.85
N LYS E 142 -38.33 25.41 -16.47
CA LYS E 142 -39.64 25.41 -15.83
C LYS E 142 -39.66 24.53 -14.60
N LYS E 143 -39.12 23.32 -14.70
CA LYS E 143 -39.15 22.35 -13.61
C LYS E 143 -37.83 22.25 -12.87
N ASN E 144 -36.89 23.15 -13.13
CA ASN E 144 -35.58 23.13 -12.49
C ASN E 144 -34.86 21.80 -12.73
N LEU E 145 -34.91 21.33 -13.96
CA LEU E 145 -34.18 20.13 -14.37
C LEU E 145 -32.85 20.53 -14.99
N GLN E 146 -31.97 19.54 -15.12
CA GLN E 146 -30.68 19.73 -15.77
C GLN E 146 -30.78 19.27 -17.22
N TYR E 147 -30.30 20.10 -18.14
CA TYR E 147 -30.32 19.78 -19.56
C TYR E 147 -28.91 19.66 -20.10
N TYR E 148 -28.76 18.84 -21.13
CA TYR E 148 -27.48 18.65 -21.80
C TYR E 148 -27.72 18.37 -23.28
N ASP E 149 -26.99 19.07 -24.14
CA ASP E 149 -26.85 18.66 -25.53
C ASP E 149 -25.86 17.49 -25.57
N ILE E 150 -26.29 16.36 -26.13
CA ILE E 150 -25.47 15.16 -26.18
C ILE E 150 -25.44 14.62 -27.60
N SER E 151 -24.58 13.62 -27.79
CA SER E 151 -24.50 12.91 -29.07
C SER E 151 -23.90 11.55 -28.79
N ALA E 152 -24.70 10.50 -28.91
CA ALA E 152 -24.20 9.14 -28.74
C ALA E 152 -23.22 8.74 -29.83
N LYS E 153 -23.09 9.53 -30.90
CA LYS E 153 -22.18 9.21 -31.99
C LYS E 153 -20.80 9.83 -31.76
N SER E 154 -20.76 11.14 -31.48
CA SER E 154 -19.52 11.84 -31.21
C SER E 154 -19.19 11.90 -29.73
N ASN E 155 -19.98 11.24 -28.88
CA ASN E 155 -19.76 11.19 -27.44
C ASN E 155 -19.77 12.57 -26.79
N TYR E 156 -20.29 13.59 -27.48
CA TYR E 156 -20.35 14.92 -26.91
C TYR E 156 -21.22 14.93 -25.66
N ASN E 157 -20.60 15.26 -24.53
CA ASN E 157 -21.28 15.38 -23.24
C ASN E 157 -22.00 14.11 -22.83
N PHE E 158 -21.66 12.96 -23.41
CA PHE E 158 -22.46 11.76 -23.20
C PHE E 158 -22.24 11.13 -21.83
N GLU E 159 -21.31 11.65 -21.03
CA GLU E 159 -21.13 11.17 -19.66
C GLU E 159 -21.69 12.13 -18.62
N LYS E 160 -22.03 13.35 -19.01
CA LYS E 160 -22.44 14.37 -18.05
C LYS E 160 -23.77 14.05 -17.38
N PRO E 161 -24.74 13.46 -18.08
CA PRO E 161 -25.98 13.07 -17.38
C PRO E 161 -25.72 12.18 -16.18
N PHE E 162 -24.87 11.17 -16.31
CA PHE E 162 -24.60 10.28 -15.18
C PHE E 162 -23.84 11.02 -14.08
N LEU E 163 -22.90 11.89 -14.45
CA LEU E 163 -22.15 12.64 -13.44
C LEU E 163 -23.08 13.52 -12.62
N TRP E 164 -23.95 14.27 -13.30
CA TRP E 164 -24.89 15.14 -12.58
C TRP E 164 -25.78 14.33 -11.66
N LEU E 165 -26.34 13.22 -12.17
CA LEU E 165 -27.22 12.40 -11.35
C LEU E 165 -26.48 11.80 -10.16
N ALA E 166 -25.26 11.31 -10.39
CA ALA E 166 -24.48 10.75 -9.29
C ALA E 166 -24.25 11.78 -8.20
N ARG E 167 -23.98 13.03 -8.59
CA ARG E 167 -23.74 14.08 -7.62
C ARG E 167 -24.97 14.33 -6.75
N LYS E 168 -26.15 14.36 -7.37
CA LYS E 168 -27.38 14.56 -6.61
C LYS E 168 -27.65 13.37 -5.70
N LEU E 169 -27.55 12.14 -6.25
CA LEU E 169 -27.88 10.96 -5.47
C LEU E 169 -26.90 10.74 -4.32
N ILE E 170 -25.63 11.08 -4.52
CA ILE E 170 -24.63 10.89 -3.46
C ILE E 170 -24.64 12.06 -2.49
N GLY E 171 -24.99 13.26 -2.95
CA GLY E 171 -24.92 14.44 -2.13
C GLY E 171 -23.60 15.17 -2.15
N ASP E 172 -22.73 14.86 -3.11
CA ASP E 172 -21.45 15.53 -3.27
C ASP E 172 -21.47 16.38 -4.53
N PRO E 173 -21.64 17.70 -4.44
CA PRO E 173 -21.66 18.53 -5.65
C PRO E 173 -20.36 18.51 -6.45
N ASN E 174 -19.26 18.03 -5.86
CA ASN E 174 -17.96 18.04 -6.51
C ASN E 174 -17.45 16.65 -6.86
N LEU E 175 -18.35 15.66 -6.87
CA LEU E 175 -17.95 14.31 -7.23
C LEU E 175 -17.29 14.29 -8.60
N GLU E 176 -16.18 13.54 -8.70
CA GLU E 176 -15.40 13.45 -9.92
C GLU E 176 -15.47 12.04 -10.47
N PHE E 177 -15.65 11.91 -11.79
CA PHE E 177 -15.40 10.65 -12.48
C PHE E 177 -13.91 10.54 -12.73
N VAL E 178 -13.30 9.46 -12.26
CA VAL E 178 -11.86 9.28 -12.33
C VAL E 178 -11.56 8.09 -13.24
N ALA E 179 -10.28 7.94 -13.56
CA ALA E 179 -9.84 6.82 -14.41
C ALA E 179 -10.16 5.50 -13.74
N MET E 180 -10.58 4.53 -14.55
CA MET E 180 -10.91 3.22 -14.03
C MET E 180 -9.64 2.50 -13.59
N PRO E 181 -9.55 2.03 -12.35
CA PRO E 181 -8.37 1.26 -11.93
C PRO E 181 -8.14 0.07 -12.86
N ALA E 182 -6.89 -0.07 -13.32
CA ALA E 182 -6.51 -1.12 -14.25
C ALA E 182 -5.97 -2.31 -13.45
N LEU E 183 -6.89 -3.16 -13.01
CA LEU E 183 -6.48 -4.34 -12.26
C LEU E 183 -5.66 -5.28 -13.13
N ALA E 184 -4.90 -6.16 -12.48
CA ALA E 184 -4.03 -7.08 -13.21
C ALA E 184 -4.86 -8.07 -14.00
N PRO E 185 -4.53 -8.31 -15.28
CA PRO E 185 -5.32 -9.25 -16.07
C PRO E 185 -4.98 -10.68 -15.74
N PRO E 186 -5.75 -11.65 -16.23
CA PRO E 186 -5.46 -13.06 -15.96
C PRO E 186 -4.18 -13.51 -16.64
N GLU E 187 -3.53 -14.49 -16.02
CA GLU E 187 -2.33 -15.07 -16.60
C GLU E 187 -2.68 -15.91 -17.82
N VAL E 188 -1.87 -15.80 -18.87
CA VAL E 188 -2.16 -16.49 -20.11
C VAL E 188 -1.86 -17.97 -19.97
N VAL E 189 -2.72 -18.80 -20.57
CA VAL E 189 -2.54 -20.26 -20.60
C VAL E 189 -2.33 -20.66 -22.05
N MET E 190 -1.32 -21.50 -22.30
CA MET E 190 -1.06 -22.02 -23.64
C MET E 190 -1.99 -23.19 -23.95
N ASP E 191 -3.29 -22.89 -23.90
CA ASP E 191 -4.30 -23.94 -23.96
C ASP E 191 -4.53 -24.37 -25.41
N PRO E 192 -4.43 -25.65 -25.71
CA PRO E 192 -4.97 -26.18 -26.97
C PRO E 192 -6.40 -26.69 -26.86
N ALA E 193 -7.04 -26.51 -25.70
CA ALA E 193 -8.39 -27.03 -25.48
C ALA E 193 -9.35 -26.48 -26.52
N LEU E 194 -9.41 -25.16 -26.65
CA LEU E 194 -10.27 -24.50 -27.62
C LEU E 194 -9.46 -23.65 -28.60
N ALA E 195 -8.21 -24.06 -28.85
CA ALA E 195 -7.35 -23.30 -29.75
C ALA E 195 -7.88 -23.28 -31.17
N ALA E 196 -8.55 -24.36 -31.60
CA ALA E 196 -9.10 -24.40 -32.95
C ALA E 196 -10.31 -23.47 -33.06
N GLN E 197 -11.19 -23.46 -32.06
CA GLN E 197 -12.32 -22.56 -32.09
C GLN E 197 -11.87 -21.10 -32.08
N TYR E 198 -10.84 -20.79 -31.28
CA TYR E 198 -10.30 -19.44 -31.28
C TYR E 198 -9.57 -19.13 -32.57
N GLU E 199 -8.88 -20.13 -33.15
CA GLU E 199 -8.16 -19.91 -34.38
C GLU E 199 -9.11 -19.76 -35.57
N HIS E 200 -10.26 -20.42 -35.52
CA HIS E 200 -11.25 -20.24 -36.59
C HIS E 200 -11.91 -18.87 -36.48
N ASP E 201 -12.36 -18.50 -35.29
CA ASP E 201 -12.96 -17.19 -35.10
C ASP E 201 -11.97 -16.07 -35.42
N LEU E 202 -10.68 -16.31 -35.22
CA LEU E 202 -9.68 -15.32 -35.59
C LEU E 202 -9.55 -15.21 -37.10
N GLU E 203 -9.65 -16.34 -37.81
CA GLU E 203 -9.59 -16.32 -39.26
C GLU E 203 -10.74 -15.51 -39.84
N VAL E 204 -11.96 -15.79 -39.40
CA VAL E 204 -13.11 -15.03 -39.89
C VAL E 204 -12.93 -13.55 -39.60
N ALA E 205 -12.51 -13.21 -38.38
CA ALA E 205 -12.33 -11.81 -38.01
C ALA E 205 -11.26 -11.16 -38.88
N GLN E 206 -10.13 -11.84 -39.08
CA GLN E 206 -9.08 -11.28 -39.92
C GLN E 206 -9.55 -11.02 -41.34
N THR E 207 -10.44 -11.88 -41.85
CA THR E 207 -10.89 -11.74 -43.22
C THR E 207 -11.98 -10.67 -43.37
N THR E 208 -12.79 -10.46 -42.33
CA THR E 208 -13.83 -9.44 -42.40
C THR E 208 -13.19 -8.06 -42.27
N ALA E 209 -13.58 -7.15 -43.16
CA ALA E 209 -12.98 -5.81 -43.18
C ALA E 209 -13.53 -4.96 -42.04
N LEU E 210 -12.68 -4.08 -41.54
CA LEU E 210 -13.06 -3.19 -40.46
C LEU E 210 -14.02 -2.12 -40.96
N PRO E 211 -14.75 -1.47 -40.06
CA PRO E 211 -15.67 -0.41 -40.48
C PRO E 211 -14.95 0.69 -41.24
N ASP E 212 -15.73 1.56 -41.86
CA ASP E 212 -15.18 2.64 -42.67
C ASP E 212 -14.41 3.63 -41.80
N GLU E 213 -13.31 4.15 -42.34
CA GLU E 213 -12.53 5.15 -41.63
C GLU E 213 -13.33 6.42 -41.44
N ASP E 214 -13.02 7.15 -40.37
CA ASP E 214 -13.66 8.42 -40.07
C ASP E 214 -12.61 9.36 -39.48
N ASP E 215 -13.02 10.61 -39.29
CA ASP E 215 -12.13 11.63 -38.75
C ASP E 215 -12.11 11.65 -37.22
N ASP E 216 -12.76 10.69 -36.57
CA ASP E 216 -12.65 10.58 -35.11
C ASP E 216 -11.19 10.43 -34.71
N LEU E 217 -10.44 9.59 -35.41
CA LEU E 217 -9.00 9.48 -35.22
C LEU E 217 -8.30 10.71 -35.80
N PHE F 6 -32.79 18.15 -3.78
CA PHE F 6 -32.84 16.70 -3.69
C PHE F 6 -32.04 16.20 -2.49
N GLU F 7 -32.60 15.24 -1.75
CA GLU F 7 -31.88 14.67 -0.61
C GLU F 7 -31.15 13.40 -1.03
N PRO F 8 -29.96 13.14 -0.49
CA PRO F 8 -29.24 11.91 -0.86
C PRO F 8 -30.05 10.67 -0.55
N VAL F 9 -29.78 9.60 -1.30
CA VAL F 9 -30.50 8.35 -1.16
C VAL F 9 -29.65 7.34 -0.40
N VAL F 10 -28.33 7.40 -0.60
CA VAL F 10 -27.41 6.48 0.07
C VAL F 10 -26.57 7.25 1.08
N PRO F 11 -25.92 6.60 2.02
CA PRO F 11 -24.93 7.28 2.85
C PRO F 11 -23.78 7.78 1.99
N LEU F 12 -23.09 8.81 2.48
CA LEU F 12 -21.99 9.40 1.75
C LEU F 12 -20.76 8.50 1.84
N PRO F 13 -20.37 7.81 0.77
CA PRO F 13 -19.18 6.95 0.86
C PRO F 13 -17.92 7.77 1.00
N ASP F 14 -16.96 7.20 1.73
CA ASP F 14 -15.69 7.88 1.95
C ASP F 14 -14.95 8.07 0.63
N LYS F 15 -14.13 9.12 0.58
CA LYS F 15 -13.17 9.25 -0.50
C LYS F 15 -12.23 8.05 -0.49
N ILE F 16 -11.68 7.73 -1.66
CA ILE F 16 -10.73 6.63 -1.78
C ILE F 16 -9.41 7.20 -2.31
N GLU F 17 -8.35 6.43 -2.10
CA GLU F 17 -7.06 6.75 -2.68
C GLU F 17 -7.13 6.46 -4.18
N VAL F 18 -7.28 7.51 -4.99
CA VAL F 18 -7.44 7.34 -6.42
C VAL F 18 -6.15 6.82 -7.02
N LYS F 19 -6.25 5.75 -7.80
CA LYS F 19 -5.11 5.14 -8.46
C LYS F 19 -5.53 4.66 -9.85
N THR F 20 -4.59 4.74 -10.79
CA THR F 20 -4.85 4.29 -12.16
C THR F 20 -4.59 2.82 -12.35
N GLY F 21 -3.85 2.18 -11.43
CA GLY F 21 -3.39 0.82 -11.64
C GLY F 21 -2.13 0.70 -12.45
N GLU F 22 -1.58 1.82 -12.93
CA GLU F 22 -0.38 1.83 -13.76
C GLU F 22 0.83 2.38 -13.00
N GLU F 23 0.71 2.57 -11.69
CA GLU F 23 1.77 3.23 -10.93
C GLU F 23 3.05 2.40 -10.89
N ASP F 24 2.93 1.07 -10.84
CA ASP F 24 4.09 0.18 -10.75
C ASP F 24 4.58 -0.30 -12.12
N GLU F 25 4.20 0.39 -13.20
CA GLU F 25 4.58 -0.01 -14.54
C GLU F 25 5.22 1.16 -15.26
N GLU F 26 6.00 0.84 -16.29
CA GLU F 26 6.61 1.82 -17.17
C GLU F 26 6.08 1.62 -18.58
N GLU F 27 5.95 2.73 -19.32
CA GLU F 27 5.37 2.71 -20.65
C GLU F 27 6.44 2.42 -21.69
N PHE F 28 6.27 1.31 -22.42
CA PHE F 28 7.04 1.09 -23.64
C PHE F 28 6.43 1.79 -24.84
N PHE F 29 5.14 2.10 -24.79
CA PHE F 29 4.44 2.66 -25.93
C PHE F 29 3.17 3.34 -25.45
N CYS F 30 2.84 4.48 -26.08
CA CYS F 30 1.62 5.20 -25.76
C CYS F 30 1.25 6.04 -26.97
N ASN F 31 0.09 5.77 -27.56
CA ASN F 31 -0.32 6.46 -28.77
C ASN F 31 -1.83 6.33 -28.93
N ARG F 32 -2.44 7.37 -29.49
CA ARG F 32 -3.87 7.36 -29.73
C ARG F 32 -4.21 6.33 -30.80
N ALA F 33 -5.36 5.68 -30.63
CA ALA F 33 -5.81 4.66 -31.57
C ALA F 33 -7.28 4.37 -31.34
N LYS F 34 -7.88 3.67 -32.29
CA LYS F 34 -9.25 3.19 -32.18
C LYS F 34 -9.25 1.67 -32.14
N LEU F 35 -9.99 1.10 -31.20
CA LEU F 35 -10.05 -0.34 -30.98
C LEU F 35 -11.40 -0.88 -31.44
N PHE F 36 -11.38 -2.11 -31.96
CA PHE F 36 -12.58 -2.80 -32.40
C PHE F 36 -12.60 -4.21 -31.80
N ARG F 37 -13.81 -4.75 -31.67
CA ARG F 37 -14.00 -6.12 -31.19
C ARG F 37 -14.95 -6.83 -32.14
N PHE F 38 -14.62 -8.06 -32.51
CA PHE F 38 -15.39 -8.81 -33.49
C PHE F 38 -16.53 -9.56 -32.81
N ASP F 39 -17.74 -9.38 -33.35
CA ASP F 39 -18.92 -10.08 -32.86
C ASP F 39 -19.16 -11.29 -33.76
N VAL F 40 -18.85 -12.48 -33.25
CA VAL F 40 -18.94 -13.68 -34.09
C VAL F 40 -20.39 -13.95 -34.50
N GLU F 41 -21.35 -13.62 -33.64
CA GLU F 41 -22.75 -13.85 -33.99
C GLU F 41 -23.14 -13.05 -35.23
N SER F 42 -23.03 -11.72 -35.16
CA SER F 42 -23.42 -10.86 -36.27
C SER F 42 -22.35 -10.75 -37.34
N LYS F 43 -21.18 -11.37 -37.15
CA LYS F 43 -20.12 -11.37 -38.14
C LYS F 43 -19.76 -9.94 -38.55
N GLU F 44 -19.53 -9.09 -37.55
CA GLU F 44 -19.21 -7.69 -37.81
C GLU F 44 -18.30 -7.16 -36.72
N TRP F 45 -17.41 -6.25 -37.11
CA TRP F 45 -16.57 -5.53 -36.16
C TRP F 45 -17.36 -4.42 -35.51
N LYS F 46 -17.26 -4.29 -34.19
CA LYS F 46 -17.94 -3.26 -33.43
C LYS F 46 -16.92 -2.36 -32.76
N GLU F 47 -17.17 -1.06 -32.79
CA GLU F 47 -16.26 -0.11 -32.15
C GLU F 47 -16.18 -0.41 -30.66
N ARG F 48 -14.97 -0.51 -30.15
CA ARG F 48 -14.73 -0.88 -28.76
C ARG F 48 -14.23 0.27 -27.90
N GLY F 49 -13.53 1.22 -28.49
CA GLY F 49 -13.06 2.39 -27.77
C GLY F 49 -12.06 3.20 -28.56
N ILE F 50 -11.93 4.49 -28.24
CA ILE F 50 -10.97 5.37 -28.88
C ILE F 50 -10.19 6.09 -27.79
N GLY F 51 -8.86 6.02 -27.86
CA GLY F 51 -8.04 6.65 -26.85
C GLY F 51 -6.61 6.16 -26.95
N ASN F 52 -5.87 6.32 -25.85
CA ASN F 52 -4.48 5.90 -25.81
C ASN F 52 -4.37 4.42 -25.51
N VAL F 53 -3.66 3.69 -26.39
CA VAL F 53 -3.27 2.32 -26.14
C VAL F 53 -1.84 2.34 -25.62
N LYS F 54 -1.56 1.50 -24.62
CA LYS F 54 -0.25 1.49 -23.97
C LYS F 54 0.27 0.07 -23.89
N ILE F 55 1.60 -0.05 -23.92
CA ILE F 55 2.31 -1.27 -23.58
C ILE F 55 3.06 -1.00 -22.29
N LEU F 56 2.70 -1.72 -21.23
CA LEU F 56 3.20 -1.45 -19.88
C LEU F 56 3.97 -2.64 -19.36
N ARG F 57 5.18 -2.39 -18.84
CA ARG F 57 5.98 -3.41 -18.18
C ARG F 57 6.05 -3.12 -16.69
N HIS F 58 5.74 -4.13 -15.88
CA HIS F 58 5.83 -3.98 -14.44
C HIS F 58 7.29 -3.83 -14.02
N LYS F 59 7.54 -2.94 -13.06
CA LYS F 59 8.91 -2.58 -12.72
C LYS F 59 9.67 -3.67 -11.99
N THR F 60 8.98 -4.58 -11.31
CA THR F 60 9.63 -5.65 -10.56
C THR F 60 9.39 -7.03 -11.15
N SER F 61 8.17 -7.34 -11.57
CA SER F 61 7.89 -8.66 -12.15
C SER F 61 8.30 -8.76 -13.61
N GLY F 62 8.37 -7.64 -14.32
CA GLY F 62 8.71 -7.65 -15.72
C GLY F 62 7.58 -8.08 -16.65
N LYS F 63 6.41 -8.39 -16.11
CA LYS F 63 5.29 -8.76 -16.95
C LYS F 63 4.84 -7.57 -17.78
N ILE F 64 4.47 -7.83 -19.03
CA ILE F 64 4.10 -6.80 -19.98
C ILE F 64 2.65 -7.04 -20.40
N ARG F 65 1.86 -5.97 -20.42
CA ARG F 65 0.47 -6.04 -20.86
C ARG F 65 0.17 -4.92 -21.84
N LEU F 66 -0.95 -5.06 -22.54
CA LEU F 66 -1.52 -4.00 -23.34
C LEU F 66 -2.70 -3.42 -22.58
N LEU F 67 -2.77 -2.09 -22.50
CA LEU F 67 -3.83 -1.42 -21.76
C LEU F 67 -4.31 -0.23 -22.59
N MET F 68 -5.62 -0.19 -22.85
CA MET F 68 -6.23 0.90 -23.57
C MET F 68 -7.38 1.49 -22.76
N ARG F 69 -7.55 2.80 -22.88
CA ARG F 69 -8.55 3.55 -22.13
C ARG F 69 -9.39 4.37 -23.09
N ARG F 70 -10.70 4.40 -22.85
CA ARG F 70 -11.60 5.25 -23.62
C ARG F 70 -11.44 6.70 -23.18
N GLU F 71 -11.49 7.61 -24.12
CA GLU F 71 -11.43 9.03 -23.79
C GLU F 71 -12.70 9.45 -23.06
N GLN F 72 -12.62 10.60 -22.37
CA GLN F 72 -13.72 11.16 -21.61
C GLN F 72 -14.10 10.30 -20.41
N VAL F 73 -14.64 9.11 -20.65
CA VAL F 73 -15.06 8.25 -19.55
C VAL F 73 -13.89 7.56 -18.87
N LEU F 74 -12.75 7.43 -19.56
CA LEU F 74 -11.54 6.85 -19.01
C LEU F 74 -11.72 5.40 -18.59
N LYS F 75 -12.81 4.75 -19.00
CA LYS F 75 -13.00 3.34 -18.71
C LYS F 75 -12.12 2.49 -19.63
N ILE F 76 -11.78 1.30 -19.17
CA ILE F 76 -10.84 0.43 -19.89
C ILE F 76 -11.58 -0.33 -20.99
N CYS F 77 -10.99 -0.38 -22.18
CA CYS F 77 -11.53 -1.15 -23.28
C CYS F 77 -10.61 -2.30 -23.71
N ALA F 78 -9.41 -2.40 -23.18
CA ALA F 78 -8.52 -3.53 -23.45
C ALA F 78 -7.51 -3.65 -22.32
N ASN F 79 -7.32 -4.87 -21.82
CA ASN F 79 -6.39 -5.12 -20.72
C ASN F 79 -6.06 -6.61 -20.72
N HIS F 80 -4.88 -6.95 -21.23
CA HIS F 80 -4.45 -8.34 -21.29
C HIS F 80 -2.94 -8.40 -21.35
N TYR F 81 -2.37 -9.42 -20.71
CA TYR F 81 -0.94 -9.68 -20.86
C TYR F 81 -0.63 -10.08 -22.29
N ILE F 82 0.49 -9.60 -22.80
CA ILE F 82 0.94 -9.96 -24.14
C ILE F 82 1.59 -11.33 -24.07
N SER F 83 1.12 -12.27 -24.88
CA SER F 83 1.60 -13.63 -24.91
C SER F 83 2.42 -13.88 -26.17
N PRO F 84 3.28 -14.91 -26.17
CA PRO F 84 4.04 -15.22 -27.39
C PRO F 84 3.19 -15.80 -28.51
N ASP F 85 1.95 -16.20 -28.23
CA ASP F 85 1.09 -16.75 -29.26
C ASP F 85 0.36 -15.67 -30.05
N MET F 86 0.30 -14.45 -29.53
CA MET F 86 -0.35 -13.37 -30.25
C MET F 86 0.46 -13.00 -31.49
N LYS F 87 -0.24 -12.65 -32.56
CA LYS F 87 0.40 -12.27 -33.81
C LYS F 87 -0.40 -11.13 -34.43
N LEU F 88 0.17 -9.93 -34.42
CA LEU F 88 -0.45 -8.80 -35.08
C LEU F 88 -0.54 -9.06 -36.58
N THR F 89 -1.76 -9.11 -37.10
CA THR F 89 -2.01 -9.46 -38.49
C THR F 89 -2.74 -8.31 -39.19
N PRO F 90 -2.22 -7.77 -40.28
CA PRO F 90 -2.94 -6.69 -40.96
C PRO F 90 -4.34 -7.12 -41.39
N ASN F 91 -5.26 -6.15 -41.39
CA ASN F 91 -6.66 -6.38 -41.73
C ASN F 91 -6.91 -5.90 -43.15
N ALA F 92 -7.28 -6.82 -44.03
CA ALA F 92 -7.69 -6.49 -45.40
C ALA F 92 -6.60 -5.72 -46.13
N GLY F 93 -5.35 -6.12 -45.95
CA GLY F 93 -4.24 -5.45 -46.59
C GLY F 93 -4.02 -4.04 -46.13
N SER F 94 -4.40 -3.72 -44.89
CA SER F 94 -4.20 -2.38 -44.36
C SER F 94 -2.80 -2.25 -43.77
N ASP F 95 -2.20 -1.08 -43.96
CA ASP F 95 -0.91 -0.75 -43.37
C ASP F 95 -1.05 0.05 -42.08
N ARG F 96 -2.28 0.21 -41.58
CA ARG F 96 -2.55 1.02 -40.40
C ARG F 96 -3.28 0.28 -39.30
N SER F 97 -3.70 -0.97 -39.52
CA SER F 97 -4.52 -1.70 -38.58
C SER F 97 -4.02 -3.13 -38.45
N PHE F 98 -4.27 -3.71 -37.27
CA PHE F 98 -3.88 -5.08 -36.97
C PHE F 98 -5.03 -5.81 -36.30
N VAL F 99 -5.04 -7.13 -36.43
CA VAL F 99 -5.98 -8.01 -35.74
C VAL F 99 -5.19 -9.02 -34.93
N TRP F 100 -5.70 -9.37 -33.75
CA TRP F 100 -5.08 -10.41 -32.94
C TRP F 100 -6.10 -10.93 -31.93
N HIS F 101 -5.74 -12.02 -31.27
CA HIS F 101 -6.60 -12.68 -30.30
C HIS F 101 -6.02 -12.50 -28.90
N ALA F 102 -6.90 -12.36 -27.92
CA ALA F 102 -6.46 -12.12 -26.55
C ALA F 102 -7.56 -12.51 -25.57
N LEU F 103 -7.12 -12.96 -24.40
CA LEU F 103 -8.02 -13.16 -23.25
C LEU F 103 -8.08 -11.84 -22.50
N ASP F 104 -9.07 -11.02 -22.82
CA ASP F 104 -9.11 -9.66 -22.33
C ASP F 104 -9.80 -9.58 -20.97
N TYR F 105 -9.56 -8.47 -20.28
CA TYR F 105 -10.06 -8.24 -18.93
C TYR F 105 -10.63 -6.83 -18.78
N ALA F 106 -11.00 -6.19 -19.89
CA ALA F 106 -11.49 -4.81 -19.81
C ALA F 106 -12.72 -4.70 -18.93
N ASP F 107 -13.62 -5.67 -19.02
CA ASP F 107 -14.80 -5.74 -18.16
C ASP F 107 -14.51 -6.51 -16.87
N GLU F 108 -13.24 -6.73 -16.55
CA GLU F 108 -12.84 -7.43 -15.32
C GLU F 108 -13.43 -8.84 -15.28
N LEU F 109 -13.65 -9.42 -16.46
CA LEU F 109 -13.99 -10.83 -16.61
C LEU F 109 -13.14 -11.38 -17.76
N PRO F 110 -12.57 -12.57 -17.61
CA PRO F 110 -11.75 -13.13 -18.70
C PRO F 110 -12.58 -13.49 -19.91
N LYS F 111 -12.39 -12.76 -21.01
CA LYS F 111 -13.18 -12.96 -22.22
C LYS F 111 -12.24 -13.22 -23.40
N PRO F 112 -12.38 -14.35 -24.10
CA PRO F 112 -11.63 -14.51 -25.36
C PRO F 112 -12.26 -13.66 -26.45
N GLU F 113 -11.43 -12.81 -27.07
CA GLU F 113 -11.93 -11.82 -28.02
C GLU F 113 -10.97 -11.68 -29.19
N GLN F 114 -11.55 -11.46 -30.37
CA GLN F 114 -10.77 -11.08 -31.54
C GLN F 114 -10.78 -9.57 -31.63
N LEU F 115 -9.63 -8.95 -31.38
CA LEU F 115 -9.51 -7.50 -31.32
C LEU F 115 -8.83 -6.97 -32.57
N ALA F 116 -9.15 -5.72 -32.91
CA ALA F 116 -8.47 -4.99 -33.96
C ALA F 116 -8.16 -3.60 -33.45
N ILE F 117 -7.06 -3.03 -33.93
CA ILE F 117 -6.63 -1.69 -33.55
C ILE F 117 -6.18 -0.97 -34.82
N ARG F 118 -6.53 0.31 -34.92
CA ARG F 118 -6.20 1.12 -36.08
C ARG F 118 -5.56 2.43 -35.64
N PHE F 119 -4.59 2.89 -36.41
CA PHE F 119 -3.90 4.14 -36.16
C PHE F 119 -4.11 5.09 -37.31
N LYS F 120 -3.86 6.38 -37.07
CA LYS F 120 -4.09 7.39 -38.08
C LYS F 120 -3.11 7.28 -39.24
N THR F 121 -1.88 6.88 -38.96
CA THR F 121 -0.82 6.83 -39.96
C THR F 121 -0.14 5.46 -39.95
N PRO F 122 0.49 5.07 -41.06
CA PRO F 122 1.25 3.81 -41.04
C PRO F 122 2.45 3.87 -40.12
N GLU F 123 3.04 5.04 -39.93
CA GLU F 123 4.19 5.15 -39.02
C GLU F 123 3.79 4.84 -37.59
N GLU F 124 2.62 5.32 -37.18
CA GLU F 124 2.13 4.99 -35.84
C GLU F 124 1.83 3.50 -35.72
N ALA F 125 1.17 2.92 -36.72
CA ALA F 125 0.89 1.49 -36.68
C ALA F 125 2.16 0.67 -36.70
N ALA F 126 3.20 1.16 -37.38
CA ALA F 126 4.47 0.42 -37.44
C ALA F 126 5.17 0.46 -36.09
N LEU F 127 5.21 1.62 -35.45
CA LEU F 127 5.86 1.70 -34.13
C LEU F 127 5.13 0.83 -33.11
N PHE F 128 3.80 0.74 -33.21
CA PHE F 128 3.07 -0.13 -32.30
C PHE F 128 3.44 -1.59 -32.51
N LYS F 129 3.52 -2.03 -33.76
CA LYS F 129 3.94 -3.39 -34.04
C LYS F 129 5.35 -3.65 -33.54
N CYS F 130 6.25 -2.69 -33.78
CA CYS F 130 7.62 -2.82 -33.30
C CYS F 130 7.66 -3.05 -31.80
N LYS F 131 6.99 -2.18 -31.03
CA LYS F 131 7.05 -2.29 -29.58
C LYS F 131 6.22 -3.47 -29.07
N PHE F 132 5.14 -3.83 -29.77
CA PHE F 132 4.38 -5.01 -29.39
C PHE F 132 5.24 -6.26 -29.50
N GLU F 133 6.05 -6.35 -30.56
CA GLU F 133 6.89 -7.53 -30.77
C GLU F 133 8.18 -7.47 -29.97
N GLU F 134 8.71 -6.26 -29.71
CA GLU F 134 9.80 -6.14 -28.76
C GLU F 134 9.40 -6.72 -27.40
N ALA F 135 8.17 -6.42 -26.96
CA ALA F 135 7.69 -6.99 -25.70
C ALA F 135 7.58 -8.50 -25.78
N GLN F 136 7.11 -9.03 -26.92
CA GLN F 136 6.99 -10.47 -27.07
C GLN F 136 8.33 -11.18 -26.94
N SER F 137 9.45 -10.47 -27.11
CA SER F 137 10.77 -11.06 -27.02
C SER F 137 11.36 -11.04 -25.62
N ILE F 138 10.74 -10.31 -24.68
CA ILE F 138 11.27 -10.21 -23.32
C ILE F 138 10.17 -10.46 -22.31
N LEU F 139 9.16 -11.24 -22.70
CA LEU F 139 8.06 -11.55 -21.80
C LEU F 139 8.57 -12.30 -20.58
N LYS F 140 7.94 -12.03 -19.44
CA LYS F 140 8.26 -12.72 -18.20
C LYS F 140 6.99 -13.23 -17.52
N PRO G 8 22.91 41.75 -11.55
CA PRO G 8 21.79 41.30 -10.71
C PRO G 8 21.74 39.79 -10.49
N GLN G 9 22.39 39.03 -11.36
CA GLN G 9 22.24 37.58 -11.34
C GLN G 9 23.10 36.95 -10.23
N VAL G 10 22.79 35.69 -9.94
CA VAL G 10 23.47 34.95 -8.88
C VAL G 10 24.64 34.19 -9.50
N GLN G 11 25.85 34.50 -9.04
CA GLN G 11 27.08 33.91 -9.56
C GLN G 11 27.92 33.34 -8.43
N PHE G 12 28.53 32.19 -8.69
CA PHE G 12 29.42 31.53 -7.74
C PHE G 12 30.70 31.10 -8.45
N LYS G 13 31.83 31.36 -7.81
CA LYS G 13 33.12 30.90 -8.31
C LYS G 13 33.39 29.50 -7.78
N LEU G 14 33.58 28.54 -8.68
CA LEU G 14 33.84 27.15 -8.33
C LEU G 14 35.17 26.74 -8.93
N VAL G 15 36.09 26.31 -8.07
CA VAL G 15 37.40 25.84 -8.50
C VAL G 15 37.35 24.32 -8.59
N LEU G 16 37.69 23.78 -9.76
CA LEU G 16 37.67 22.35 -10.02
C LEU G 16 39.11 21.84 -10.02
N VAL G 17 39.44 20.98 -9.07
CA VAL G 17 40.80 20.53 -8.85
C VAL G 17 40.84 19.02 -8.78
N GLY G 18 42.04 18.48 -8.96
CA GLY G 18 42.24 17.04 -8.95
C GLY G 18 43.42 16.66 -9.82
N ASP G 19 43.87 15.42 -9.64
CA ASP G 19 45.01 14.93 -10.39
C ASP G 19 44.75 14.98 -11.89
N GLY G 20 45.83 15.11 -12.66
CA GLY G 20 45.69 15.11 -14.10
C GLY G 20 45.11 13.79 -14.59
N GLY G 21 44.16 13.88 -15.51
CA GLY G 21 43.54 12.71 -16.10
C GLY G 21 42.34 12.18 -15.37
N THR G 22 41.87 12.88 -14.33
CA THR G 22 40.70 12.43 -13.60
C THR G 22 39.39 12.77 -14.30
N GLY G 23 39.44 13.55 -15.38
CA GLY G 23 38.27 13.90 -16.14
C GLY G 23 37.65 15.24 -15.80
N LYS G 24 38.44 16.19 -15.30
CA LYS G 24 37.88 17.47 -14.89
C LYS G 24 37.35 18.24 -16.10
N THR G 25 38.13 18.31 -17.18
CA THR G 25 37.69 19.07 -18.35
C THR G 25 36.58 18.35 -19.11
N THR G 26 36.64 17.02 -19.16
CA THR G 26 35.55 16.27 -19.79
C THR G 26 34.24 16.47 -19.03
N PHE G 27 34.30 16.42 -17.70
CA PHE G 27 33.12 16.69 -16.88
C PHE G 27 32.51 18.04 -17.21
N VAL G 28 33.34 19.08 -17.29
CA VAL G 28 32.84 20.43 -17.56
C VAL G 28 32.24 20.50 -18.95
N LYS G 29 32.99 20.06 -19.97
CA LYS G 29 32.51 20.13 -21.34
C LYS G 29 31.19 19.37 -21.51
N ARG G 30 31.05 18.25 -20.79
CA ARG G 30 29.79 17.50 -20.86
C ARG G 30 28.63 18.38 -20.43
N HIS G 31 28.77 19.11 -19.33
CA HIS G 31 27.74 20.06 -18.93
C HIS G 31 27.63 21.20 -19.92
N LEU G 32 28.77 21.67 -20.45
CA LEU G 32 28.76 22.89 -21.25
C LEU G 32 28.07 22.69 -22.58
N THR G 33 28.43 21.63 -23.31
CA THR G 33 27.92 21.41 -24.66
C THR G 33 27.24 20.07 -24.85
N GLY G 34 27.30 19.16 -23.88
CA GLY G 34 26.78 17.82 -24.04
C GLY G 34 27.72 16.86 -24.73
N GLU G 35 28.85 17.33 -25.23
CA GLU G 35 29.82 16.45 -25.88
C GLU G 35 30.54 15.60 -24.84
N PHE G 36 31.13 14.50 -25.32
CA PHE G 36 32.03 13.67 -24.51
C PHE G 36 33.38 13.64 -25.21
N GLU G 37 34.32 14.46 -24.73
CA GLU G 37 35.67 14.48 -25.28
C GLU G 37 36.40 13.21 -24.87
N LYS G 38 36.79 12.41 -25.86
CA LYS G 38 37.51 11.16 -25.60
C LYS G 38 39.02 11.37 -25.51
N LYS G 39 39.53 12.51 -25.96
CA LYS G 39 40.96 12.78 -25.98
C LYS G 39 41.43 13.36 -24.66
N TYR G 40 42.61 12.93 -24.23
CA TYR G 40 43.28 13.47 -23.06
C TYR G 40 44.11 14.66 -23.52
N VAL G 41 43.53 15.85 -23.47
CA VAL G 41 44.20 17.09 -23.83
C VAL G 41 44.38 17.88 -22.54
N ALA G 42 45.56 17.76 -21.94
CA ALA G 42 45.81 18.36 -20.64
C ALA G 42 45.52 19.86 -20.67
N THR G 43 44.92 20.35 -19.58
CA THR G 43 44.64 21.77 -19.46
C THR G 43 45.92 22.53 -19.10
N LEU G 44 46.00 23.77 -19.58
CA LEU G 44 47.17 24.63 -19.36
C LEU G 44 46.76 25.74 -18.39
N GLY G 45 47.16 25.58 -17.13
CA GLY G 45 46.84 26.57 -16.12
C GLY G 45 45.42 26.48 -15.62
N VAL G 46 44.51 27.22 -16.26
CA VAL G 46 43.10 27.20 -15.87
C VAL G 46 42.28 27.70 -17.04
N GLU G 47 41.08 27.11 -17.18
CA GLU G 47 40.06 27.59 -18.11
C GLU G 47 38.78 27.83 -17.32
N VAL G 48 38.17 28.99 -17.51
CA VAL G 48 36.99 29.40 -16.77
C VAL G 48 35.78 29.24 -17.69
N HIS G 49 34.83 28.39 -17.29
CA HIS G 49 33.64 28.11 -18.06
C HIS G 49 32.40 28.43 -17.24
N PRO G 50 31.48 29.26 -17.74
CA PRO G 50 30.22 29.48 -17.01
C PRO G 50 29.22 28.37 -17.30
N LEU G 51 28.69 27.78 -16.23
CA LEU G 51 27.61 26.80 -16.32
C LEU G 51 26.39 27.36 -15.61
N VAL G 52 25.25 27.37 -16.30
CA VAL G 52 24.01 27.92 -15.77
C VAL G 52 23.02 26.79 -15.52
N PHE G 53 22.46 26.75 -14.32
CA PHE G 53 21.40 25.83 -13.97
C PHE G 53 20.15 26.61 -13.59
N HIS G 54 18.99 26.08 -13.95
CA HIS G 54 17.72 26.75 -13.71
C HIS G 54 17.04 26.09 -12.52
N THR G 55 16.75 26.89 -11.49
CA THR G 55 16.18 26.40 -10.25
C THR G 55 14.78 27.00 -10.06
N ASN G 56 14.05 26.45 -9.08
CA ASN G 56 12.77 27.04 -8.69
C ASN G 56 12.93 28.40 -8.06
N ARG G 57 14.17 28.86 -7.85
CA ARG G 57 14.44 30.22 -7.40
C ARG G 57 15.17 31.02 -8.48
N GLY G 58 15.08 30.61 -9.73
CA GLY G 58 15.69 31.33 -10.82
C GLY G 58 16.99 30.72 -11.27
N PRO G 59 17.64 31.35 -12.24
CA PRO G 59 18.92 30.83 -12.74
C PRO G 59 20.06 31.13 -11.79
N ILE G 60 20.98 30.18 -11.67
CA ILE G 60 22.22 30.36 -10.95
C ILE G 60 23.37 29.96 -11.87
N LYS G 61 24.47 30.69 -11.79
CA LYS G 61 25.62 30.48 -12.67
C LYS G 61 26.81 30.04 -11.84
N PHE G 62 27.43 28.93 -12.24
CA PHE G 62 28.69 28.46 -11.66
C PHE G 62 29.79 28.82 -12.65
N ASN G 63 30.61 29.81 -12.29
CA ASN G 63 31.83 30.10 -13.05
C ASN G 63 32.87 29.08 -12.62
N VAL G 64 33.02 28.02 -13.42
CA VAL G 64 33.86 26.88 -13.06
C VAL G 64 35.28 27.16 -13.51
N TRP G 65 36.19 27.28 -12.55
CA TRP G 65 37.62 27.43 -12.83
C TRP G 65 38.20 26.02 -12.98
N ASP G 66 38.35 25.57 -14.22
CA ASP G 66 38.85 24.24 -14.53
C ASP G 66 40.37 24.28 -14.51
N THR G 67 40.96 23.84 -13.42
CA THR G 67 42.40 23.94 -13.22
C THR G 67 43.11 22.70 -13.74
N ALA G 68 44.39 22.87 -14.06
CA ALA G 68 45.23 21.79 -14.58
C ALA G 68 45.83 20.99 -13.43
N GLY G 69 45.80 19.67 -13.57
CA GLY G 69 46.36 18.79 -12.54
C GLY G 69 47.86 18.68 -12.54
N GLN G 70 48.53 19.11 -13.61
CA GLN G 70 49.98 19.03 -13.68
C GLN G 70 50.61 19.85 -12.56
N GLU G 71 51.60 19.25 -11.88
CA GLU G 71 52.30 19.96 -10.82
C GLU G 71 53.01 21.21 -11.34
N LYS G 72 53.27 21.28 -12.64
CA LYS G 72 53.93 22.45 -13.22
C LYS G 72 53.23 23.75 -12.84
N PHE G 73 51.93 23.69 -12.55
CA PHE G 73 51.15 24.88 -12.20
C PHE G 73 50.83 24.95 -10.70
N GLY G 74 51.56 24.19 -9.88
CA GLY G 74 51.26 24.18 -8.45
C GLY G 74 51.40 25.53 -7.79
N GLY G 75 52.29 26.38 -8.31
CA GLY G 75 52.51 27.69 -7.73
C GLY G 75 51.41 28.70 -8.02
N LEU G 76 50.51 28.40 -8.96
CA LEU G 76 49.43 29.30 -9.31
C LEU G 76 48.11 28.96 -8.63
N ARG G 77 48.04 27.85 -7.89
CA ARG G 77 46.76 27.40 -7.36
C ARG G 77 46.21 28.36 -6.32
N ASP G 78 47.08 28.88 -5.45
CA ASP G 78 46.60 29.84 -4.45
C ASP G 78 46.01 31.08 -5.11
N GLY G 79 46.55 31.48 -6.26
CA GLY G 79 45.95 32.58 -6.99
C GLY G 79 44.64 32.20 -7.65
N TYR G 80 44.56 30.97 -8.17
CA TYR G 80 43.29 30.49 -8.73
C TYR G 80 42.21 30.44 -7.65
N TYR G 81 42.57 30.00 -6.45
CA TYR G 81 41.59 29.82 -5.39
C TYR G 81 41.11 31.13 -4.77
N ILE G 82 41.65 32.27 -5.19
CA ILE G 82 41.26 33.54 -4.58
C ILE G 82 39.80 33.81 -4.89
N GLN G 83 39.05 34.23 -3.88
CA GLN G 83 37.62 34.55 -4.00
C GLN G 83 36.78 33.34 -4.38
N ALA G 84 37.30 32.14 -4.16
CA ALA G 84 36.53 30.94 -4.46
C ALA G 84 35.43 30.74 -3.42
N GLN G 85 34.22 30.44 -3.88
CA GLN G 85 33.08 30.22 -3.01
C GLN G 85 32.72 28.74 -2.86
N CYS G 86 33.26 27.88 -3.71
CA CYS G 86 33.03 26.44 -3.61
C CYS G 86 34.06 25.73 -4.48
N ALA G 87 34.09 24.41 -4.38
CA ALA G 87 35.08 23.64 -5.11
C ALA G 87 34.57 22.22 -5.33
N ILE G 88 35.17 21.56 -6.32
CA ILE G 88 34.97 20.14 -6.57
C ILE G 88 36.35 19.49 -6.62
N ILE G 89 36.55 18.48 -5.79
CA ILE G 89 37.79 17.71 -5.79
C ILE G 89 37.52 16.42 -6.56
N MET G 90 38.15 16.29 -7.72
CA MET G 90 37.93 15.17 -8.62
C MET G 90 39.05 14.13 -8.46
N PHE G 91 38.67 12.86 -8.45
CA PHE G 91 39.63 11.77 -8.57
C PHE G 91 39.02 10.68 -9.44
N ASP G 92 39.85 9.72 -9.82
CA ASP G 92 39.48 8.64 -10.74
C ASP G 92 39.42 7.33 -9.97
N VAL G 93 38.28 6.64 -10.08
CA VAL G 93 38.10 5.38 -9.37
C VAL G 93 38.96 4.25 -9.93
N THR G 94 39.51 4.42 -11.13
CA THR G 94 40.40 3.42 -11.72
C THR G 94 41.87 3.70 -11.45
N SER G 95 42.19 4.74 -10.66
CA SER G 95 43.58 5.12 -10.37
C SER G 95 43.68 5.42 -8.87
N ARG G 96 44.27 4.48 -8.13
CA ARG G 96 44.35 4.64 -6.68
C ARG G 96 45.09 5.91 -6.29
N VAL G 97 46.16 6.23 -7.01
CA VAL G 97 46.97 7.39 -6.65
C VAL G 97 46.14 8.67 -6.67
N THR G 98 45.13 8.75 -7.54
CA THR G 98 44.32 9.97 -7.61
C THR G 98 43.52 10.16 -6.32
N TYR G 99 43.05 9.07 -5.72
CA TYR G 99 42.40 9.18 -4.40
C TYR G 99 43.42 9.39 -3.29
N LYS G 100 44.64 8.88 -3.46
CA LYS G 100 45.68 9.09 -2.47
C LYS G 100 46.05 10.56 -2.36
N ASN G 101 45.85 11.34 -3.42
CA ASN G 101 46.19 12.75 -3.43
C ASN G 101 45.03 13.65 -3.01
N VAL G 102 43.85 13.10 -2.78
CA VAL G 102 42.71 13.93 -2.37
C VAL G 102 43.04 14.74 -1.12
N PRO G 103 43.63 14.17 -0.07
CA PRO G 103 43.98 14.98 1.10
C PRO G 103 44.87 16.16 0.76
N ASN G 104 45.76 16.02 -0.22
CA ASN G 104 46.63 17.13 -0.60
C ASN G 104 45.81 18.27 -1.20
N TRP G 105 44.94 17.96 -2.16
CA TRP G 105 44.10 18.99 -2.76
C TRP G 105 43.26 19.69 -1.70
N HIS G 106 42.69 18.92 -0.76
CA HIS G 106 41.84 19.50 0.27
C HIS G 106 42.63 20.43 1.19
N ARG G 107 43.81 19.98 1.63
CA ARG G 107 44.64 20.78 2.52
C ARG G 107 44.96 22.14 1.89
N ASP G 108 45.38 22.14 0.62
CA ASP G 108 45.78 23.36 -0.04
C ASP G 108 44.58 24.27 -0.32
N LEU G 109 43.41 23.69 -0.56
CA LEU G 109 42.21 24.51 -0.76
C LEU G 109 41.79 25.20 0.52
N VAL G 110 41.69 24.43 1.63
CA VAL G 110 41.18 25.00 2.87
C VAL G 110 42.20 25.93 3.53
N ARG G 111 43.48 25.83 3.17
CA ARG G 111 44.44 26.82 3.63
C ARG G 111 44.11 28.19 3.07
N VAL G 112 43.66 28.25 1.81
CA VAL G 112 43.38 29.51 1.14
C VAL G 112 41.92 29.92 1.29
N CYS G 113 40.99 28.96 1.25
CA CYS G 113 39.57 29.26 1.15
C CYS G 113 38.78 28.96 2.43
N GLU G 114 39.36 28.24 3.38
CA GLU G 114 38.74 28.01 4.69
C GLU G 114 37.36 27.39 4.47
N ASN G 115 36.29 27.96 5.03
CA ASN G 115 35.00 27.28 5.12
C ASN G 115 34.20 27.49 3.84
N ILE G 116 34.58 26.77 2.78
CA ILE G 116 33.79 26.75 1.55
C ILE G 116 33.21 25.35 1.37
N PRO G 117 32.00 25.24 0.81
CA PRO G 117 31.46 23.91 0.50
C PRO G 117 32.28 23.23 -0.59
N ILE G 118 32.64 21.97 -0.34
CA ILE G 118 33.47 21.19 -1.26
C ILE G 118 32.81 19.84 -1.48
N VAL G 119 32.81 19.38 -2.73
CA VAL G 119 32.26 18.09 -3.10
C VAL G 119 33.39 17.22 -3.63
N LEU G 120 33.39 15.95 -3.24
CA LEU G 120 34.37 14.97 -3.66
C LEU G 120 33.70 14.04 -4.67
N CYS G 121 34.28 13.92 -5.86
CA CYS G 121 33.69 13.14 -6.94
C CYS G 121 34.66 12.05 -7.38
N GLY G 122 34.19 10.80 -7.32
CA GLY G 122 34.93 9.70 -7.91
C GLY G 122 34.46 9.42 -9.32
N ASN G 123 35.24 9.85 -10.30
CA ASN G 123 34.81 9.82 -11.69
C ASN G 123 35.16 8.50 -12.36
N LYS G 124 34.53 8.26 -13.51
CA LYS G 124 34.80 7.11 -14.36
C LYS G 124 34.29 5.80 -13.75
N VAL G 125 33.17 5.87 -13.02
CA VAL G 125 32.58 4.65 -12.47
C VAL G 125 31.96 3.77 -13.54
N ASP G 126 31.90 4.25 -14.79
CA ASP G 126 31.41 3.40 -15.89
C ASP G 126 32.36 2.25 -16.15
N ILE G 127 33.67 2.48 -16.00
CA ILE G 127 34.64 1.43 -16.22
C ILE G 127 34.40 0.30 -15.24
N LYS G 128 34.33 -0.93 -15.75
CA LYS G 128 34.01 -2.07 -14.90
C LYS G 128 35.14 -2.37 -13.92
N ASP G 129 36.39 -2.25 -14.37
CA ASP G 129 37.55 -2.60 -13.54
C ASP G 129 37.84 -1.42 -12.62
N ARG G 130 37.19 -1.42 -11.46
CA ARG G 130 37.31 -0.33 -10.49
C ARG G 130 38.39 -0.69 -9.47
N LYS G 131 39.32 0.25 -9.26
CA LYS G 131 40.42 0.04 -8.34
C LYS G 131 40.21 0.67 -6.97
N VAL G 132 39.36 1.70 -6.88
CA VAL G 132 39.09 2.39 -5.62
C VAL G 132 37.65 2.03 -5.22
N LYS G 133 37.53 1.07 -4.30
CA LYS G 133 36.21 0.61 -3.88
C LYS G 133 35.53 1.65 -2.99
N ALA G 134 34.19 1.56 -2.92
CA ALA G 134 33.45 2.46 -2.05
C ALA G 134 33.87 2.31 -0.60
N LYS G 135 34.30 1.11 -0.21
CA LYS G 135 34.76 0.90 1.16
C LYS G 135 36.00 1.73 1.46
N SER G 136 36.88 1.89 0.47
CA SER G 136 38.13 2.62 0.69
C SER G 136 37.90 4.13 0.79
N ILE G 137 36.81 4.65 0.23
CA ILE G 137 36.56 6.09 0.18
C ILE G 137 36.02 6.50 1.55
N VAL G 138 36.89 7.13 2.36
CA VAL G 138 36.55 7.55 3.71
C VAL G 138 36.86 9.00 3.98
N PHE G 139 37.40 9.74 3.00
CA PHE G 139 37.86 11.10 3.26
C PHE G 139 36.69 12.06 3.47
N HIS G 140 35.57 11.82 2.79
CA HIS G 140 34.41 12.70 2.97
C HIS G 140 33.87 12.60 4.39
N ARG G 141 33.85 11.39 4.96
CA ARG G 141 33.42 11.24 6.34
C ARG G 141 34.39 11.93 7.30
N LYS G 142 35.68 11.95 6.97
CA LYS G 142 36.67 12.53 7.87
C LYS G 142 36.55 14.05 7.95
N LYS G 143 36.32 14.69 6.81
CA LYS G 143 36.30 16.15 6.74
C LYS G 143 34.89 16.71 6.56
N ASN G 144 33.86 15.86 6.65
CA ASN G 144 32.47 16.30 6.54
C ASN G 144 32.21 16.95 5.18
N LEU G 145 32.61 16.24 4.12
CA LEU G 145 32.34 16.65 2.76
C LEU G 145 31.22 15.79 2.17
N GLN G 146 30.70 16.24 1.03
CA GLN G 146 29.72 15.47 0.27
C GLN G 146 30.45 14.72 -0.84
N TYR G 147 30.09 13.44 -1.02
CA TYR G 147 30.71 12.60 -2.02
C TYR G 147 29.67 12.10 -3.02
N TYR G 148 30.12 11.88 -4.26
CA TYR G 148 29.29 11.30 -5.29
C TYR G 148 30.14 10.45 -6.22
N ASP G 149 29.66 9.24 -6.51
CA ASP G 149 30.16 8.50 -7.67
C ASP G 149 29.58 9.11 -8.93
N ILE G 150 30.44 9.49 -9.87
CA ILE G 150 30.00 10.15 -11.09
C ILE G 150 30.66 9.51 -12.29
N SER G 151 30.17 9.87 -13.47
CA SER G 151 30.72 9.41 -14.73
C SER G 151 30.39 10.46 -15.78
N ALA G 152 31.40 11.19 -16.25
CA ALA G 152 31.19 12.15 -17.33
C ALA G 152 30.78 11.48 -18.63
N LYS G 153 30.93 10.16 -18.74
CA LYS G 153 30.57 9.43 -19.94
C LYS G 153 29.12 8.98 -19.91
N SER G 154 28.70 8.30 -18.85
CA SER G 154 27.32 7.85 -18.68
C SER G 154 26.46 8.87 -17.94
N ASN G 155 27.00 10.05 -17.63
CA ASN G 155 26.27 11.12 -16.96
C ASN G 155 25.72 10.70 -15.60
N TYR G 156 26.22 9.60 -15.04
CA TYR G 156 25.76 9.14 -13.74
C TYR G 156 26.05 10.20 -12.68
N ASN G 157 25.00 10.70 -12.03
CA ASN G 157 25.11 11.66 -10.93
C ASN G 157 25.90 12.91 -11.30
N PHE G 158 26.08 13.19 -12.60
CA PHE G 158 26.99 14.26 -12.99
C PHE G 158 26.42 15.66 -12.74
N GLU G 159 25.17 15.77 -12.30
CA GLU G 159 24.58 17.05 -11.93
C GLU G 159 24.48 17.24 -10.42
N LYS G 160 24.61 16.16 -9.64
CA LYS G 160 24.43 16.27 -8.20
C LYS G 160 25.46 17.17 -7.52
N PRO G 161 26.73 17.20 -7.94
CA PRO G 161 27.66 18.14 -7.30
C PRO G 161 27.20 19.59 -7.37
N PHE G 162 26.64 20.01 -8.50
CA PHE G 162 26.19 21.39 -8.63
C PHE G 162 24.93 21.64 -7.82
N LEU G 163 24.04 20.65 -7.76
CA LEU G 163 22.81 20.79 -6.99
C LEU G 163 23.14 20.92 -5.50
N TRP G 164 24.00 20.04 -4.98
CA TRP G 164 24.37 20.12 -3.58
C TRP G 164 25.03 21.46 -3.27
N LEU G 165 25.98 21.88 -4.09
CA LEU G 165 26.66 23.14 -3.84
C LEU G 165 25.69 24.32 -3.91
N ALA G 166 24.75 24.29 -4.85
CA ALA G 166 23.78 25.37 -4.95
C ALA G 166 22.94 25.48 -3.70
N ARG G 167 22.54 24.35 -3.13
CA ARG G 167 21.72 24.38 -1.91
C ARG G 167 22.49 24.97 -0.74
N LYS G 168 23.77 24.65 -0.61
CA LYS G 168 24.56 25.23 0.48
C LYS G 168 24.77 26.72 0.26
N LEU G 169 25.18 27.11 -0.95
CA LEU G 169 25.47 28.52 -1.22
C LEU G 169 24.22 29.37 -1.09
N ILE G 170 23.07 28.87 -1.54
CA ILE G 170 21.84 29.65 -1.49
C ILE G 170 21.19 29.57 -0.12
N GLY G 171 21.39 28.47 0.60
CA GLY G 171 20.74 28.28 1.88
C GLY G 171 19.39 27.64 1.83
N ASP G 172 19.01 27.04 0.70
CA ASP G 172 17.74 26.34 0.55
C ASP G 172 18.02 24.85 0.40
N PRO G 173 17.90 24.05 1.47
CA PRO G 173 18.18 22.61 1.34
C PRO G 173 17.30 21.92 0.32
N ASN G 174 16.13 22.47 0.00
CA ASN G 174 15.20 21.85 -0.93
C ASN G 174 15.18 22.55 -2.29
N LEU G 175 16.23 23.29 -2.63
CA LEU G 175 16.33 23.87 -3.96
C LEU G 175 16.26 22.76 -5.01
N GLU G 176 15.58 23.04 -6.11
CA GLU G 176 15.37 22.06 -7.17
C GLU G 176 15.86 22.61 -8.50
N PHE G 177 16.56 21.77 -9.25
CA PHE G 177 16.84 22.07 -10.66
C PHE G 177 15.58 21.77 -11.47
N VAL G 178 15.14 22.74 -12.25
CA VAL G 178 13.90 22.65 -13.01
C VAL G 178 14.22 22.78 -14.49
N ALA G 179 13.23 22.45 -15.32
CA ALA G 179 13.40 22.50 -16.76
C ALA G 179 13.76 23.91 -17.21
N MET G 180 14.75 24.00 -18.10
CA MET G 180 15.15 25.29 -18.62
C MET G 180 14.00 25.91 -19.41
N PRO G 181 13.59 27.13 -19.10
CA PRO G 181 12.50 27.75 -19.86
C PRO G 181 12.79 27.78 -21.35
N ALA G 182 11.86 27.22 -22.12
CA ALA G 182 11.99 27.15 -23.58
C ALA G 182 11.52 28.46 -24.18
N LEU G 183 12.45 29.39 -24.34
CA LEU G 183 12.12 30.68 -24.93
C LEU G 183 11.81 30.53 -26.41
N ALA G 184 11.02 31.46 -26.94
CA ALA G 184 10.64 31.40 -28.35
C ALA G 184 11.89 31.55 -29.22
N PRO G 185 12.12 30.66 -30.17
CA PRO G 185 13.32 30.76 -31.00
C PRO G 185 13.17 31.88 -32.02
N PRO G 186 14.24 32.23 -32.73
CA PRO G 186 14.16 33.32 -33.71
C PRO G 186 13.29 32.95 -34.90
N GLU G 187 12.78 33.99 -35.55
CA GLU G 187 12.03 33.80 -36.79
C GLU G 187 12.98 33.44 -37.93
N VAL G 188 12.51 32.59 -38.82
CA VAL G 188 13.32 32.10 -39.94
C VAL G 188 13.07 32.98 -41.15
N VAL G 189 14.13 33.59 -41.67
CA VAL G 189 14.09 34.42 -42.86
C VAL G 189 15.15 33.90 -43.83
N MET G 190 14.77 33.79 -45.10
CA MET G 190 15.61 33.13 -46.10
C MET G 190 16.16 34.15 -47.09
N ASP G 191 17.49 34.12 -47.27
CA ASP G 191 18.18 34.93 -48.28
C ASP G 191 18.98 33.98 -49.15
N PRO G 192 18.77 33.95 -50.47
CA PRO G 192 19.47 32.93 -51.28
C PRO G 192 20.99 32.91 -51.07
N ALA G 193 21.61 34.08 -50.90
CA ALA G 193 23.05 34.11 -50.62
C ALA G 193 23.36 33.44 -49.29
N LEU G 194 22.48 33.60 -48.30
CA LEU G 194 22.66 32.93 -47.02
C LEU G 194 22.37 31.43 -47.12
N ALA G 195 21.53 31.03 -48.08
CA ALA G 195 21.13 29.63 -48.17
C ALA G 195 22.27 28.77 -48.73
N ALA G 196 22.97 29.26 -49.75
CA ALA G 196 23.96 28.44 -50.44
C ALA G 196 25.16 28.13 -49.54
N GLN G 197 25.60 29.10 -48.75
CA GLN G 197 26.78 28.90 -47.90
C GLN G 197 26.58 27.70 -46.97
N TYR G 198 25.39 27.57 -46.38
CA TYR G 198 25.12 26.45 -45.51
C TYR G 198 24.89 25.16 -46.30
N GLU G 199 24.63 25.26 -47.60
CA GLU G 199 24.56 24.06 -48.43
C GLU G 199 25.90 23.34 -48.47
N HIS G 200 27.00 24.09 -48.42
CA HIS G 200 28.32 23.48 -48.36
C HIS G 200 28.55 22.78 -47.03
N ASP G 201 28.25 23.48 -45.92
CA ASP G 201 28.44 22.88 -44.61
C ASP G 201 27.53 21.67 -44.41
N LEU G 202 26.33 21.71 -44.99
CA LEU G 202 25.37 20.62 -44.80
C LEU G 202 25.71 19.40 -45.65
N GLU G 203 26.51 19.56 -46.71
CA GLU G 203 26.88 18.41 -47.53
C GLU G 203 27.95 17.56 -46.84
N VAL G 204 28.99 18.20 -46.31
CA VAL G 204 30.01 17.45 -45.58
C VAL G 204 29.41 16.85 -44.32
N ALA G 205 28.47 17.54 -43.69
CA ALA G 205 27.80 16.99 -42.51
C ALA G 205 26.99 15.76 -42.86
N GLN G 206 26.34 15.77 -44.03
CA GLN G 206 25.58 14.60 -44.46
C GLN G 206 26.49 13.45 -44.87
N THR G 207 27.68 13.75 -45.40
CA THR G 207 28.60 12.71 -45.82
C THR G 207 29.28 12.07 -44.63
N THR G 208 29.78 12.88 -43.70
CA THR G 208 30.46 12.36 -42.51
C THR G 208 29.48 11.59 -41.66
N ALA G 209 29.73 10.29 -41.47
CA ALA G 209 28.81 9.44 -40.75
C ALA G 209 28.86 9.74 -39.24
N LEU G 210 27.72 9.52 -38.58
CA LEU G 210 27.64 9.73 -37.15
C LEU G 210 28.55 8.76 -36.42
N PRO G 211 28.85 9.04 -35.15
CA PRO G 211 29.66 8.09 -34.37
C PRO G 211 29.02 6.72 -34.32
N ASP G 212 29.85 5.71 -34.04
CA ASP G 212 29.35 4.35 -33.93
C ASP G 212 28.35 4.24 -32.78
N GLU G 213 27.49 3.23 -32.84
CA GLU G 213 26.41 3.11 -31.88
C GLU G 213 26.91 2.57 -30.55
N ASP G 214 26.19 2.91 -29.48
CA ASP G 214 26.51 2.50 -28.13
C ASP G 214 25.21 2.15 -27.41
N ASP G 215 25.34 1.67 -26.18
CA ASP G 215 24.18 1.34 -25.37
C ASP G 215 23.58 2.54 -24.66
N ASP G 216 24.10 3.75 -24.89
CA ASP G 216 23.52 4.94 -24.28
C ASP G 216 22.03 5.04 -24.59
N LEU G 217 21.65 4.83 -25.84
CA LEU G 217 20.25 4.91 -26.23
C LEU G 217 19.51 3.64 -25.77
N PHE H 6 27.59 25.53 6.77
CA PHE H 6 27.93 26.64 5.89
C PHE H 6 26.85 27.71 5.93
N GLU H 7 27.27 28.98 5.98
CA GLU H 7 26.31 30.08 5.97
C GLU H 7 26.15 30.64 4.56
N PRO H 8 24.94 31.04 4.15
CA PRO H 8 24.75 31.49 2.77
C PRO H 8 25.66 32.65 2.41
N VAL H 9 25.95 32.75 1.11
CA VAL H 9 26.85 33.78 0.60
C VAL H 9 26.04 34.88 -0.09
N VAL H 10 24.90 34.50 -0.66
CA VAL H 10 24.04 35.43 -1.38
C VAL H 10 22.71 35.51 -0.64
N PRO H 11 22.03 36.66 -0.65
CA PRO H 11 20.65 36.68 -0.13
C PRO H 11 19.79 35.64 -0.84
N LEU H 12 18.73 35.23 -0.15
CA LEU H 12 17.88 34.16 -0.66
C LEU H 12 16.97 34.68 -1.77
N PRO H 13 17.19 34.28 -3.03
CA PRO H 13 16.31 34.75 -4.10
C PRO H 13 14.92 34.15 -3.96
N ASP H 14 13.93 34.95 -4.35
CA ASP H 14 12.55 34.52 -4.25
C ASP H 14 12.26 33.34 -5.18
N LYS H 15 11.32 32.49 -4.76
CA LYS H 15 10.80 31.48 -5.66
C LYS H 15 10.13 32.13 -6.85
N ILE H 16 10.25 31.49 -8.02
CA ILE H 16 9.69 32.01 -9.24
C ILE H 16 8.52 31.14 -9.68
N GLU H 17 7.76 31.63 -10.64
CA GLU H 17 6.71 30.85 -11.29
C GLU H 17 7.39 29.89 -12.27
N VAL H 18 7.46 28.61 -11.92
CA VAL H 18 8.17 27.65 -12.74
C VAL H 18 7.33 27.33 -13.97
N LYS H 19 7.89 27.58 -15.15
CA LYS H 19 7.20 27.32 -16.41
C LYS H 19 8.18 26.72 -17.40
N THR H 20 7.70 25.72 -18.15
CA THR H 20 8.53 25.04 -19.14
C THR H 20 8.69 25.85 -20.43
N GLY H 21 7.80 26.81 -20.68
CA GLY H 21 7.76 27.49 -21.95
C GLY H 21 6.95 26.78 -23.01
N GLU H 22 6.35 25.64 -22.69
CA GLU H 22 5.57 24.84 -23.63
C GLU H 22 4.08 24.86 -23.30
N GLU H 23 3.65 25.69 -22.35
CA GLU H 23 2.26 25.66 -21.90
C GLU H 23 1.31 26.04 -23.04
N ASP H 24 1.70 27.00 -23.87
CA ASP H 24 0.88 27.46 -24.98
C ASP H 24 1.10 26.66 -26.25
N GLU H 25 1.58 25.42 -26.14
CA GLU H 25 1.87 24.59 -27.30
C GLU H 25 1.35 23.18 -27.07
N GLU H 26 1.05 22.50 -28.17
CA GLU H 26 0.60 21.11 -28.14
C GLU H 26 1.62 20.25 -28.87
N GLU H 27 1.76 19.01 -28.40
CA GLU H 27 2.80 18.11 -28.89
C GLU H 27 2.29 17.34 -30.10
N PHE H 28 2.95 17.53 -31.25
CA PHE H 28 2.75 16.64 -32.38
C PHE H 28 3.59 15.37 -32.26
N PHE H 29 4.67 15.40 -31.47
CA PHE H 29 5.61 14.29 -31.41
C PHE H 29 6.45 14.44 -30.15
N CYS H 30 6.73 13.32 -29.50
CA CYS H 30 7.62 13.30 -28.34
C CYS H 30 8.21 11.90 -28.21
N ASN H 31 9.53 11.79 -28.35
CA ASN H 31 10.18 10.51 -28.35
C ASN H 31 11.65 10.68 -27.98
N ARG H 32 12.20 9.66 -27.31
CA ARG H 32 13.60 9.71 -26.92
C ARG H 32 14.49 9.64 -28.16
N ALA H 33 15.64 10.31 -28.08
CA ALA H 33 16.56 10.39 -29.20
C ALA H 33 17.90 10.94 -28.70
N LYS H 34 18.91 10.81 -29.55
CA LYS H 34 20.23 11.37 -29.30
C LYS H 34 20.54 12.41 -30.38
N LEU H 35 20.97 13.58 -29.97
CA LEU H 35 21.24 14.69 -30.87
C LEU H 35 22.75 14.90 -31.01
N PHE H 36 23.15 15.33 -32.21
CA PHE H 36 24.55 15.63 -32.51
C PHE H 36 24.65 17.00 -33.17
N ARG H 37 25.82 17.60 -33.05
CA ARG H 37 26.13 18.86 -33.71
C ARG H 37 27.47 18.73 -34.41
N PHE H 38 27.54 19.26 -35.63
CA PHE H 38 28.73 19.11 -36.46
C PHE H 38 29.70 20.26 -36.18
N ASP H 39 30.94 19.91 -35.87
CA ASP H 39 32.01 20.89 -35.65
C ASP H 39 32.73 21.06 -36.98
N VAL H 40 32.64 22.27 -37.56
CA VAL H 40 33.20 22.49 -38.89
C VAL H 40 34.73 22.53 -38.85
N GLU H 41 35.30 23.07 -37.77
CA GLU H 41 36.75 23.08 -37.64
C GLU H 41 37.31 21.66 -37.67
N SER H 42 36.79 20.78 -36.81
CA SER H 42 37.30 19.43 -36.67
C SER H 42 36.61 18.43 -37.58
N LYS H 43 35.65 18.86 -38.39
CA LYS H 43 34.91 17.99 -39.31
C LYS H 43 34.54 16.67 -38.64
N GLU H 44 33.94 16.76 -37.44
CA GLU H 44 33.53 15.59 -36.69
C GLU H 44 32.22 15.88 -35.99
N TRP H 45 31.34 14.88 -35.90
CA TRP H 45 30.11 15.02 -35.16
C TRP H 45 30.38 14.92 -33.66
N LYS H 46 29.75 15.80 -32.89
CA LYS H 46 29.92 15.85 -31.44
C LYS H 46 28.56 15.66 -30.78
N GLU H 47 28.50 14.77 -29.79
CA GLU H 47 27.26 14.54 -29.08
C GLU H 47 26.74 15.84 -28.49
N ARG H 48 25.44 16.09 -28.66
CA ARG H 48 24.82 17.35 -28.26
C ARG H 48 23.82 17.19 -27.12
N GLY H 49 23.16 16.04 -27.02
CA GLY H 49 22.23 15.78 -25.95
C GLY H 49 21.45 14.50 -26.16
N ILE H 50 20.96 13.90 -25.08
CA ILE H 50 20.14 12.71 -25.14
C ILE H 50 18.89 12.93 -24.31
N GLY H 51 17.73 12.73 -24.92
CA GLY H 51 16.47 12.98 -24.24
C GLY H 51 15.32 13.02 -25.23
N ASN H 52 14.21 13.58 -24.77
CA ASN H 52 13.00 13.65 -25.59
C ASN H 52 13.10 14.82 -26.56
N VAL H 53 12.95 14.54 -27.85
CA VAL H 53 12.78 15.58 -28.87
C VAL H 53 11.29 15.74 -29.10
N LYS H 54 10.84 16.99 -29.26
CA LYS H 54 9.44 17.30 -29.42
C LYS H 54 9.21 18.17 -30.64
N ILE H 55 8.02 18.04 -31.21
CA ILE H 55 7.51 18.96 -32.22
C ILE H 55 6.28 19.63 -31.63
N LEU H 56 6.36 20.95 -31.46
CA LEU H 56 5.36 21.72 -30.72
C LEU H 56 4.72 22.75 -31.62
N ARG H 57 3.39 22.81 -31.60
CA ARG H 57 2.62 23.81 -32.33
C ARG H 57 1.94 24.75 -31.35
N HIS H 58 2.13 26.05 -31.54
CA HIS H 58 1.49 27.04 -30.68
C HIS H 58 -0.02 27.04 -30.92
N LYS H 59 -0.77 27.16 -29.83
CA LYS H 59 -2.22 26.97 -29.91
C LYS H 59 -2.94 28.16 -30.55
N THR H 60 -2.31 29.32 -30.62
CA THR H 60 -2.95 30.49 -31.23
C THR H 60 -2.22 31.00 -32.46
N SER H 61 -0.89 31.00 -32.46
CA SER H 61 -0.14 31.47 -33.62
C SER H 61 0.07 30.40 -34.68
N GLY H 62 -0.07 29.12 -34.31
CA GLY H 62 0.15 28.04 -35.24
C GLY H 62 1.59 27.79 -35.62
N LYS H 63 2.53 28.56 -35.08
CA LYS H 63 3.94 28.32 -35.36
C LYS H 63 4.38 27.00 -34.74
N ILE H 64 5.24 26.28 -35.46
CA ILE H 64 5.70 24.96 -35.05
C ILE H 64 7.22 24.99 -34.91
N ARG H 65 7.72 24.43 -33.82
CA ARG H 65 9.15 24.39 -33.56
C ARG H 65 9.57 22.99 -33.12
N LEU H 66 10.86 22.73 -33.23
CA LEU H 66 11.48 21.54 -32.68
C LEU H 66 12.17 21.91 -31.37
N LEU H 67 11.90 21.15 -30.32
CA LEU H 67 12.45 21.41 -29.00
C LEU H 67 12.95 20.10 -28.40
N MET H 68 14.14 20.14 -27.82
CA MET H 68 14.74 18.95 -27.22
C MET H 68 15.42 19.32 -25.91
N ARG H 69 15.30 18.43 -24.92
CA ARG H 69 15.86 18.65 -23.60
C ARG H 69 16.80 17.51 -23.24
N ARG H 70 17.92 17.86 -22.61
CA ARG H 70 18.83 16.87 -22.08
C ARG H 70 18.26 16.28 -20.79
N GLU H 71 18.47 14.99 -20.58
CA GLU H 71 18.04 14.36 -19.35
C GLU H 71 18.81 14.93 -18.16
N GLN H 72 18.26 14.72 -16.96
CA GLN H 72 18.91 15.10 -15.71
C GLN H 72 19.09 16.61 -15.61
N VAL H 73 19.98 17.18 -16.43
CA VAL H 73 20.16 18.63 -16.38
C VAL H 73 18.93 19.37 -16.90
N LEU H 74 18.11 18.72 -17.72
CA LEU H 74 16.90 19.31 -18.26
C LEU H 74 17.16 20.59 -19.06
N LYS H 75 18.39 20.77 -19.55
CA LYS H 75 18.73 21.93 -20.34
C LYS H 75 18.38 21.68 -21.81
N ILE H 76 18.23 22.76 -22.55
CA ILE H 76 17.82 22.70 -23.95
C ILE H 76 19.04 22.44 -24.81
N CYS H 77 18.93 21.46 -25.71
CA CYS H 77 19.97 21.18 -26.70
C CYS H 77 19.51 21.46 -28.12
N ALA H 78 18.26 21.87 -28.32
CA ALA H 78 17.77 22.23 -29.64
C ALA H 78 16.48 23.02 -29.49
N ASN H 79 16.42 24.19 -30.15
CA ASN H 79 15.21 25.01 -30.12
C ASN H 79 15.24 25.89 -31.37
N HIS H 80 14.44 25.52 -32.37
CA HIS H 80 14.35 26.29 -33.59
C HIS H 80 12.98 26.06 -34.22
N TYR H 81 12.48 27.08 -34.90
CA TYR H 81 11.25 26.93 -35.66
C TYR H 81 11.52 26.11 -36.91
N ILE H 82 10.56 25.25 -37.26
CA ILE H 82 10.67 24.41 -38.44
C ILE H 82 10.29 25.25 -39.66
N SER H 83 11.19 25.32 -40.63
CA SER H 83 10.99 26.09 -41.84
C SER H 83 10.79 25.18 -43.04
N PRO H 84 10.18 25.68 -44.12
CA PRO H 84 10.00 24.84 -45.31
C PRO H 84 11.31 24.54 -46.05
N ASP H 85 12.39 25.24 -45.74
CA ASP H 85 13.67 24.96 -46.37
C ASP H 85 14.39 23.77 -45.76
N MET H 86 14.07 23.40 -44.52
CA MET H 86 14.70 22.25 -43.89
C MET H 86 14.31 20.97 -44.61
N LYS H 87 15.26 20.05 -44.71
CA LYS H 87 15.03 18.75 -45.34
C LYS H 87 15.75 17.68 -44.53
N LEU H 88 14.98 16.86 -43.82
CA LEU H 88 15.57 15.73 -43.11
C LEU H 88 16.25 14.81 -44.11
N THR H 89 17.56 14.64 -43.96
CA THR H 89 18.35 13.84 -44.87
C THR H 89 19.02 12.70 -44.12
N PRO H 90 18.85 11.45 -44.55
CA PRO H 90 19.53 10.34 -43.86
C PRO H 90 21.03 10.54 -43.82
N ASN H 91 21.65 10.04 -42.75
CA ASN H 91 23.09 10.14 -42.55
C ASN H 91 23.72 8.81 -42.93
N ALA H 92 24.55 8.84 -43.98
CA ALA H 92 25.32 7.67 -44.39
C ALA H 92 24.40 6.47 -44.68
N GLY H 93 23.31 6.74 -45.37
CA GLY H 93 22.37 5.68 -45.69
C GLY H 93 21.71 5.03 -44.50
N SER H 94 21.71 5.70 -43.35
CA SER H 94 21.07 5.15 -42.16
C SER H 94 19.56 5.31 -42.23
N ASP H 95 18.85 4.32 -41.70
CA ASP H 95 17.39 4.35 -41.63
C ASP H 95 16.88 4.83 -40.28
N ARG H 96 17.77 5.21 -39.37
CA ARG H 96 17.40 5.63 -38.03
C ARG H 96 17.81 7.06 -37.70
N SER H 97 18.49 7.76 -38.62
CA SER H 97 19.06 9.06 -38.30
C SER H 97 18.84 10.01 -39.47
N PHE H 98 18.87 11.31 -39.16
CA PHE H 98 18.68 12.35 -40.14
C PHE H 98 19.65 13.50 -39.87
N VAL H 99 19.86 14.31 -40.90
CA VAL H 99 20.68 15.52 -40.80
C VAL H 99 19.89 16.67 -41.40
N TRP H 100 20.07 17.86 -40.84
CA TRP H 100 19.40 19.05 -41.36
C TRP H 100 20.06 20.28 -40.77
N HIS H 101 19.79 21.42 -41.39
CA HIS H 101 20.35 22.70 -40.97
C HIS H 101 19.27 23.52 -40.27
N ALA H 102 19.67 24.28 -39.26
CA ALA H 102 18.73 25.07 -38.49
C ALA H 102 19.46 26.21 -37.80
N LEU H 103 18.74 27.32 -37.61
CA LEU H 103 19.21 28.44 -36.81
C LEU H 103 18.73 28.21 -35.39
N ASP H 104 19.55 27.52 -34.60
CA ASP H 104 19.12 27.02 -33.31
C ASP H 104 19.22 28.11 -32.24
N TYR H 105 18.54 27.87 -31.11
CA TYR H 105 18.48 28.80 -30.00
C TYR H 105 18.64 28.07 -28.67
N ALA H 106 19.29 26.90 -28.69
CA ALA H 106 19.43 26.12 -27.46
C ALA H 106 20.20 26.89 -26.40
N ASP H 107 21.28 27.57 -26.79
CA ASP H 107 22.06 28.39 -25.88
C ASP H 107 21.50 29.81 -25.78
N GLU H 108 20.25 30.02 -26.19
CA GLU H 108 19.62 31.33 -26.17
C GLU H 108 20.42 32.36 -26.95
N LEU H 109 21.19 31.89 -27.94
CA LEU H 109 21.87 32.75 -28.90
C LEU H 109 21.65 32.10 -30.26
N PRO H 110 21.29 32.87 -31.30
CA PRO H 110 21.07 32.28 -32.62
C PRO H 110 22.38 31.76 -33.21
N LYS H 111 22.42 30.46 -33.46
CA LYS H 111 23.60 29.80 -34.01
C LYS H 111 23.20 28.95 -35.20
N PRO H 112 23.76 29.19 -36.39
CA PRO H 112 23.52 28.28 -37.51
C PRO H 112 24.29 26.98 -37.29
N GLU H 113 23.56 25.85 -37.31
CA GLU H 113 24.12 24.57 -36.92
C GLU H 113 23.66 23.47 -37.84
N GLN H 114 24.57 22.54 -38.14
CA GLN H 114 24.24 21.31 -38.85
C GLN H 114 23.98 20.24 -37.79
N LEU H 115 22.72 19.88 -37.61
CA LEU H 115 22.32 18.96 -36.55
C LEU H 115 22.02 17.59 -37.11
N ALA H 116 22.15 16.58 -36.24
CA ALA H 116 21.81 15.21 -36.57
C ALA H 116 21.10 14.58 -35.38
N ILE H 117 20.08 13.79 -35.66
CA ILE H 117 19.28 13.13 -34.62
C ILE H 117 19.15 11.66 -35.00
N ARG H 118 19.33 10.79 -34.00
CA ARG H 118 19.26 9.35 -34.21
C ARG H 118 18.26 8.74 -33.23
N PHE H 119 17.57 7.71 -33.70
CA PHE H 119 16.59 6.98 -32.90
C PHE H 119 17.02 5.53 -32.77
N LYS H 120 16.43 4.86 -31.76
CA LYS H 120 16.78 3.47 -31.50
C LYS H 120 16.31 2.54 -32.60
N THR H 121 15.18 2.82 -33.21
CA THR H 121 14.57 1.95 -34.21
C THR H 121 14.27 2.75 -35.47
N PRO H 122 14.10 2.06 -36.61
CA PRO H 122 13.66 2.77 -37.81
C PRO H 122 12.22 3.25 -37.71
N GLU H 123 11.38 2.55 -36.96
CA GLU H 123 9.99 2.97 -36.81
C GLU H 123 9.89 4.29 -36.07
N GLU H 124 10.73 4.50 -35.05
CA GLU H 124 10.75 5.78 -34.34
C GLU H 124 11.20 6.89 -35.27
N ALA H 125 12.28 6.67 -36.02
CA ALA H 125 12.77 7.69 -36.94
C ALA H 125 11.70 8.04 -37.97
N ALA H 126 11.02 7.02 -38.51
CA ALA H 126 10.01 7.27 -39.54
C ALA H 126 8.87 8.11 -39.01
N LEU H 127 8.45 7.87 -37.76
CA LEU H 127 7.40 8.69 -37.19
C LEU H 127 7.85 10.13 -36.99
N PHE H 128 9.12 10.32 -36.60
CA PHE H 128 9.66 11.66 -36.48
C PHE H 128 9.67 12.38 -37.82
N LYS H 129 10.11 11.69 -38.87
CA LYS H 129 10.09 12.28 -40.21
C LYS H 129 8.66 12.63 -40.62
N CYS H 130 7.72 11.70 -40.41
CA CYS H 130 6.33 11.94 -40.75
C CYS H 130 5.82 13.21 -40.09
N LYS H 131 6.02 13.35 -38.79
CA LYS H 131 5.49 14.50 -38.07
C LYS H 131 6.29 15.77 -38.38
N PHE H 132 7.60 15.63 -38.58
CA PHE H 132 8.40 16.79 -38.98
C PHE H 132 7.91 17.34 -40.31
N GLU H 133 7.59 16.47 -41.26
CA GLU H 133 7.12 16.93 -42.56
C GLU H 133 5.66 17.34 -42.54
N GLU H 134 4.83 16.69 -41.70
CA GLU H 134 3.48 17.19 -41.49
C GLU H 134 3.50 18.64 -41.04
N ALA H 135 4.42 18.98 -40.12
CA ALA H 135 4.56 20.36 -39.70
C ALA H 135 4.93 21.26 -40.87
N GLN H 136 5.87 20.81 -41.71
CA GLN H 136 6.28 21.61 -42.85
C GLN H 136 5.14 21.88 -43.83
N SER H 137 4.06 21.09 -43.76
CA SER H 137 2.92 21.29 -44.65
C SER H 137 1.91 22.30 -44.11
N ILE H 138 1.90 22.54 -42.80
CA ILE H 138 0.92 23.45 -42.20
C ILE H 138 1.64 24.57 -41.45
N LEU H 139 2.85 24.90 -41.90
CA LEU H 139 3.61 25.96 -41.23
C LEU H 139 2.90 27.30 -41.35
N LYS H 140 2.99 28.10 -40.30
CA LYS H 140 2.40 29.43 -40.28
C LYS H 140 3.40 30.45 -39.73
PG GNP I . 4.86 -16.44 14.62
O1G GNP I . 5.72 -15.34 15.20
O2G GNP I . 5.19 -17.73 15.34
O3G GNP I . 5.23 -16.61 13.18
N3B GNP I . 3.28 -16.10 14.82
PB GNP I . 2.03 -17.09 14.49
O1B GNP I . 1.53 -16.97 13.08
O2B GNP I . 2.35 -18.47 15.01
O3A GNP I . 0.82 -16.54 15.37
PA GNP I . 0.16 -17.15 16.69
O1A GNP I . 1.13 -17.04 17.82
O2A GNP I . -0.37 -18.50 16.36
O5' GNP I . -1.09 -16.17 16.93
C5' GNP I . -0.90 -14.75 17.16
C4' GNP I . -2.12 -14.18 17.83
O4' GNP I . -3.25 -14.29 16.93
C3' GNP I . -2.56 -14.86 19.15
O3' GNP I . -2.93 -13.93 20.15
C2' GNP I . -3.77 -15.70 18.73
O2' GNP I . -4.73 -15.86 19.76
C1' GNP I . -4.35 -14.86 17.60
N9 GNP I . -5.13 -15.63 16.64
C8 GNP I . -4.69 -16.72 15.92
N7 GNP I . -5.61 -17.22 15.13
C5 GNP I . -6.71 -16.41 15.34
C6 GNP I . -8.01 -16.47 14.76
O6 GNP I . -8.44 -17.27 13.93
N1 GNP I . -8.83 -15.45 15.25
C2 GNP I . -8.46 -14.51 16.19
N2 GNP I . -9.39 -13.62 16.54
N3 GNP I . -7.25 -14.46 16.73
C4 GNP I . -6.43 -15.43 16.27
HNB3 GNP I . 3.08 -15.32 15.12
H5'2 GNP I . -0.76 -14.30 16.31
H5'1 GNP I . -0.12 -14.62 17.73
H4' GNP I . -1.98 -13.25 18.03
H3' GNP I . -1.85 -15.44 19.47
H2' GNP I . -3.48 -16.56 18.39
HO2' GNP I . -4.99 -16.66 19.78
H1' GNP I . -4.90 -14.15 17.97
H8 GNP I . -3.83 -17.07 15.99
HN1 GNP I . -9.63 -15.41 14.96
HN21 GNP I . -10.18 -13.66 16.20
HN22 GNP I . -9.19 -13.00 17.11
MG MG J . 4.04 -19.37 15.77
PG GNP K . -0.90 -10.17 31.59
O1G GNP K . -0.65 -11.61 31.25
O2G GNP K . 0.43 -9.46 31.68
O3G GNP K . -1.54 -10.11 32.95
N3B GNP K . -1.82 -9.46 30.44
PB GNP K . -2.38 -7.92 30.45
O1B GNP K . -3.62 -7.75 31.27
O2B GNP K . -1.25 -6.96 30.69
O3A GNP K . -2.86 -7.68 28.94
PA GNP K . -2.06 -7.08 27.68
O1A GNP K . -0.96 -8.03 27.31
O2A GNP K . -1.67 -5.68 28.01
O5' GNP K . -3.19 -7.04 26.55
C5' GNP K . -3.98 -8.21 26.24
C4' GNP K . -4.66 -8.05 24.90
O4' GNP K . -5.76 -7.11 25.05
C3' GNP K . -3.79 -7.52 23.75
O3' GNP K . -4.13 -8.12 22.50
C2' GNP K . -4.16 -6.03 23.74
O2' GNP K . -3.98 -5.42 22.48
C1' GNP K . -5.64 -6.10 24.08
N9 GNP K . -6.17 -4.86 24.63
C8 GNP K . -5.67 -4.16 25.70
N7 GNP K . -6.35 -3.08 25.98
C5 GNP K . -7.36 -3.06 25.03
C6 GNP K . -8.41 -2.13 24.83
O6 GNP K . -8.65 -1.10 25.47
N1 GNP K . -9.22 -2.49 23.74
C2 GNP K . -9.04 -3.60 22.96
N2 GNP K . -9.91 -3.78 21.97
N3 GNP K . -8.05 -4.49 23.15
C4 GNP K . -7.26 -4.15 24.19
HNB3 GNP K . -2.04 -9.95 29.77
H5'2 GNP K . -4.64 -8.34 26.93
H5'1 GNP K . -3.39 -8.99 26.22
H4' GNP K . -5.02 -8.91 24.63
H3' GNP K . -2.86 -7.64 23.94
H2' GNP K . -3.68 -5.55 24.42
HO2' GNP K . -3.60 -4.66 22.57
H1' GNP K . -6.15 -6.34 23.28
H8 GNP K . -4.92 -4.43 26.19
HN1 GNP K . -9.88 -1.98 23.56
HN21 GNP K . -10.57 -3.23 21.86
HN22 GNP K . -9.82 -4.45 21.43
MG MG L . 0.94 -7.51 31.16
PG GNP M . -37.05 2.85 -29.13
O1G GNP M . -38.07 2.37 -30.14
O2G GNP M . -36.45 1.64 -28.46
O3G GNP M . -37.76 3.63 -28.06
N3B GNP M . -35.90 3.73 -29.86
PB GNP M . -34.52 4.29 -29.18
O1B GNP M . -34.65 5.65 -28.56
O2B GNP M . -33.88 3.18 -28.39
O3A GNP M . -33.54 4.58 -30.42
PA GNP M . -32.26 3.77 -30.92
O1A GNP M . -32.71 2.51 -31.56
O2A GNP M . -31.31 3.67 -29.78
O5' GNP M . -31.65 4.78 -32.00
C5' GNP M . -32.41 5.18 -33.16
C4' GNP M . -31.47 5.49 -34.31
O4' GNP M . -30.80 6.74 -34.02
C3' GNP M . -30.38 4.45 -34.59
O3' GNP M . -30.29 4.15 -35.98
C2' GNP M . -29.09 5.13 -34.11
O2' GNP M . -27.95 4.83 -34.88
C1' GNP M . -29.42 6.62 -34.28
N9 GNP M . -28.71 7.49 -33.34
C8 GNP M . -28.68 7.35 -31.97
N7 GNP M . -27.96 8.28 -31.37
C5 GNP M . -27.49 9.06 -32.42
C6 GNP M . -26.67 10.22 -32.38
O6 GNP M . -26.17 10.79 -31.40
N1 GNP M . -26.43 10.71 -33.67
C2 GNP M . -26.92 10.18 -34.83
N2 GNP M . -26.58 10.80 -35.96
N3 GNP M . -27.70 9.09 -34.87
C4 GNP M . -27.95 8.59 -33.63
HNB3 GNP M . -36.02 3.93 -30.69
H5'2 GNP M . -32.94 5.95 -32.95
H5'1 GNP M . -33.01 4.45 -33.43
H4' GNP M . -32.00 5.60 -35.11
H3' GNP M . -30.53 3.65 -34.08
H2' GNP M . -28.96 4.93 -33.17
HO2' GNP M . -27.35 4.50 -34.38
H1' GNP M . -29.22 6.87 -35.19
H8 GNP M . -29.13 6.67 -31.51
HN1 GNP M . -25.94 11.42 -33.73
HN21 GNP M . -26.08 11.50 -35.94
HN22 GNP M . -26.87 10.50 -36.72
MG MG N . -34.45 1.38 -27.68
PG GNP O . 44.29 17.77 -16.71
O1G GNP O . 43.78 18.99 -17.42
O2G GNP O . 44.32 18.03 -15.23
O3G GNP O . 45.69 17.52 -17.18
N3B GNP O . 43.31 16.50 -17.02
PB GNP O . 41.70 16.42 -16.74
O1B GNP O . 41.35 16.00 -15.34
O2B GNP O . 41.05 17.65 -17.29
O3A GNP O . 41.20 15.18 -17.61
PA GNP O . 40.43 15.16 -19.01
O1A GNP O . 39.15 15.90 -18.88
O2A GNP O . 41.40 15.61 -20.07
O5' GNP O . 40.12 13.59 -19.17
C5' GNP O . 41.21 12.64 -19.32
C4' GNP O . 40.70 11.44 -20.10
O4' GNP O . 39.71 10.75 -19.30
C3' GNP O . 40.03 11.74 -21.45
O3' GNP O . 40.48 10.87 -22.47
C2' GNP O . 38.54 11.53 -21.16
O2' GNP O . 37.81 11.03 -22.26
C1' GNP O . 38.58 10.47 -20.08
N9 GNP O . 37.41 10.49 -19.21
C8 GNP O . 36.94 11.57 -18.50
N7 GNP O . 35.87 11.29 -17.79
C5 GNP O . 35.62 9.95 -18.06
C6 GNP O . 34.59 9.11 -17.57
O6 GNP O . 33.67 9.39 -16.78
N1 GNP O . 34.71 7.82 -18.08
C2 GNP O . 35.67 7.39 -18.95
N2 GNP O . 35.61 6.11 -19.33
N3 GNP O . 36.65 8.19 -19.41
C4 GNP O . 36.56 9.44 -18.93
HNB3 GNP O . 43.67 15.80 -17.37
H5'2 GNP O . 41.50 12.35 -18.45
H5'1 GNP O . 41.94 13.05 -19.80
H4' GNP O . 41.44 10.83 -20.26
H3' GNP O . 40.18 12.67 -21.71
H2' GNP O . 38.17 12.36 -20.83
HO2' GNP O . 37.11 11.51 -22.38
H1' GNP O . 38.67 9.59 -20.49
H8 GNP O . 37.35 12.40 -18.52
HN1 GNP O . 34.11 7.24 -17.84
HN21 GNP O . 34.99 5.60 -19.03
HN22 GNP O . 36.18 5.80 -19.90
MG MG P . 41.77 19.48 -18.00
#